data_2N9V
#
_entry.id   2N9V
#
_entity_poly.entity_id   1
_entity_poly.type   'polypeptide(L)'
_entity_poly.pdbx_seq_one_letter_code
;MGVWTPEVLKARASVIGKPIGESYKRILAKLQRIHNSNILDERQGLMHELMELIDLYEESQPSSERLNAFRELRTQLEKA
LGLEHHHHHH
;
_entity_poly.pdbx_strand_id   A
#
# COMPACT_ATOMS: atom_id res chain seq x y z
N MET A 1 -8.90 8.46 0.70
CA MET A 1 -9.73 7.41 0.04
C MET A 1 -9.01 6.86 -1.18
N GLY A 2 -9.43 5.68 -1.62
CA GLY A 2 -8.81 5.05 -2.79
C GLY A 2 -7.55 4.32 -2.39
N VAL A 3 -7.20 4.36 -1.11
CA VAL A 3 -6.00 3.68 -0.61
C VAL A 3 -6.39 2.43 0.18
N TRP A 4 -6.92 1.44 -0.51
CA TRP A 4 -7.34 0.19 0.12
C TRP A 4 -6.67 -1.00 -0.57
N THR A 5 -6.08 -1.87 0.25
CA THR A 5 -5.42 -3.07 -0.26
C THR A 5 -5.07 -4.01 0.89
N PRO A 6 -5.98 -4.19 1.81
CA PRO A 6 -5.77 -5.08 2.99
C PRO A 6 -5.63 -6.54 2.57
N GLU A 7 -5.39 -7.40 3.55
CA GLU A 7 -5.23 -8.82 3.29
C GLU A 7 -6.38 -9.34 2.43
N VAL A 8 -7.44 -8.54 2.34
CA VAL A 8 -8.61 -8.94 1.57
C VAL A 8 -8.20 -9.25 0.13
N LEU A 9 -7.43 -8.35 -0.46
CA LEU A 9 -6.98 -8.57 -1.83
C LEU A 9 -6.10 -9.81 -1.90
N LYS A 10 -5.20 -9.95 -0.93
CA LYS A 10 -4.32 -11.10 -0.88
C LYS A 10 -5.13 -12.38 -0.67
N ALA A 11 -6.17 -12.28 0.13
CA ALA A 11 -7.02 -13.42 0.40
C ALA A 11 -7.73 -13.86 -0.87
N ARG A 12 -8.16 -12.90 -1.67
CA ARG A 12 -8.84 -13.18 -2.93
C ARG A 12 -7.87 -13.80 -3.92
N ALA A 13 -6.70 -13.19 -4.03
CA ALA A 13 -5.68 -13.69 -4.95
C ALA A 13 -5.12 -15.01 -4.42
N SER A 14 -4.92 -15.07 -3.11
CA SER A 14 -4.40 -16.27 -2.47
C SER A 14 -5.53 -17.23 -2.13
N VAL A 15 -6.76 -16.80 -2.38
CA VAL A 15 -7.93 -17.62 -2.10
C VAL A 15 -8.00 -17.96 -0.62
N ILE A 16 -7.14 -18.88 -0.19
CA ILE A 16 -7.11 -19.30 1.21
C ILE A 16 -6.08 -18.49 2.00
N GLY A 17 -6.45 -18.09 3.21
CA GLY A 17 -5.55 -17.30 4.05
C GLY A 17 -4.24 -18.03 4.27
N LYS A 18 -3.14 -17.29 4.21
CA LYS A 18 -1.82 -17.89 4.42
C LYS A 18 -0.75 -16.79 4.46
N PRO A 19 -0.89 -15.84 5.35
CA PRO A 19 0.07 -14.72 5.48
C PRO A 19 1.46 -15.19 5.91
N ILE A 20 2.49 -14.64 5.29
CA ILE A 20 3.87 -15.00 5.62
C ILE A 20 4.39 -14.14 6.75
N GLY A 21 5.02 -14.77 7.74
CA GLY A 21 5.56 -14.03 8.87
C GLY A 21 6.96 -13.51 8.55
N GLU A 22 7.06 -12.19 8.37
CA GLU A 22 8.33 -11.56 8.05
C GLU A 22 8.14 -10.08 7.72
N SER A 23 9.23 -9.43 7.34
CA SER A 23 9.18 -8.02 6.98
C SER A 23 8.29 -7.81 5.76
N TYR A 24 8.37 -8.74 4.81
CA TYR A 24 7.57 -8.64 3.59
C TYR A 24 6.10 -8.42 3.95
N LYS A 25 5.73 -8.80 5.16
CA LYS A 25 4.35 -8.64 5.61
C LYS A 25 4.15 -7.26 6.24
N ARG A 26 5.27 -6.61 6.58
CA ARG A 26 5.21 -5.29 7.18
C ARG A 26 4.58 -4.30 6.23
N ILE A 27 4.97 -4.37 4.96
CA ILE A 27 4.43 -3.47 3.96
C ILE A 27 2.92 -3.66 3.84
N LEU A 28 2.49 -4.92 3.89
CA LEU A 28 1.09 -5.25 3.80
C LEU A 28 0.35 -4.77 5.04
N ALA A 29 1.00 -4.85 6.19
CA ALA A 29 0.39 -4.43 7.44
C ALA A 29 0.22 -2.91 7.47
N LYS A 30 1.20 -2.20 6.94
CA LYS A 30 1.15 -0.74 6.92
C LYS A 30 -0.21 -0.27 6.44
N LEU A 31 -0.90 -1.11 5.70
CA LEU A 31 -2.21 -0.76 5.18
C LEU A 31 -3.18 -0.48 6.32
N GLN A 32 -3.07 -1.27 7.37
CA GLN A 32 -3.94 -1.10 8.52
C GLN A 32 -3.74 0.28 9.12
N ARG A 33 -2.49 0.68 9.29
CA ARG A 33 -2.19 1.99 9.86
C ARG A 33 -2.59 3.09 8.89
N ILE A 34 -2.28 2.88 7.61
CA ILE A 34 -2.62 3.86 6.59
C ILE A 34 -4.13 4.03 6.49
N HIS A 35 -4.84 2.90 6.54
CA HIS A 35 -6.30 2.94 6.46
C HIS A 35 -6.86 3.99 7.41
N ASN A 36 -6.65 3.79 8.71
CA ASN A 36 -7.14 4.74 9.70
C ASN A 36 -6.38 6.08 9.60
N SER A 37 -5.08 6.00 9.38
CA SER A 37 -4.24 7.18 9.26
C SER A 37 -4.26 7.71 7.84
N ASN A 38 -5.26 7.30 7.06
CA ASN A 38 -5.37 7.73 5.68
C ASN A 38 -5.17 9.22 5.57
N ILE A 39 -4.48 9.65 4.50
CA ILE A 39 -4.21 11.07 4.28
C ILE A 39 -4.08 11.83 5.60
N LEU A 40 -3.27 11.27 6.50
CA LEU A 40 -3.08 11.89 7.81
C LEU A 40 -1.73 12.62 7.86
N ASP A 41 -1.75 13.84 8.36
CA ASP A 41 -0.54 14.65 8.44
C ASP A 41 0.64 13.79 8.92
N GLU A 42 0.34 12.84 9.80
CA GLU A 42 1.38 11.96 10.31
C GLU A 42 1.78 10.93 9.27
N ARG A 43 0.79 10.39 8.57
CA ARG A 43 1.06 9.39 7.55
C ARG A 43 1.73 10.01 6.33
N GLN A 44 1.56 11.31 6.17
CA GLN A 44 2.15 12.01 5.03
C GLN A 44 3.64 11.70 4.93
N GLY A 45 4.31 11.66 6.08
CA GLY A 45 5.73 11.36 6.10
C GLY A 45 5.99 9.91 5.72
N LEU A 46 5.17 9.01 6.26
CA LEU A 46 5.32 7.61 5.97
C LEU A 46 5.01 7.34 4.50
N MET A 47 4.05 8.07 3.97
CA MET A 47 3.63 7.90 2.59
C MET A 47 4.85 7.91 1.67
N HIS A 48 5.76 8.85 1.90
CA HIS A 48 6.97 8.96 1.09
C HIS A 48 7.81 7.68 1.20
N GLU A 49 8.04 7.24 2.43
CA GLU A 49 8.83 6.03 2.66
C GLU A 49 8.09 4.81 2.11
N LEU A 50 6.78 4.88 2.13
CA LEU A 50 5.98 3.77 1.65
C LEU A 50 6.25 3.51 0.17
N MET A 51 6.27 4.58 -0.60
CA MET A 51 6.50 4.46 -2.03
C MET A 51 7.93 3.96 -2.29
N GLU A 52 8.89 4.52 -1.56
CA GLU A 52 10.28 4.13 -1.72
C GLU A 52 10.50 2.71 -1.21
N LEU A 53 9.85 2.39 -0.09
CA LEU A 53 9.99 1.07 0.50
C LEU A 53 9.49 0.00 -0.47
N ILE A 54 8.37 0.26 -1.12
CA ILE A 54 7.80 -0.69 -2.06
C ILE A 54 8.74 -0.92 -3.23
N ASP A 55 9.34 0.17 -3.71
CA ASP A 55 10.25 0.09 -4.84
C ASP A 55 11.41 -0.84 -4.52
N LEU A 56 11.78 -0.91 -3.25
CA LEU A 56 12.88 -1.77 -2.82
C LEU A 56 12.38 -3.18 -2.56
N TYR A 57 11.11 -3.31 -2.21
CA TYR A 57 10.53 -4.62 -1.92
C TYR A 57 9.98 -5.26 -3.19
N GLU A 58 9.61 -4.42 -4.16
CA GLU A 58 9.07 -4.93 -5.40
C GLU A 58 10.12 -5.73 -6.17
N GLU A 59 11.36 -5.27 -6.11
CA GLU A 59 12.46 -5.93 -6.79
C GLU A 59 13.11 -6.97 -5.87
N SER A 60 12.79 -6.89 -4.58
CA SER A 60 13.39 -7.80 -3.62
C SER A 60 13.11 -9.26 -3.96
N GLN A 61 11.83 -9.60 -4.03
CA GLN A 61 11.41 -10.98 -4.35
C GLN A 61 10.77 -11.05 -5.73
N PRO A 62 9.90 -10.13 -6.04
CA PRO A 62 9.20 -10.10 -7.35
C PRO A 62 9.86 -9.17 -8.35
N SER A 63 11.08 -9.55 -8.74
CA SER A 63 11.84 -8.80 -9.72
C SER A 63 11.52 -9.30 -11.13
N SER A 64 10.66 -10.31 -11.21
CA SER A 64 10.29 -10.89 -12.50
C SER A 64 9.33 -9.97 -13.25
N GLU A 65 9.44 -8.67 -12.97
CA GLU A 65 8.59 -7.68 -13.63
C GLU A 65 7.17 -7.75 -13.08
N ARG A 66 6.95 -8.63 -12.11
CA ARG A 66 5.64 -8.81 -11.51
C ARG A 66 5.24 -7.58 -10.71
N LEU A 67 6.22 -6.73 -10.40
CA LEU A 67 5.96 -5.53 -9.65
C LEU A 67 4.86 -4.71 -10.32
N ASN A 68 4.64 -4.99 -11.61
CA ASN A 68 3.61 -4.27 -12.37
C ASN A 68 2.27 -4.41 -11.67
N ALA A 69 2.00 -5.59 -11.12
CA ALA A 69 0.75 -5.83 -10.42
C ALA A 69 0.70 -4.98 -9.15
N PHE A 70 1.84 -4.84 -8.50
CA PHE A 70 1.93 -4.05 -7.28
C PHE A 70 1.99 -2.56 -7.61
N ARG A 71 2.32 -2.26 -8.86
CA ARG A 71 2.41 -0.87 -9.29
C ARG A 71 1.08 -0.16 -9.06
N GLU A 72 0.01 -0.93 -9.08
CA GLU A 72 -1.31 -0.37 -8.86
C GLU A 72 -1.40 0.22 -7.46
N LEU A 73 -0.74 -0.44 -6.51
CA LEU A 73 -0.73 0.04 -5.14
C LEU A 73 0.03 1.35 -5.04
N ARG A 74 1.15 1.43 -5.73
CA ARG A 74 1.98 2.62 -5.70
C ARG A 74 1.19 3.82 -6.21
N THR A 75 0.29 3.56 -7.15
CA THR A 75 -0.52 4.62 -7.71
C THR A 75 -1.34 5.28 -6.61
N GLN A 76 -1.91 4.46 -5.74
CA GLN A 76 -2.70 4.98 -4.63
C GLN A 76 -1.85 5.89 -3.76
N LEU A 77 -0.66 5.43 -3.44
CA LEU A 77 0.26 6.21 -2.62
C LEU A 77 0.66 7.47 -3.35
N GLU A 78 0.90 7.35 -4.64
CA GLU A 78 1.28 8.49 -5.44
C GLU A 78 0.15 9.52 -5.45
N LYS A 79 -1.08 9.04 -5.64
CA LYS A 79 -2.23 9.93 -5.66
C LYS A 79 -2.43 10.55 -4.29
N ALA A 80 -2.23 9.75 -3.25
CA ALA A 80 -2.39 10.24 -1.89
C ALA A 80 -1.49 11.43 -1.64
N LEU A 81 -0.30 11.37 -2.22
CA LEU A 81 0.66 12.46 -2.07
C LEU A 81 0.10 13.75 -2.67
N GLY A 82 -0.91 13.60 -3.52
CA GLY A 82 -1.53 14.75 -4.15
C GLY A 82 -2.23 15.62 -3.11
N LEU A 83 -2.60 15.00 -2.00
CA LEU A 83 -3.29 15.72 -0.93
C LEU A 83 -4.47 16.50 -1.46
N GLU A 84 -5.00 16.06 -2.59
CA GLU A 84 -6.15 16.72 -3.20
C GLU A 84 -7.39 16.49 -2.35
N HIS A 85 -8.21 17.53 -2.23
CA HIS A 85 -9.44 17.44 -1.43
C HIS A 85 -10.63 17.09 -2.32
N HIS A 86 -10.79 15.79 -2.60
CA HIS A 86 -11.88 15.32 -3.44
C HIS A 86 -13.09 14.98 -2.58
N HIS A 87 -12.93 15.06 -1.25
CA HIS A 87 -14.01 14.73 -0.34
C HIS A 87 -15.24 15.59 -0.62
N HIS A 88 -15.06 16.92 -0.56
CA HIS A 88 -16.16 17.85 -0.82
C HIS A 88 -17.48 17.31 -0.26
N HIS A 89 -17.76 17.66 1.00
CA HIS A 89 -18.99 17.19 1.65
C HIS A 89 -19.51 18.26 2.63
N HIS A 90 -20.84 18.41 2.69
CA HIS A 90 -21.43 19.40 3.59
C HIS A 90 -21.40 18.90 5.03
N MET A 1 -9.21 -1.15 -8.73
CA MET A 1 -8.21 -0.40 -7.93
C MET A 1 -8.85 0.07 -6.64
N GLY A 2 -8.06 0.09 -5.56
CA GLY A 2 -8.57 0.52 -4.26
C GLY A 2 -7.44 0.56 -3.23
N VAL A 3 -7.40 1.63 -2.45
CA VAL A 3 -6.36 1.78 -1.43
C VAL A 3 -6.51 0.70 -0.36
N TRP A 4 -7.75 0.32 -0.09
CA TRP A 4 -8.04 -0.71 0.90
C TRP A 4 -7.74 -2.10 0.35
N THR A 5 -7.04 -2.90 1.14
CA THR A 5 -6.72 -4.27 0.74
C THR A 5 -6.70 -5.18 1.97
N PRO A 6 -7.74 -5.17 2.77
CA PRO A 6 -7.86 -6.03 3.98
C PRO A 6 -7.48 -7.48 3.67
N GLU A 7 -7.64 -8.35 4.66
CA GLU A 7 -7.32 -9.77 4.48
C GLU A 7 -7.77 -10.25 3.10
N VAL A 8 -8.66 -9.49 2.47
CA VAL A 8 -9.14 -9.83 1.14
C VAL A 8 -7.97 -10.22 0.25
N LEU A 9 -6.88 -9.47 0.34
CA LEU A 9 -5.72 -9.75 -0.48
C LEU A 9 -5.19 -11.15 -0.15
N LYS A 10 -5.09 -11.43 1.14
CA LYS A 10 -4.61 -12.73 1.57
C LYS A 10 -5.56 -13.81 1.11
N ALA A 11 -6.85 -13.49 1.11
CA ALA A 11 -7.86 -14.44 0.68
C ALA A 11 -7.49 -15.01 -0.68
N ARG A 12 -7.16 -14.12 -1.62
CA ARG A 12 -6.76 -14.55 -2.95
C ARG A 12 -5.44 -15.31 -2.90
N ALA A 13 -4.52 -14.78 -2.10
CA ALA A 13 -3.21 -15.41 -1.95
C ALA A 13 -3.32 -16.64 -1.07
N SER A 14 -4.52 -16.91 -0.59
CA SER A 14 -4.75 -18.06 0.27
C SER A 14 -4.54 -19.35 -0.50
N VAL A 15 -4.47 -19.24 -1.81
CA VAL A 15 -4.26 -20.40 -2.67
C VAL A 15 -2.93 -21.08 -2.33
N ILE A 16 -1.97 -20.29 -1.84
CA ILE A 16 -0.66 -20.81 -1.48
C ILE A 16 -0.16 -20.15 -0.20
N GLY A 17 -0.22 -20.89 0.90
CA GLY A 17 0.23 -20.36 2.19
C GLY A 17 1.75 -20.43 2.30
N LYS A 18 2.32 -19.50 3.05
CA LYS A 18 3.77 -19.48 3.22
C LYS A 18 4.15 -18.55 4.37
N PRO A 19 5.26 -18.82 5.03
CA PRO A 19 5.74 -17.97 6.17
C PRO A 19 6.18 -16.59 5.69
N ILE A 20 5.45 -15.56 6.11
CA ILE A 20 5.77 -14.19 5.73
C ILE A 20 6.77 -13.58 6.70
N GLY A 21 7.83 -13.00 6.15
CA GLY A 21 8.87 -12.38 6.98
C GLY A 21 8.32 -11.15 7.68
N GLU A 22 8.89 -10.83 8.83
CA GLU A 22 8.44 -9.67 9.60
C GLU A 22 8.38 -8.44 8.71
N SER A 23 9.40 -8.26 7.88
CA SER A 23 9.44 -7.12 6.96
C SER A 23 8.30 -7.19 5.96
N TYR A 24 8.04 -8.39 5.43
CA TYR A 24 6.97 -8.59 4.47
C TYR A 24 5.62 -8.66 5.17
N LYS A 25 5.64 -8.77 6.49
CA LYS A 25 4.42 -8.83 7.28
C LYS A 25 4.03 -7.43 7.77
N ARG A 26 5.02 -6.59 7.99
CA ARG A 26 4.78 -5.23 8.45
C ARG A 26 4.12 -4.41 7.35
N ILE A 27 4.57 -4.61 6.11
CA ILE A 27 4.03 -3.87 5.00
C ILE A 27 2.53 -4.12 4.87
N LEU A 28 2.15 -5.39 4.88
CA LEU A 28 0.76 -5.76 4.77
C LEU A 28 -0.02 -5.23 5.97
N ALA A 29 0.54 -5.39 7.16
CA ALA A 29 -0.11 -4.93 8.37
C ALA A 29 -0.23 -3.41 8.37
N LYS A 30 0.64 -2.76 7.61
CA LYS A 30 0.63 -1.31 7.52
C LYS A 30 -0.73 -0.82 7.03
N LEU A 31 -1.48 -1.72 6.42
CA LEU A 31 -2.79 -1.37 5.90
C LEU A 31 -3.69 -0.88 7.03
N GLN A 32 -3.56 -1.51 8.20
CA GLN A 32 -4.36 -1.11 9.35
C GLN A 32 -4.20 0.37 9.62
N ARG A 33 -2.97 0.87 9.53
CA ARG A 33 -2.70 2.28 9.75
C ARG A 33 -3.40 3.12 8.68
N ILE A 34 -3.30 2.68 7.44
CA ILE A 34 -3.92 3.41 6.34
C ILE A 34 -5.44 3.37 6.49
N HIS A 35 -5.96 2.20 6.82
CA HIS A 35 -7.41 2.05 6.97
C HIS A 35 -7.97 3.06 7.96
N ASN A 36 -7.33 3.15 9.12
CA ASN A 36 -7.77 4.11 10.15
C ASN A 36 -7.21 5.49 9.88
N SER A 37 -5.91 5.56 9.59
CA SER A 37 -5.24 6.83 9.32
C SER A 37 -5.41 7.22 7.85
N ASN A 38 -6.41 6.63 7.20
CA ASN A 38 -6.66 6.93 5.79
C ASN A 38 -6.60 8.42 5.53
N ILE A 39 -5.70 8.82 4.64
CA ILE A 39 -5.52 10.23 4.30
C ILE A 39 -5.53 11.07 5.56
N LEU A 40 -4.54 10.87 6.41
CA LEU A 40 -4.42 11.62 7.67
C LEU A 40 -3.11 12.38 7.72
N ASP A 41 -3.14 13.56 8.33
CA ASP A 41 -1.95 14.39 8.45
C ASP A 41 -0.74 13.54 8.82
N GLU A 42 -0.95 12.62 9.74
CA GLU A 42 0.14 11.74 10.17
C GLU A 42 0.52 10.76 9.05
N ARG A 43 -0.49 10.26 8.35
CA ARG A 43 -0.27 9.32 7.26
C ARG A 43 0.47 10.03 6.11
N GLN A 44 0.13 11.29 5.86
CA GLN A 44 0.74 12.04 4.77
C GLN A 44 2.24 11.76 4.70
N GLY A 45 2.91 11.81 5.85
CA GLY A 45 4.34 11.54 5.90
C GLY A 45 4.63 10.09 5.55
N LEU A 46 3.75 9.20 6.01
CA LEU A 46 3.92 7.78 5.75
C LEU A 46 3.80 7.49 4.26
N MET A 47 2.90 8.21 3.60
CA MET A 47 2.68 8.00 2.17
C MET A 47 3.96 8.24 1.38
N HIS A 48 4.69 9.28 1.74
CA HIS A 48 5.93 9.60 1.04
C HIS A 48 6.93 8.46 1.17
N GLU A 49 7.11 7.96 2.39
CA GLU A 49 8.06 6.87 2.62
C GLU A 49 7.48 5.53 2.18
N LEU A 50 6.27 5.24 2.63
CA LEU A 50 5.62 3.98 2.28
C LEU A 50 5.63 3.77 0.78
N MET A 51 5.43 4.85 0.03
CA MET A 51 5.42 4.75 -1.42
C MET A 51 6.70 4.11 -1.93
N GLU A 52 7.82 4.49 -1.32
CA GLU A 52 9.12 3.95 -1.73
C GLU A 52 9.20 2.46 -1.38
N LEU A 53 8.70 2.11 -0.20
CA LEU A 53 8.73 0.72 0.24
C LEU A 53 7.79 -0.14 -0.59
N ILE A 54 6.53 0.26 -0.66
CA ILE A 54 5.55 -0.51 -1.43
C ILE A 54 6.10 -0.88 -2.80
N ASP A 55 7.09 -0.13 -3.25
CA ASP A 55 7.68 -0.38 -4.55
C ASP A 55 8.74 -1.47 -4.45
N LEU A 56 9.77 -1.22 -3.65
CA LEU A 56 10.85 -2.17 -3.48
C LEU A 56 10.35 -3.45 -2.83
N TYR A 57 9.51 -3.31 -1.81
CA TYR A 57 8.98 -4.47 -1.10
C TYR A 57 8.18 -5.36 -2.06
N GLU A 58 7.30 -4.74 -2.84
CA GLU A 58 6.49 -5.51 -3.77
C GLU A 58 7.36 -6.10 -4.87
N GLU A 59 8.11 -5.25 -5.56
CA GLU A 59 8.99 -5.67 -6.64
C GLU A 59 9.86 -6.87 -6.21
N SER A 60 9.84 -7.15 -4.92
CA SER A 60 10.61 -8.28 -4.38
C SER A 60 10.32 -9.59 -5.12
N GLN A 61 9.03 -9.91 -5.33
CA GLN A 61 8.64 -11.17 -6.00
C GLN A 61 8.50 -11.02 -7.51
N PRO A 62 7.93 -9.94 -7.97
CA PRO A 62 7.76 -9.68 -9.42
C PRO A 62 8.80 -8.69 -9.94
N SER A 63 9.97 -9.25 -10.26
CA SER A 63 11.08 -8.48 -10.80
C SER A 63 10.94 -8.38 -12.32
N SER A 64 10.03 -9.16 -12.88
CA SER A 64 9.80 -9.18 -14.33
C SER A 64 8.90 -8.02 -14.74
N GLU A 65 8.94 -6.94 -13.96
CA GLU A 65 8.13 -5.75 -14.23
C GLU A 65 6.66 -6.06 -13.99
N ARG A 66 6.39 -7.25 -13.48
CA ARG A 66 5.02 -7.66 -13.19
C ARG A 66 4.44 -6.89 -12.02
N LEU A 67 5.32 -6.29 -11.22
CA LEU A 67 4.88 -5.51 -10.06
C LEU A 67 3.75 -4.58 -10.45
N ASN A 68 3.60 -4.35 -11.75
CA ASN A 68 2.54 -3.46 -12.24
C ASN A 68 1.22 -3.79 -11.54
N ALA A 69 1.04 -5.07 -11.20
CA ALA A 69 -0.17 -5.50 -10.52
C ALA A 69 -0.24 -4.86 -9.13
N PHE A 70 0.91 -4.75 -8.48
CA PHE A 70 0.97 -4.16 -7.13
C PHE A 70 1.09 -2.64 -7.25
N ARG A 71 1.46 -2.17 -8.43
CA ARG A 71 1.60 -0.75 -8.66
C ARG A 71 0.25 -0.06 -8.45
N GLU A 72 -0.82 -0.74 -8.86
CA GLU A 72 -2.16 -0.18 -8.70
C GLU A 72 -2.31 0.39 -7.29
N LEU A 73 -1.88 -0.39 -6.31
CA LEU A 73 -1.93 0.06 -4.93
C LEU A 73 -1.01 1.27 -4.75
N ARG A 74 0.15 1.22 -5.39
CA ARG A 74 1.11 2.31 -5.31
C ARG A 74 0.54 3.57 -5.95
N THR A 75 -0.39 3.36 -6.87
CA THR A 75 -1.04 4.47 -7.55
C THR A 75 -1.77 5.34 -6.53
N GLN A 76 -2.47 4.70 -5.61
CA GLN A 76 -3.21 5.43 -4.58
C GLN A 76 -2.24 6.25 -3.74
N LEU A 77 -1.12 5.64 -3.35
CA LEU A 77 -0.12 6.33 -2.56
C LEU A 77 0.47 7.50 -3.36
N GLU A 78 0.73 7.25 -4.64
CA GLU A 78 1.28 8.28 -5.50
C GLU A 78 0.24 9.36 -5.77
N LYS A 79 -1.00 8.94 -6.00
CA LYS A 79 -2.07 9.88 -6.27
C LYS A 79 -2.38 10.69 -5.01
N ALA A 80 -2.41 9.99 -3.89
CA ALA A 80 -2.68 10.64 -2.62
C ALA A 80 -1.54 11.57 -2.24
N LEU A 81 -0.33 11.21 -2.66
CA LEU A 81 0.85 12.02 -2.37
C LEU A 81 0.68 13.40 -2.97
N GLY A 82 -0.23 13.53 -3.92
CA GLY A 82 -0.46 14.82 -4.55
C GLY A 82 -1.02 15.82 -3.55
N LEU A 83 -1.76 15.31 -2.56
CA LEU A 83 -2.34 16.16 -1.54
C LEU A 83 -3.18 17.27 -2.18
N GLU A 84 -4.00 16.90 -3.15
CA GLU A 84 -4.85 17.87 -3.82
C GLU A 84 -5.86 18.45 -2.85
N HIS A 85 -5.76 19.75 -2.59
CA HIS A 85 -6.67 20.41 -1.66
C HIS A 85 -6.49 21.93 -1.74
N HIS A 86 -7.06 22.53 -2.78
CA HIS A 86 -6.94 23.98 -2.95
C HIS A 86 -8.05 24.71 -2.19
N HIS A 87 -9.02 23.94 -1.68
CA HIS A 87 -10.13 24.52 -0.92
C HIS A 87 -10.59 23.56 0.18
N HIS A 88 -11.36 24.09 1.12
CA HIS A 88 -11.87 23.29 2.23
C HIS A 88 -13.00 22.38 1.76
N HIS A 89 -13.24 21.32 2.53
CA HIS A 89 -14.28 20.35 2.20
C HIS A 89 -15.66 21.00 2.11
N HIS A 90 -15.98 21.89 3.05
CA HIS A 90 -17.28 22.54 3.04
C HIS A 90 -17.52 23.24 1.71
N MET A 1 -14.94 3.89 -0.33
CA MET A 1 -14.39 2.50 -0.16
C MET A 1 -13.04 2.41 -0.83
N GLY A 2 -12.03 1.98 -0.08
CA GLY A 2 -10.68 1.85 -0.62
C GLY A 2 -9.67 1.63 0.49
N VAL A 3 -8.40 1.94 0.21
CA VAL A 3 -7.35 1.77 1.19
C VAL A 3 -7.35 0.35 1.75
N TRP A 4 -8.16 -0.51 1.14
CA TRP A 4 -8.25 -1.90 1.58
C TRP A 4 -7.39 -2.79 0.71
N THR A 5 -6.49 -3.52 1.36
CA THR A 5 -5.59 -4.43 0.67
C THR A 5 -4.86 -5.31 1.69
N PRO A 6 -5.57 -5.84 2.66
CA PRO A 6 -4.98 -6.71 3.72
C PRO A 6 -4.45 -8.02 3.14
N GLU A 7 -3.85 -8.84 3.99
CA GLU A 7 -3.30 -10.13 3.55
C GLU A 7 -4.33 -10.87 2.71
N VAL A 8 -5.59 -10.45 2.82
CA VAL A 8 -6.66 -11.11 2.06
C VAL A 8 -6.28 -11.16 0.59
N LEU A 9 -5.88 -10.02 0.04
CA LEU A 9 -5.48 -9.96 -1.35
C LEU A 9 -4.21 -10.77 -1.56
N LYS A 10 -3.32 -10.71 -0.57
CA LYS A 10 -2.06 -11.43 -0.65
C LYS A 10 -2.31 -12.92 -0.83
N ALA A 11 -3.21 -13.46 -0.01
CA ALA A 11 -3.53 -14.87 -0.09
C ALA A 11 -4.21 -15.18 -1.43
N ARG A 12 -5.09 -14.29 -1.86
CA ARG A 12 -5.78 -14.48 -3.13
C ARG A 12 -4.80 -14.42 -4.29
N ALA A 13 -3.91 -13.44 -4.23
CA ALA A 13 -2.91 -13.28 -5.28
C ALA A 13 -1.96 -14.47 -5.28
N SER A 14 -1.58 -14.90 -4.07
CA SER A 14 -0.68 -16.04 -3.91
C SER A 14 -1.47 -17.33 -3.79
N VAL A 15 -2.79 -17.22 -3.92
CA VAL A 15 -3.68 -18.38 -3.82
C VAL A 15 -3.68 -18.95 -2.40
N ILE A 16 -2.51 -18.96 -1.77
CA ILE A 16 -2.38 -19.50 -0.42
C ILE A 16 -1.43 -18.63 0.40
N GLY A 17 -1.73 -18.50 1.69
CA GLY A 17 -0.90 -17.69 2.57
C GLY A 17 0.57 -18.04 2.40
N LYS A 18 1.39 -17.02 2.18
CA LYS A 18 2.81 -17.21 1.98
C LYS A 18 3.54 -15.87 1.97
N PRO A 19 3.47 -15.13 3.04
CA PRO A 19 4.13 -13.79 3.16
C PRO A 19 5.65 -13.90 3.19
N ILE A 20 6.32 -12.82 2.81
CA ILE A 20 7.78 -12.80 2.81
C ILE A 20 8.32 -13.29 4.15
N GLY A 21 9.41 -14.05 4.09
CA GLY A 21 10.03 -14.57 5.30
C GLY A 21 10.53 -13.44 6.18
N GLU A 22 10.61 -13.70 7.49
CA GLU A 22 11.07 -12.70 8.45
C GLU A 22 9.93 -11.77 8.85
N SER A 23 10.11 -11.06 9.96
CA SER A 23 9.09 -10.14 10.44
C SER A 23 9.00 -8.92 9.52
N TYR A 24 10.02 -8.73 8.70
CA TYR A 24 10.04 -7.59 7.78
C TYR A 24 8.71 -7.47 7.05
N LYS A 25 7.89 -8.50 7.16
CA LYS A 25 6.57 -8.50 6.52
C LYS A 25 5.66 -7.49 7.20
N ARG A 26 6.25 -6.61 8.00
CA ARG A 26 5.48 -5.59 8.71
C ARG A 26 4.82 -4.66 7.73
N ILE A 27 5.54 -4.32 6.67
CA ILE A 27 5.00 -3.43 5.67
C ILE A 27 3.66 -3.94 5.17
N LEU A 28 3.58 -5.25 4.97
CA LEU A 28 2.37 -5.86 4.48
C LEU A 28 1.22 -5.69 5.47
N ALA A 29 1.54 -5.95 6.74
CA ALA A 29 0.55 -5.84 7.81
C ALA A 29 0.37 -4.39 8.23
N LYS A 30 1.36 -3.56 7.88
CA LYS A 30 1.31 -2.15 8.24
C LYS A 30 -0.01 -1.54 7.78
N LEU A 31 -0.62 -2.17 6.78
CA LEU A 31 -1.89 -1.68 6.26
C LEU A 31 -2.93 -1.66 7.36
N GLN A 32 -2.95 -2.71 8.17
CA GLN A 32 -3.91 -2.80 9.25
C GLN A 32 -3.89 -1.52 10.10
N ARG A 33 -2.69 -0.99 10.31
CA ARG A 33 -2.55 0.24 11.08
C ARG A 33 -3.19 1.41 10.34
N ILE A 34 -2.96 1.45 9.03
CA ILE A 34 -3.52 2.52 8.20
C ILE A 34 -5.02 2.31 8.02
N HIS A 35 -5.47 1.07 8.14
CA HIS A 35 -6.88 0.76 7.98
C HIS A 35 -7.71 1.53 9.00
N ASN A 36 -7.23 1.55 10.25
CA ASN A 36 -7.94 2.27 11.31
C ASN A 36 -7.59 3.76 11.28
N SER A 37 -6.32 4.05 11.03
CA SER A 37 -5.85 5.43 10.96
C SER A 37 -5.94 5.96 9.54
N ASN A 38 -6.71 5.27 8.70
CA ASN A 38 -6.86 5.67 7.31
C ASN A 38 -7.10 7.18 7.21
N ILE A 39 -6.22 7.85 6.47
CA ILE A 39 -6.34 9.30 6.29
C ILE A 39 -6.27 10.00 7.64
N LEU A 40 -5.13 9.89 8.31
CA LEU A 40 -4.94 10.53 9.61
C LEU A 40 -3.76 11.49 9.56
N ASP A 41 -3.91 12.64 10.21
CA ASP A 41 -2.86 13.64 10.24
C ASP A 41 -1.54 13.04 10.70
N GLU A 42 -1.61 12.22 11.74
CA GLU A 42 -0.41 11.59 12.27
C GLU A 42 0.11 10.52 11.32
N ARG A 43 -0.79 9.71 10.78
CA ARG A 43 -0.40 8.63 9.88
C ARG A 43 -0.12 9.18 8.48
N GLN A 44 -0.61 10.37 8.20
CA GLN A 44 -0.41 10.98 6.89
C GLN A 44 1.07 10.97 6.53
N GLY A 45 1.92 11.20 7.51
CA GLY A 45 3.36 11.21 7.27
C GLY A 45 3.83 9.83 6.84
N LEU A 46 3.19 8.80 7.38
CA LEU A 46 3.57 7.43 7.05
C LEU A 46 3.31 7.15 5.57
N MET A 47 2.22 7.71 5.06
CA MET A 47 1.86 7.50 3.66
C MET A 47 2.97 8.01 2.75
N HIS A 48 3.56 9.14 3.10
CA HIS A 48 4.63 9.71 2.29
C HIS A 48 5.83 8.77 2.23
N GLU A 49 6.30 8.33 3.39
CA GLU A 49 7.44 7.43 3.45
C GLU A 49 7.05 6.04 2.97
N LEU A 50 5.85 5.61 3.35
CA LEU A 50 5.37 4.30 2.96
C LEU A 50 5.24 4.19 1.45
N MET A 51 4.73 5.24 0.83
CA MET A 51 4.55 5.26 -0.61
C MET A 51 5.83 4.85 -1.32
N GLU A 52 6.95 5.41 -0.88
CA GLU A 52 8.23 5.08 -1.48
C GLU A 52 8.61 3.64 -1.19
N LEU A 53 8.39 3.22 0.05
CA LEU A 53 8.71 1.86 0.46
C LEU A 53 7.87 0.85 -0.30
N ILE A 54 6.59 1.17 -0.47
CA ILE A 54 5.70 0.25 -1.18
C ILE A 54 6.15 0.09 -2.63
N ASP A 55 6.39 1.20 -3.30
CA ASP A 55 6.79 1.17 -4.69
C ASP A 55 8.15 0.49 -4.82
N LEU A 56 8.87 0.42 -3.72
CA LEU A 56 10.19 -0.19 -3.73
C LEU A 56 10.10 -1.72 -3.64
N TYR A 57 9.29 -2.21 -2.70
CA TYR A 57 9.15 -3.65 -2.50
C TYR A 57 8.05 -4.25 -3.37
N GLU A 58 6.82 -3.80 -3.15
CA GLU A 58 5.68 -4.30 -3.91
C GLU A 58 5.98 -4.27 -5.40
N GLU A 59 6.95 -3.48 -5.80
CA GLU A 59 7.32 -3.38 -7.22
C GLU A 59 8.32 -4.46 -7.59
N SER A 60 9.24 -4.77 -6.66
CA SER A 60 10.26 -5.79 -6.90
C SER A 60 9.81 -7.17 -6.40
N GLN A 61 8.77 -7.19 -5.56
CA GLN A 61 8.27 -8.45 -5.01
C GLN A 61 7.58 -9.29 -6.08
N PRO A 62 6.79 -8.68 -6.91
CA PRO A 62 6.05 -9.38 -7.99
C PRO A 62 6.75 -9.22 -9.33
N SER A 63 7.60 -10.19 -9.63
CA SER A 63 8.35 -10.20 -10.87
C SER A 63 7.44 -10.67 -12.02
N SER A 64 6.26 -11.15 -11.68
CA SER A 64 5.32 -11.63 -12.68
C SER A 64 4.63 -10.45 -13.37
N GLU A 65 5.31 -9.30 -13.38
CA GLU A 65 4.76 -8.11 -14.01
C GLU A 65 3.38 -7.78 -13.45
N ARG A 66 3.07 -8.38 -12.30
CA ARG A 66 1.78 -8.17 -11.66
C ARG A 66 1.76 -6.82 -10.94
N LEU A 67 2.94 -6.24 -10.73
CA LEU A 67 3.03 -4.95 -10.06
C LEU A 67 1.96 -4.00 -10.57
N ASN A 68 1.47 -4.26 -11.77
CA ASN A 68 0.43 -3.42 -12.35
C ASN A 68 -0.68 -3.17 -11.34
N ALA A 69 -0.81 -4.08 -10.37
CA ALA A 69 -1.82 -3.95 -9.33
C ALA A 69 -1.30 -3.11 -8.18
N PHE A 70 0.02 -3.13 -7.99
CA PHE A 70 0.63 -2.35 -6.92
C PHE A 70 0.26 -0.87 -7.08
N ARG A 71 0.03 -0.47 -8.32
CA ARG A 71 -0.30 0.92 -8.60
C ARG A 71 -1.60 1.29 -7.93
N GLU A 72 -2.53 0.33 -7.87
CA GLU A 72 -3.82 0.57 -7.24
C GLU A 72 -3.62 0.97 -5.79
N LEU A 73 -2.81 0.22 -5.07
CA LEU A 73 -2.54 0.53 -3.68
C LEU A 73 -1.83 1.87 -3.57
N ARG A 74 -0.87 2.09 -4.45
CA ARG A 74 -0.12 3.34 -4.45
C ARG A 74 -1.04 4.50 -4.76
N THR A 75 -2.14 4.21 -5.43
CA THR A 75 -3.09 5.24 -5.78
C THR A 75 -3.66 5.88 -4.52
N GLN A 76 -4.00 5.03 -3.55
CA GLN A 76 -4.54 5.52 -2.28
C GLN A 76 -3.47 6.32 -1.53
N LEU A 77 -2.27 5.76 -1.45
CA LEU A 77 -1.17 6.44 -0.78
C LEU A 77 -0.84 7.74 -1.50
N GLU A 78 -0.87 7.69 -2.82
CA GLU A 78 -0.58 8.87 -3.62
C GLU A 78 -1.67 9.92 -3.44
N LYS A 79 -2.92 9.52 -3.64
CA LYS A 79 -4.04 10.43 -3.49
C LYS A 79 -4.15 10.89 -2.05
N ALA A 80 -3.95 9.95 -1.13
CA ALA A 80 -4.04 10.27 0.28
C ALA A 80 -2.91 11.24 0.66
N LEU A 81 -1.76 11.07 0.02
CA LEU A 81 -0.63 11.93 0.30
C LEU A 81 -0.94 13.37 -0.07
N GLY A 82 -1.55 13.56 -1.24
CA GLY A 82 -1.88 14.89 -1.72
C GLY A 82 -3.26 15.31 -1.23
N LEU A 83 -4.12 14.32 -1.03
CA LEU A 83 -5.48 14.58 -0.56
C LEU A 83 -6.15 15.64 -1.43
N GLU A 84 -5.48 16.03 -2.51
CA GLU A 84 -6.02 17.04 -3.41
C GLU A 84 -6.74 16.38 -4.56
N HIS A 85 -7.75 17.07 -5.10
CA HIS A 85 -8.52 16.54 -6.20
C HIS A 85 -7.78 16.72 -7.52
N HIS A 86 -8.33 16.16 -8.58
CA HIS A 86 -7.70 16.26 -9.90
C HIS A 86 -7.47 17.73 -10.28
N HIS A 87 -8.07 18.64 -9.51
CA HIS A 87 -7.93 20.07 -9.78
C HIS A 87 -6.45 20.48 -9.72
N HIS A 88 -5.74 20.00 -8.71
CA HIS A 88 -4.33 20.32 -8.55
C HIS A 88 -4.12 21.84 -8.58
N HIS A 89 -2.89 22.26 -8.30
CA HIS A 89 -2.54 23.67 -8.28
C HIS A 89 -2.61 24.27 -9.69
N HIS A 90 -3.11 25.51 -9.79
CA HIS A 90 -3.21 26.17 -11.09
C HIS A 90 -1.82 26.49 -11.63
N MET A 1 -15.64 0.85 -0.85
CA MET A 1 -15.52 1.95 0.16
C MET A 1 -14.08 2.05 0.62
N GLY A 2 -13.48 3.21 0.40
CA GLY A 2 -12.09 3.43 0.81
C GLY A 2 -11.14 2.72 -0.14
N VAL A 3 -9.88 2.57 0.28
CA VAL A 3 -8.86 1.91 -0.54
C VAL A 3 -8.40 0.63 0.13
N TRP A 4 -8.37 -0.46 -0.65
CA TRP A 4 -7.95 -1.75 -0.12
C TRP A 4 -6.43 -1.86 -0.14
N THR A 5 -5.83 -1.75 1.03
CA THR A 5 -4.37 -1.85 1.17
C THR A 5 -3.99 -3.18 1.83
N PRO A 6 -4.72 -3.58 2.85
CA PRO A 6 -4.44 -4.84 3.59
C PRO A 6 -4.42 -6.05 2.66
N GLU A 7 -3.70 -7.10 3.08
CA GLU A 7 -3.60 -8.30 2.28
C GLU A 7 -4.96 -8.67 1.71
N VAL A 8 -6.02 -8.12 2.30
CA VAL A 8 -7.37 -8.40 1.82
C VAL A 8 -7.41 -8.30 0.31
N LEU A 9 -6.47 -7.55 -0.27
CA LEU A 9 -6.41 -7.39 -1.72
C LEU A 9 -5.64 -8.55 -2.34
N LYS A 10 -4.39 -8.70 -1.92
CA LYS A 10 -3.53 -9.75 -2.45
C LYS A 10 -4.10 -11.13 -2.08
N ALA A 11 -4.57 -11.26 -0.85
CA ALA A 11 -5.14 -12.51 -0.39
C ALA A 11 -6.24 -12.96 -1.33
N ARG A 12 -7.08 -12.02 -1.75
CA ARG A 12 -8.17 -12.33 -2.66
C ARG A 12 -7.63 -12.80 -4.00
N ALA A 13 -6.62 -12.10 -4.50
CA ALA A 13 -6.01 -12.46 -5.77
C ALA A 13 -5.26 -13.78 -5.63
N SER A 14 -4.63 -13.98 -4.48
CA SER A 14 -3.87 -15.19 -4.21
C SER A 14 -4.76 -16.21 -3.51
N VAL A 15 -6.04 -15.87 -3.36
CA VAL A 15 -7.00 -16.76 -2.71
C VAL A 15 -6.59 -17.03 -1.27
N ILE A 16 -5.52 -17.80 -1.09
CA ILE A 16 -5.03 -18.14 0.24
C ILE A 16 -3.81 -17.30 0.59
N GLY A 17 -3.79 -16.79 1.81
CA GLY A 17 -2.67 -15.96 2.27
C GLY A 17 -1.54 -16.83 2.81
N LYS A 18 -0.31 -16.52 2.40
CA LYS A 18 0.85 -17.27 2.85
C LYS A 18 2.09 -16.39 2.82
N PRO A 19 2.04 -15.24 3.45
CA PRO A 19 3.18 -14.29 3.50
C PRO A 19 4.34 -14.83 4.35
N ILE A 20 5.54 -14.31 4.10
CA ILE A 20 6.71 -14.75 4.84
C ILE A 20 6.72 -14.15 6.23
N GLY A 21 6.85 -15.00 7.24
CA GLY A 21 6.87 -14.54 8.62
C GLY A 21 8.25 -14.03 9.01
N GLU A 22 8.37 -12.72 9.17
CA GLU A 22 9.63 -12.10 9.54
C GLU A 22 9.45 -10.60 9.77
N SER A 23 10.47 -9.97 10.37
CA SER A 23 10.40 -8.54 10.63
C SER A 23 10.05 -7.78 9.36
N TYR A 24 10.49 -8.31 8.21
CA TYR A 24 10.21 -7.69 6.93
C TYR A 24 8.70 -7.68 6.66
N LYS A 25 8.03 -8.70 7.15
CA LYS A 25 6.57 -8.80 6.96
C LYS A 25 5.89 -7.53 7.47
N ARG A 26 6.67 -6.65 8.08
CA ARG A 26 6.12 -5.41 8.60
C ARG A 26 5.48 -4.61 7.48
N ILE A 27 6.12 -4.63 6.32
CA ILE A 27 5.60 -3.89 5.17
C ILE A 27 4.11 -4.19 4.97
N LEU A 28 3.82 -5.45 4.69
CA LEU A 28 2.45 -5.89 4.47
C LEU A 28 1.62 -5.71 5.74
N ALA A 29 2.21 -6.06 6.87
CA ALA A 29 1.52 -5.93 8.15
C ALA A 29 1.18 -4.49 8.44
N LYS A 30 2.03 -3.57 7.99
CA LYS A 30 1.81 -2.16 8.22
C LYS A 30 0.50 -1.71 7.57
N LEU A 31 0.20 -2.30 6.42
CA LEU A 31 -1.02 -1.96 5.71
C LEU A 31 -2.22 -2.02 6.65
N GLN A 32 -2.08 -2.79 7.73
CA GLN A 32 -3.15 -2.91 8.71
C GLN A 32 -3.40 -1.57 9.39
N ARG A 33 -2.31 -0.85 9.69
CA ARG A 33 -2.43 0.45 10.34
C ARG A 33 -3.14 1.44 9.42
N ILE A 34 -2.80 1.40 8.15
CA ILE A 34 -3.40 2.32 7.18
C ILE A 34 -4.92 2.29 7.34
N HIS A 35 -5.47 1.13 7.62
CA HIS A 35 -6.90 1.00 7.78
C HIS A 35 -7.42 2.01 8.80
N ASN A 36 -6.98 1.86 10.05
CA ASN A 36 -7.39 2.77 11.10
C ASN A 36 -6.79 4.16 10.89
N SER A 37 -5.53 4.18 10.47
CA SER A 37 -4.83 5.45 10.23
C SER A 37 -5.18 5.98 8.85
N ASN A 38 -6.26 5.48 8.27
CA ASN A 38 -6.67 5.92 6.94
C ASN A 38 -6.62 7.44 6.84
N ILE A 39 -5.78 7.93 5.93
CA ILE A 39 -5.65 9.38 5.73
C ILE A 39 -5.70 10.13 7.06
N LEU A 40 -4.59 10.17 7.78
CA LEU A 40 -4.53 10.85 9.07
C LEU A 40 -3.47 11.94 9.04
N ASP A 41 -3.85 13.16 9.38
CA ASP A 41 -2.91 14.27 9.38
C ASP A 41 -1.57 13.85 9.99
N GLU A 42 -1.60 12.95 10.96
CA GLU A 42 -0.39 12.48 11.61
C GLU A 42 0.26 11.33 10.83
N ARG A 43 -0.51 10.26 10.63
CA ARG A 43 -0.02 9.08 9.92
C ARG A 43 0.23 9.40 8.45
N GLN A 44 -0.37 10.49 7.98
CA GLN A 44 -0.21 10.90 6.59
C GLN A 44 1.25 10.82 6.19
N GLY A 45 2.14 11.10 7.13
CA GLY A 45 3.56 11.04 6.85
C GLY A 45 3.97 9.61 6.53
N LEU A 46 3.32 8.66 7.17
CA LEU A 46 3.65 7.26 6.95
C LEU A 46 3.37 6.88 5.49
N MET A 47 2.23 7.32 4.98
CA MET A 47 1.86 7.00 3.61
C MET A 47 2.97 7.42 2.66
N HIS A 48 3.58 8.56 2.92
CA HIS A 48 4.66 9.06 2.07
C HIS A 48 5.86 8.11 2.12
N GLU A 49 6.19 7.63 3.32
CA GLU A 49 7.32 6.73 3.49
C GLU A 49 6.92 5.31 3.07
N LEU A 50 5.64 5.02 3.16
CA LEU A 50 5.15 3.69 2.82
C LEU A 50 5.42 3.40 1.34
N MET A 51 5.17 4.40 0.50
CA MET A 51 5.39 4.22 -0.94
C MET A 51 6.84 3.86 -1.21
N GLU A 52 7.76 4.54 -0.53
CA GLU A 52 9.18 4.27 -0.71
C GLU A 52 9.52 2.88 -0.19
N LEU A 53 8.83 2.47 0.87
CA LEU A 53 9.10 1.17 1.47
C LEU A 53 8.81 0.05 0.47
N ILE A 54 7.63 0.09 -0.14
CA ILE A 54 7.24 -0.93 -1.11
C ILE A 54 8.03 -0.74 -2.40
N ASP A 55 8.47 0.48 -2.64
CA ASP A 55 9.21 0.79 -3.85
C ASP A 55 10.49 -0.03 -3.92
N LEU A 56 11.10 -0.24 -2.77
CA LEU A 56 12.33 -1.02 -2.71
C LEU A 56 12.08 -2.48 -3.06
N TYR A 57 11.00 -3.03 -2.54
CA TYR A 57 10.66 -4.43 -2.79
C TYR A 57 10.07 -4.62 -4.17
N GLU A 58 9.01 -3.87 -4.46
CA GLU A 58 8.34 -3.96 -5.77
C GLU A 58 9.38 -4.06 -6.89
N GLU A 59 10.60 -3.67 -6.61
CA GLU A 59 11.65 -3.72 -7.61
C GLU A 59 12.11 -5.16 -7.84
N SER A 60 12.49 -5.84 -6.76
CA SER A 60 12.96 -7.22 -6.83
C SER A 60 11.83 -8.22 -6.59
N GLN A 61 10.72 -7.74 -6.06
CA GLN A 61 9.58 -8.63 -5.75
C GLN A 61 8.98 -9.25 -7.01
N PRO A 62 8.88 -8.51 -8.06
CA PRO A 62 8.31 -8.99 -9.34
C PRO A 62 9.40 -9.34 -10.35
N SER A 63 9.77 -10.62 -10.33
CA SER A 63 10.78 -11.14 -11.23
C SER A 63 10.15 -11.49 -12.58
N SER A 64 8.82 -11.42 -12.65
CA SER A 64 8.09 -11.74 -13.88
C SER A 64 7.33 -10.52 -14.38
N GLU A 65 7.84 -9.33 -14.07
CA GLU A 65 7.21 -8.09 -14.49
C GLU A 65 5.79 -7.99 -13.92
N ARG A 66 5.63 -8.47 -12.69
CA ARG A 66 4.32 -8.45 -12.02
C ARG A 66 4.07 -7.10 -11.36
N LEU A 67 5.12 -6.29 -11.24
CA LEU A 67 5.00 -4.98 -10.59
C LEU A 67 3.71 -4.29 -11.03
N ASN A 68 3.14 -4.74 -12.15
CA ASN A 68 1.91 -4.16 -12.64
C ASN A 68 0.85 -4.15 -11.54
N ALA A 69 0.83 -5.22 -10.75
CA ALA A 69 -0.12 -5.31 -9.64
C ALA A 69 0.26 -4.36 -8.52
N PHE A 70 1.57 -4.25 -8.27
CA PHE A 70 2.06 -3.36 -7.21
C PHE A 70 1.56 -1.94 -7.46
N ARG A 71 1.30 -1.62 -8.72
CA ARG A 71 0.84 -0.28 -9.06
C ARG A 71 -0.45 0.02 -8.33
N GLU A 72 -1.27 -1.00 -8.16
CA GLU A 72 -2.54 -0.82 -7.47
C GLU A 72 -2.28 -0.29 -6.06
N LEU A 73 -1.33 -0.91 -5.37
CA LEU A 73 -0.99 -0.49 -4.03
C LEU A 73 -0.40 0.93 -4.07
N ARG A 74 0.45 1.17 -5.05
CA ARG A 74 1.08 2.47 -5.20
C ARG A 74 0.03 3.51 -5.53
N THR A 75 -0.94 3.14 -6.34
CA THR A 75 -1.99 4.05 -6.72
C THR A 75 -2.76 4.52 -5.48
N GLN A 76 -3.07 3.59 -4.60
CA GLN A 76 -3.80 3.94 -3.38
C GLN A 76 -2.98 4.92 -2.55
N LEU A 77 -1.72 4.57 -2.31
CA LEU A 77 -0.84 5.43 -1.53
C LEU A 77 -0.62 6.73 -2.25
N GLU A 78 -0.46 6.65 -3.57
CA GLU A 78 -0.23 7.84 -4.37
C GLU A 78 -1.44 8.76 -4.27
N LYS A 79 -2.63 8.20 -4.47
CA LYS A 79 -3.85 8.99 -4.39
C LYS A 79 -4.07 9.48 -2.97
N ALA A 80 -3.82 8.60 -2.00
CA ALA A 80 -3.99 8.96 -0.61
C ALA A 80 -3.02 10.07 -0.22
N LEU A 81 -1.79 9.95 -0.72
CA LEU A 81 -0.77 10.95 -0.44
C LEU A 81 -1.14 12.28 -1.08
N GLY A 82 -1.70 12.20 -2.29
CA GLY A 82 -2.08 13.41 -3.02
C GLY A 82 -3.17 14.16 -2.27
N LEU A 83 -3.98 13.42 -1.52
CA LEU A 83 -5.06 14.02 -0.75
C LEU A 83 -5.98 14.83 -1.65
N GLU A 84 -5.72 14.78 -2.95
CA GLU A 84 -6.53 15.52 -3.89
C GLU A 84 -7.78 14.71 -4.25
N HIS A 85 -8.94 15.19 -3.80
CA HIS A 85 -10.20 14.50 -4.07
C HIS A 85 -10.78 14.96 -5.40
N HIS A 86 -11.18 16.24 -5.45
CA HIS A 86 -11.76 16.79 -6.67
C HIS A 86 -11.69 18.32 -6.66
N HIS A 87 -11.55 18.89 -5.46
CA HIS A 87 -11.48 20.34 -5.32
C HIS A 87 -10.16 20.86 -5.88
N HIS A 88 -10.25 21.86 -6.76
CA HIS A 88 -9.05 22.45 -7.37
C HIS A 88 -8.63 23.71 -6.62
N HIS A 89 -7.90 23.51 -5.53
CA HIS A 89 -7.40 24.62 -4.71
C HIS A 89 -8.38 25.80 -4.68
N HIS A 90 -8.27 26.69 -5.65
CA HIS A 90 -9.16 27.86 -5.71
C HIS A 90 -9.04 28.57 -7.06
N MET A 1 -9.57 5.72 -5.55
CA MET A 1 -9.84 4.28 -5.82
C MET A 1 -8.52 3.52 -5.86
N GLY A 2 -8.54 2.29 -5.36
CA GLY A 2 -7.34 1.45 -5.36
C GLY A 2 -6.42 1.84 -4.22
N VAL A 3 -6.86 2.79 -3.40
CA VAL A 3 -6.06 3.24 -2.26
C VAL A 3 -5.88 2.11 -1.27
N TRP A 4 -6.96 1.39 -0.98
CA TRP A 4 -6.91 0.28 -0.03
C TRP A 4 -6.42 -0.99 -0.72
N THR A 5 -5.52 -1.70 -0.05
CA THR A 5 -4.98 -2.94 -0.57
C THR A 5 -4.45 -3.81 0.56
N PRO A 6 -5.23 -3.95 1.62
CA PRO A 6 -4.84 -4.78 2.80
C PRO A 6 -4.75 -6.27 2.45
N GLU A 7 -4.45 -7.09 3.45
CA GLU A 7 -4.35 -8.52 3.25
C GLU A 7 -5.52 -9.04 2.41
N VAL A 8 -6.57 -8.22 2.31
CA VAL A 8 -7.75 -8.61 1.54
C VAL A 8 -7.33 -9.05 0.14
N LEU A 9 -6.42 -8.28 -0.46
CA LEU A 9 -5.94 -8.60 -1.80
C LEU A 9 -5.24 -9.96 -1.78
N LYS A 10 -4.42 -10.18 -0.76
CA LYS A 10 -3.71 -11.44 -0.62
C LYS A 10 -4.69 -12.59 -0.46
N ALA A 11 -5.74 -12.36 0.30
CA ALA A 11 -6.73 -13.40 0.51
C ALA A 11 -7.40 -13.78 -0.80
N ARG A 12 -7.66 -12.77 -1.64
CA ARG A 12 -8.29 -13.00 -2.93
C ARG A 12 -7.41 -13.87 -3.82
N ALA A 13 -6.14 -13.47 -3.95
CA ALA A 13 -5.21 -14.22 -4.78
C ALA A 13 -4.80 -15.52 -4.09
N SER A 14 -4.48 -15.40 -2.80
CA SER A 14 -4.08 -16.56 -2.01
C SER A 14 -5.28 -17.46 -1.76
N VAL A 15 -6.48 -16.90 -1.88
CA VAL A 15 -7.71 -17.66 -1.67
C VAL A 15 -7.80 -18.13 -0.22
N ILE A 16 -6.90 -19.03 0.17
CA ILE A 16 -6.88 -19.56 1.52
C ILE A 16 -6.06 -18.65 2.43
N GLY A 17 -6.58 -18.39 3.63
CA GLY A 17 -5.89 -17.53 4.58
C GLY A 17 -4.45 -17.96 4.74
N LYS A 18 -3.57 -17.00 5.05
CA LYS A 18 -2.15 -17.28 5.21
C LYS A 18 -1.60 -16.60 6.46
N PRO A 19 -0.55 -17.13 7.06
CA PRO A 19 0.07 -16.55 8.29
C PRO A 19 0.65 -15.17 8.02
N ILE A 20 0.64 -14.32 9.06
CA ILE A 20 1.17 -12.97 8.94
C ILE A 20 2.68 -12.95 9.14
N GLY A 21 3.37 -12.24 8.27
CA GLY A 21 4.83 -12.13 8.35
C GLY A 21 5.22 -10.98 9.27
N GLU A 22 6.38 -11.09 9.90
CA GLU A 22 6.85 -10.05 10.81
C GLU A 22 6.95 -8.70 10.09
N SER A 23 8.11 -8.06 10.18
CA SER A 23 8.32 -6.77 9.53
C SER A 23 8.36 -6.92 8.02
N TYR A 24 8.65 -8.13 7.55
CA TYR A 24 8.73 -8.40 6.12
C TYR A 24 7.38 -8.14 5.46
N LYS A 25 6.32 -8.73 6.01
CA LYS A 25 4.98 -8.57 5.47
C LYS A 25 4.33 -7.28 5.96
N ARG A 26 4.75 -6.82 7.13
CA ARG A 26 4.19 -5.61 7.72
C ARG A 26 4.06 -4.53 6.67
N ILE A 27 4.85 -4.67 5.61
CA ILE A 27 4.80 -3.69 4.53
C ILE A 27 3.44 -3.76 3.85
N LEU A 28 3.00 -4.98 3.55
CA LEU A 28 1.71 -5.18 2.90
C LEU A 28 0.57 -4.78 3.82
N ALA A 29 0.68 -5.18 5.09
CA ALA A 29 -0.34 -4.87 6.07
C ALA A 29 -0.32 -3.39 6.42
N LYS A 30 0.79 -2.74 6.08
CA LYS A 30 0.94 -1.31 6.37
C LYS A 30 -0.25 -0.54 5.84
N LEU A 31 -0.86 -1.05 4.77
CA LEU A 31 -2.00 -0.39 4.16
C LEU A 31 -3.14 -0.27 5.17
N GLN A 32 -3.30 -1.30 5.99
CA GLN A 32 -4.36 -1.30 6.99
C GLN A 32 -4.27 -0.01 7.82
N ARG A 33 -3.05 0.41 8.15
CA ARG A 33 -2.86 1.62 8.92
C ARG A 33 -3.24 2.84 8.08
N ILE A 34 -2.84 2.81 6.81
CA ILE A 34 -3.14 3.92 5.90
C ILE A 34 -4.65 4.06 5.73
N HIS A 35 -5.34 2.93 5.58
CA HIS A 35 -6.79 2.95 5.41
C HIS A 35 -7.45 3.94 6.38
N ASN A 36 -7.30 3.68 7.67
CA ASN A 36 -7.86 4.57 8.69
C ASN A 36 -7.17 5.93 8.68
N SER A 37 -5.85 5.90 8.52
CA SER A 37 -5.05 7.12 8.50
C SER A 37 -5.00 7.72 7.10
N ASN A 38 -5.95 7.34 6.26
CA ASN A 38 -5.98 7.81 4.88
C ASN A 38 -5.70 9.32 4.84
N ILE A 39 -4.63 9.67 4.12
CA ILE A 39 -4.24 11.07 4.00
C ILE A 39 -4.36 11.79 5.34
N LEU A 40 -3.60 11.32 6.34
CA LEU A 40 -3.63 11.92 7.67
C LEU A 40 -2.38 12.74 7.90
N ASP A 41 -2.55 14.00 8.32
CA ASP A 41 -1.42 14.88 8.57
C ASP A 41 -0.29 14.15 9.28
N GLU A 42 -0.63 13.07 9.98
CA GLU A 42 0.38 12.30 10.72
C GLU A 42 1.07 11.29 9.79
N ARG A 43 0.28 10.43 9.15
CA ARG A 43 0.83 9.42 8.24
C ARG A 43 1.22 10.06 6.90
N GLN A 44 0.69 11.23 6.62
CA GLN A 44 1.01 11.93 5.37
C GLN A 44 2.51 11.84 5.08
N GLY A 45 3.31 11.96 6.13
CA GLY A 45 4.75 11.87 5.97
C GLY A 45 5.16 10.46 5.59
N LEU A 46 4.58 9.48 6.29
CA LEU A 46 4.89 8.09 6.02
C LEU A 46 4.45 7.71 4.60
N MET A 47 3.27 8.18 4.22
CA MET A 47 2.73 7.89 2.89
C MET A 47 3.76 8.22 1.81
N HIS A 48 4.38 9.39 1.94
CA HIS A 48 5.40 9.81 0.97
C HIS A 48 6.62 8.90 1.06
N GLU A 49 7.05 8.60 2.28
CA GLU A 49 8.21 7.75 2.50
C GLU A 49 7.89 6.31 2.11
N LEU A 50 6.60 5.96 2.14
CA LEU A 50 6.17 4.61 1.80
C LEU A 50 6.53 4.30 0.36
N MET A 51 6.46 5.32 -0.50
CA MET A 51 6.79 5.14 -1.92
C MET A 51 8.21 4.62 -2.07
N GLU A 52 9.13 5.18 -1.29
CA GLU A 52 10.52 4.76 -1.36
C GLU A 52 10.67 3.34 -0.83
N LEU A 53 9.98 3.04 0.28
CA LEU A 53 10.03 1.72 0.88
C LEU A 53 9.47 0.67 -0.08
N ILE A 54 8.35 1.01 -0.71
CA ILE A 54 7.70 0.09 -1.64
C ILE A 54 8.62 -0.19 -2.83
N ASP A 55 9.29 0.85 -3.31
CA ASP A 55 10.18 0.71 -4.44
C ASP A 55 11.25 -0.34 -4.15
N LEU A 56 11.71 -0.37 -2.91
CA LEU A 56 12.73 -1.33 -2.53
C LEU A 56 12.20 -2.77 -2.65
N TYR A 57 10.98 -2.99 -2.21
CA TYR A 57 10.37 -4.32 -2.28
C TYR A 57 9.82 -4.59 -3.67
N GLU A 58 8.90 -3.74 -4.13
CA GLU A 58 8.29 -3.91 -5.44
C GLU A 58 9.35 -4.29 -6.48
N GLU A 59 10.60 -4.02 -6.17
CA GLU A 59 11.67 -4.33 -7.10
C GLU A 59 11.94 -5.84 -7.10
N SER A 60 12.16 -6.41 -5.91
CA SER A 60 12.44 -7.84 -5.77
C SER A 60 11.17 -8.68 -5.52
N GLN A 61 10.07 -8.00 -5.18
CA GLN A 61 8.81 -8.69 -4.89
C GLN A 61 8.23 -9.39 -6.13
N PRO A 62 8.34 -8.78 -7.28
CA PRO A 62 7.84 -9.34 -8.55
C PRO A 62 8.96 -9.92 -9.40
N SER A 63 9.17 -11.22 -9.22
CA SER A 63 10.19 -11.97 -9.94
C SER A 63 9.64 -12.40 -11.31
N SER A 64 8.34 -12.20 -11.52
CA SER A 64 7.69 -12.57 -12.78
C SER A 64 7.23 -11.32 -13.53
N GLU A 65 7.82 -10.19 -13.20
CA GLU A 65 7.46 -8.92 -13.85
C GLU A 65 6.02 -8.53 -13.49
N ARG A 66 5.63 -8.84 -12.25
CA ARG A 66 4.28 -8.53 -11.79
C ARG A 66 4.18 -7.07 -11.31
N LEU A 67 5.34 -6.43 -11.13
CA LEU A 67 5.36 -5.05 -10.66
C LEU A 67 4.26 -4.22 -11.33
N ASN A 68 3.77 -4.71 -12.46
CA ASN A 68 2.72 -4.01 -13.17
C ASN A 68 1.51 -3.82 -12.26
N ALA A 69 1.16 -4.86 -11.51
CA ALA A 69 0.04 -4.78 -10.58
C ALA A 69 0.38 -3.87 -9.41
N PHE A 70 1.62 -3.96 -8.95
CA PHE A 70 2.08 -3.14 -7.82
C PHE A 70 2.06 -1.67 -8.21
N ARG A 71 2.39 -1.38 -9.47
CA ARG A 71 2.41 0.00 -9.93
C ARG A 71 1.14 0.72 -9.49
N GLU A 72 0.10 -0.05 -9.24
CA GLU A 72 -1.17 0.53 -8.80
C GLU A 72 -0.98 1.19 -7.44
N LEU A 73 -0.36 0.46 -6.52
CA LEU A 73 -0.12 0.98 -5.18
C LEU A 73 0.84 2.17 -5.26
N ARG A 74 1.86 2.04 -6.10
CA ARG A 74 2.83 3.11 -6.28
C ARG A 74 2.16 4.34 -6.85
N THR A 75 1.27 4.12 -7.80
CA THR A 75 0.53 5.21 -8.41
C THR A 75 -0.31 5.92 -7.37
N GLN A 76 -0.98 5.14 -6.53
CA GLN A 76 -1.83 5.72 -5.48
C GLN A 76 -0.98 6.60 -4.56
N LEU A 77 0.22 6.13 -4.23
CA LEU A 77 1.11 6.88 -3.36
C LEU A 77 1.49 8.20 -4.04
N GLU A 78 1.78 8.13 -5.34
CA GLU A 78 2.15 9.32 -6.09
C GLU A 78 0.95 10.24 -6.22
N LYS A 79 -0.22 9.67 -6.47
CA LYS A 79 -1.43 10.44 -6.62
C LYS A 79 -1.79 11.12 -5.29
N ALA A 80 -1.69 10.35 -4.22
CA ALA A 80 -1.99 10.87 -2.90
C ALA A 80 -1.01 11.97 -2.52
N LEU A 81 0.14 11.96 -3.18
CA LEU A 81 1.17 12.95 -2.90
C LEU A 81 0.63 14.35 -3.19
N GLY A 82 -0.16 14.47 -4.26
CA GLY A 82 -0.75 15.76 -4.61
C GLY A 82 -1.72 16.22 -3.53
N LEU A 83 -1.74 15.49 -2.41
CA LEU A 83 -2.62 15.83 -1.31
C LEU A 83 -4.07 15.84 -1.75
N GLU A 84 -4.42 14.90 -2.61
CA GLU A 84 -5.79 14.79 -3.11
C GLU A 84 -6.72 14.35 -1.99
N HIS A 85 -7.87 15.00 -1.89
CA HIS A 85 -8.84 14.67 -0.85
C HIS A 85 -9.74 13.54 -1.31
N HIS A 86 -9.63 12.38 -0.64
CA HIS A 86 -10.43 11.21 -0.98
C HIS A 86 -11.69 11.16 -0.11
N HIS A 87 -11.71 11.96 0.96
CA HIS A 87 -12.86 12.00 1.86
C HIS A 87 -12.98 13.36 2.52
N HIS A 88 -12.27 13.54 3.65
CA HIS A 88 -12.31 14.81 4.37
C HIS A 88 -13.75 15.31 4.49
N HIS A 89 -14.02 16.45 3.85
CA HIS A 89 -15.36 17.05 3.86
C HIS A 89 -16.12 16.75 5.16
N HIS A 90 -15.82 17.49 6.21
CA HIS A 90 -16.49 17.29 7.50
C HIS A 90 -16.32 18.52 8.39
N MET A 1 -8.54 -1.13 -8.58
CA MET A 1 -9.88 -1.32 -7.96
C MET A 1 -10.13 -0.23 -6.92
N GLY A 2 -9.36 -0.29 -5.84
CA GLY A 2 -9.49 0.69 -4.77
C GLY A 2 -8.39 0.53 -3.73
N VAL A 3 -8.43 1.36 -2.70
CA VAL A 3 -7.43 1.30 -1.64
C VAL A 3 -7.51 -0.04 -0.92
N TRP A 4 -8.62 -0.74 -1.12
CA TRP A 4 -8.82 -2.03 -0.48
C TRP A 4 -7.98 -3.11 -1.13
N THR A 5 -7.16 -3.77 -0.32
CA THR A 5 -6.30 -4.84 -0.81
C THR A 5 -5.69 -5.61 0.36
N PRO A 6 -6.50 -5.94 1.34
CA PRO A 6 -6.04 -6.70 2.55
C PRO A 6 -5.51 -8.08 2.18
N GLU A 7 -5.06 -8.82 3.20
CA GLU A 7 -4.54 -10.16 2.98
C GLU A 7 -5.47 -10.95 2.06
N VAL A 8 -6.69 -10.47 1.89
CA VAL A 8 -7.65 -11.14 1.04
C VAL A 8 -7.05 -11.40 -0.34
N LEU A 9 -6.46 -10.37 -0.93
CA LEU A 9 -5.82 -10.52 -2.23
C LEU A 9 -4.65 -11.48 -2.14
N LYS A 10 -3.86 -11.32 -1.09
CA LYS A 10 -2.69 -12.17 -0.89
C LYS A 10 -3.12 -13.62 -0.70
N ALA A 11 -4.24 -13.81 0.00
CA ALA A 11 -4.75 -15.15 0.25
C ALA A 11 -5.11 -15.82 -1.07
N ARG A 12 -5.75 -15.05 -1.96
CA ARG A 12 -6.14 -15.58 -3.26
C ARG A 12 -4.91 -15.91 -4.08
N ALA A 13 -3.95 -14.99 -4.10
CA ALA A 13 -2.73 -15.20 -4.85
C ALA A 13 -1.89 -16.31 -4.22
N SER A 14 -1.87 -16.32 -2.89
CA SER A 14 -1.12 -17.33 -2.15
C SER A 14 -1.97 -18.57 -1.93
N VAL A 15 -3.24 -18.49 -2.35
CA VAL A 15 -4.16 -19.60 -2.20
C VAL A 15 -4.37 -19.94 -0.72
N ILE A 16 -3.35 -20.53 -0.11
CA ILE A 16 -3.42 -20.90 1.31
C ILE A 16 -2.67 -19.89 2.17
N GLY A 17 -3.34 -19.40 3.21
CA GLY A 17 -2.74 -18.42 4.11
C GLY A 17 -1.82 -19.09 5.11
N LYS A 18 -0.69 -18.47 5.39
CA LYS A 18 0.28 -19.04 6.34
C LYS A 18 0.95 -17.92 7.15
N PRO A 19 1.80 -18.29 8.10
CA PRO A 19 2.53 -17.29 8.94
C PRO A 19 3.39 -16.36 8.09
N ILE A 20 3.08 -15.07 8.11
CA ILE A 20 3.84 -14.08 7.34
C ILE A 20 5.03 -13.59 8.16
N GLY A 21 6.19 -13.57 7.55
CA GLY A 21 7.39 -13.11 8.24
C GLY A 21 7.22 -11.67 8.72
N GLU A 22 7.92 -11.31 9.79
CA GLU A 22 7.82 -9.96 10.35
C GLU A 22 8.07 -8.93 9.25
N SER A 23 9.13 -9.14 8.48
CA SER A 23 9.47 -8.22 7.40
C SER A 23 8.37 -8.18 6.36
N TYR A 24 7.83 -9.35 6.02
CA TYR A 24 6.77 -9.43 5.02
C TYR A 24 5.43 -9.04 5.63
N LYS A 25 5.41 -8.91 6.96
CA LYS A 25 4.19 -8.55 7.67
C LYS A 25 4.13 -7.02 7.87
N ARG A 26 5.29 -6.38 7.78
CA ARG A 26 5.37 -4.95 7.95
C ARG A 26 4.69 -4.23 6.79
N ILE A 27 4.91 -4.72 5.58
CA ILE A 27 4.32 -4.10 4.41
C ILE A 27 2.80 -4.16 4.49
N LEU A 28 2.30 -5.33 4.84
CA LEU A 28 0.86 -5.52 4.98
C LEU A 28 0.31 -4.67 6.11
N ALA A 29 1.08 -4.59 7.20
CA ALA A 29 0.66 -3.82 8.37
C ALA A 29 0.37 -2.38 7.99
N LYS A 30 1.18 -1.83 7.08
CA LYS A 30 0.98 -0.46 6.65
C LYS A 30 -0.37 -0.31 5.98
N LEU A 31 -0.72 -1.28 5.14
CA LEU A 31 -2.01 -1.23 4.45
C LEU A 31 -3.14 -1.28 5.47
N GLN A 32 -3.01 -2.16 6.46
CA GLN A 32 -4.03 -2.30 7.48
C GLN A 32 -4.16 -1.02 8.30
N ARG A 33 -3.02 -0.49 8.73
CA ARG A 33 -3.02 0.74 9.52
C ARG A 33 -3.49 1.90 8.65
N ILE A 34 -2.98 1.96 7.42
CA ILE A 34 -3.37 3.02 6.50
C ILE A 34 -4.85 2.92 6.16
N HIS A 35 -5.32 1.72 5.90
CA HIS A 35 -6.72 1.51 5.56
C HIS A 35 -7.63 2.31 6.50
N ASN A 36 -7.46 2.11 7.80
CA ASN A 36 -8.27 2.81 8.78
C ASN A 36 -8.00 4.32 8.73
N SER A 37 -6.73 4.68 8.60
CA SER A 37 -6.30 6.07 8.55
C SER A 37 -6.20 6.54 7.10
N ASN A 38 -6.91 5.86 6.21
CA ASN A 38 -6.86 6.20 4.79
C ASN A 38 -6.93 7.72 4.61
N ILE A 39 -5.88 8.27 4.03
CA ILE A 39 -5.79 9.70 3.77
C ILE A 39 -6.00 10.49 5.06
N LEU A 40 -4.99 10.52 5.92
CA LEU A 40 -5.09 11.27 7.19
C LEU A 40 -3.96 12.30 7.28
N ASP A 41 -4.32 13.54 7.55
CA ASP A 41 -3.32 14.60 7.65
C ASP A 41 -2.10 14.14 8.43
N GLU A 42 -2.30 13.17 9.31
CA GLU A 42 -1.21 12.64 10.13
C GLU A 42 -0.43 11.55 9.37
N ARG A 43 -1.14 10.49 8.97
CA ARG A 43 -0.52 9.36 8.26
C ARG A 43 -0.21 9.73 6.82
N GLN A 44 -0.85 10.78 6.33
CA GLN A 44 -0.64 11.24 4.95
C GLN A 44 0.87 11.28 4.65
N GLY A 45 1.66 11.57 5.66
CA GLY A 45 3.11 11.61 5.49
C GLY A 45 3.66 10.21 5.26
N LEU A 46 3.06 9.23 5.92
CA LEU A 46 3.49 7.85 5.79
C LEU A 46 3.31 7.35 4.36
N MET A 47 2.29 7.89 3.68
CA MET A 47 2.01 7.48 2.31
C MET A 47 3.22 7.77 1.42
N HIS A 48 3.86 8.92 1.64
CA HIS A 48 5.02 9.29 0.83
C HIS A 48 6.14 8.26 0.99
N GLU A 49 6.47 7.94 2.24
CA GLU A 49 7.52 6.96 2.52
C GLU A 49 7.07 5.55 2.16
N LEU A 50 5.77 5.32 2.26
CA LEU A 50 5.22 4.01 1.96
C LEU A 50 5.48 3.64 0.50
N MET A 51 5.43 4.64 -0.37
CA MET A 51 5.63 4.40 -1.79
C MET A 51 7.00 3.76 -2.04
N GLU A 52 8.02 4.26 -1.36
CA GLU A 52 9.37 3.72 -1.51
C GLU A 52 9.45 2.32 -0.91
N LEU A 53 8.83 2.13 0.25
CA LEU A 53 8.87 0.83 0.91
C LEU A 53 8.19 -0.23 0.06
N ILE A 54 7.04 0.13 -0.52
CA ILE A 54 6.31 -0.80 -1.37
C ILE A 54 7.12 -1.14 -2.62
N ASP A 55 7.73 -0.12 -3.21
CA ASP A 55 8.51 -0.32 -4.42
C ASP A 55 9.68 -1.24 -4.15
N LEU A 56 10.35 -1.02 -3.03
CA LEU A 56 11.50 -1.85 -2.69
C LEU A 56 11.09 -3.31 -2.51
N TYR A 57 9.99 -3.53 -1.80
CA TYR A 57 9.49 -4.89 -1.57
C TYR A 57 8.97 -5.49 -2.88
N GLU A 58 8.28 -4.67 -3.66
CA GLU A 58 7.72 -5.13 -4.93
C GLU A 58 8.79 -5.16 -6.00
N GLU A 59 9.84 -4.37 -5.84
CA GLU A 59 10.93 -4.33 -6.81
C GLU A 59 11.98 -5.38 -6.47
N SER A 60 11.94 -5.90 -5.25
CA SER A 60 12.93 -6.88 -4.81
C SER A 60 13.07 -8.03 -5.81
N GLN A 61 11.98 -8.78 -6.04
CA GLN A 61 12.00 -9.91 -6.98
C GLN A 61 11.14 -9.63 -8.22
N PRO A 62 9.99 -9.05 -8.02
CA PRO A 62 9.07 -8.72 -9.15
C PRO A 62 9.13 -7.25 -9.56
N SER A 63 10.18 -6.94 -10.33
CA SER A 63 10.40 -5.59 -10.84
C SER A 63 9.38 -5.28 -11.93
N SER A 64 9.18 -6.22 -12.85
CA SER A 64 8.22 -6.03 -13.95
C SER A 64 7.15 -7.11 -13.92
N GLU A 65 7.19 -7.96 -12.89
CA GLU A 65 6.23 -9.05 -12.78
C GLU A 65 4.95 -8.59 -12.07
N ARG A 66 4.93 -8.73 -10.75
CA ARG A 66 3.77 -8.34 -9.95
C ARG A 66 3.71 -6.83 -9.77
N LEU A 67 4.81 -6.15 -10.07
CA LEU A 67 4.86 -4.71 -9.90
C LEU A 67 3.67 -4.06 -10.59
N ASN A 68 3.33 -4.57 -11.78
CA ASN A 68 2.20 -4.03 -12.52
C ASN A 68 0.90 -4.24 -11.74
N ALA A 69 0.77 -5.42 -11.12
CA ALA A 69 -0.42 -5.71 -10.35
C ALA A 69 -0.47 -4.86 -9.09
N PHE A 70 0.71 -4.67 -8.46
CA PHE A 70 0.80 -3.87 -7.24
C PHE A 70 0.77 -2.40 -7.59
N ARG A 71 0.99 -2.08 -8.86
CA ARG A 71 0.98 -0.69 -9.30
C ARG A 71 -0.30 -0.01 -8.84
N GLU A 72 -1.38 -0.79 -8.75
CA GLU A 72 -2.65 -0.24 -8.30
C GLU A 72 -2.50 0.31 -6.88
N LEU A 73 -1.81 -0.45 -6.03
CA LEU A 73 -1.61 -0.03 -4.65
C LEU A 73 -0.76 1.24 -4.64
N ARG A 74 0.27 1.25 -5.48
CA ARG A 74 1.16 2.41 -5.57
C ARG A 74 0.40 3.62 -6.05
N THR A 75 -0.55 3.38 -6.94
CA THR A 75 -1.35 4.46 -7.48
C THR A 75 -2.09 5.18 -6.35
N GLN A 76 -2.63 4.40 -5.42
CA GLN A 76 -3.35 4.97 -4.29
C GLN A 76 -2.43 5.92 -3.51
N LEU A 77 -1.21 5.47 -3.25
CA LEU A 77 -0.24 6.28 -2.51
C LEU A 77 0.12 7.51 -3.34
N GLU A 78 0.28 7.33 -4.64
CA GLU A 78 0.62 8.42 -5.52
C GLU A 78 -0.53 9.42 -5.60
N LYS A 79 -1.76 8.90 -5.68
CA LYS A 79 -2.93 9.75 -5.75
C LYS A 79 -3.13 10.48 -4.43
N ALA A 80 -3.03 9.73 -3.34
CA ALA A 80 -3.19 10.30 -2.02
C ALA A 80 -2.08 11.30 -1.74
N LEU A 81 -0.87 10.95 -2.16
CA LEU A 81 0.28 11.82 -1.97
C LEU A 81 0.09 13.12 -2.74
N GLY A 82 -0.50 13.01 -3.92
CA GLY A 82 -0.72 14.19 -4.74
C GLY A 82 -1.66 15.17 -4.04
N LEU A 83 -2.55 14.64 -3.22
CA LEU A 83 -3.49 15.47 -2.48
C LEU A 83 -4.28 16.37 -3.44
N GLU A 84 -4.74 15.79 -4.54
CA GLU A 84 -5.50 16.54 -5.52
C GLU A 84 -6.84 16.97 -4.92
N HIS A 85 -7.30 18.15 -5.31
CA HIS A 85 -8.56 18.66 -4.79
C HIS A 85 -8.61 18.59 -3.28
N HIS A 86 -7.96 19.56 -2.62
CA HIS A 86 -7.92 19.60 -1.17
C HIS A 86 -7.62 21.01 -0.68
N HIS A 87 -8.64 21.65 -0.10
CA HIS A 87 -8.48 23.02 0.41
C HIS A 87 -9.51 23.29 1.52
N HIS A 88 -9.14 24.17 2.46
CA HIS A 88 -10.03 24.52 3.57
C HIS A 88 -9.83 25.98 3.99
N HIS A 89 -10.90 26.60 4.49
CA HIS A 89 -10.83 27.98 4.93
C HIS A 89 -10.20 28.11 6.31
N HIS A 90 -11.03 28.34 7.33
CA HIS A 90 -10.51 28.48 8.69
C HIS A 90 -10.18 27.12 9.29
N MET A 1 -10.16 5.04 4.42
CA MET A 1 -10.62 5.56 3.10
C MET A 1 -9.43 6.12 2.34
N GLY A 2 -8.48 5.26 2.02
CA GLY A 2 -7.29 5.68 1.28
C GLY A 2 -6.71 4.52 0.48
N VAL A 3 -6.14 3.55 1.18
CA VAL A 3 -5.54 2.37 0.54
C VAL A 3 -6.18 1.10 1.05
N TRP A 4 -6.59 0.23 0.12
CA TRP A 4 -7.21 -1.03 0.48
C TRP A 4 -6.50 -2.18 -0.22
N THR A 5 -5.70 -2.93 0.53
CA THR A 5 -4.98 -4.08 0.00
C THR A 5 -4.63 -5.05 1.12
N PRO A 6 -5.55 -5.30 2.02
CA PRO A 6 -5.33 -6.24 3.17
C PRO A 6 -5.22 -7.69 2.69
N GLU A 7 -5.06 -8.60 3.64
CA GLU A 7 -4.95 -10.02 3.30
C GLU A 7 -5.97 -10.41 2.24
N VAL A 8 -6.98 -9.56 2.06
CA VAL A 8 -8.01 -9.82 1.07
C VAL A 8 -7.40 -9.94 -0.32
N LEU A 9 -6.47 -9.04 -0.63
CA LEU A 9 -5.82 -9.06 -1.94
C LEU A 9 -5.12 -10.40 -2.13
N LYS A 10 -4.36 -10.82 -1.13
CA LYS A 10 -3.67 -12.09 -1.20
C LYS A 10 -4.66 -13.24 -1.21
N ALA A 11 -5.70 -13.12 -0.38
CA ALA A 11 -6.72 -14.16 -0.31
C ALA A 11 -7.44 -14.29 -1.65
N ARG A 12 -7.61 -13.18 -2.34
CA ARG A 12 -8.28 -13.19 -3.64
C ARG A 12 -7.51 -14.04 -4.63
N ALA A 13 -6.19 -13.91 -4.63
CA ALA A 13 -5.35 -14.68 -5.55
C ALA A 13 -5.00 -16.03 -4.93
N SER A 14 -4.68 -16.02 -3.64
CA SER A 14 -4.34 -17.24 -2.92
C SER A 14 -5.58 -17.93 -2.38
N VAL A 15 -6.75 -17.42 -2.78
CA VAL A 15 -8.03 -17.97 -2.34
C VAL A 15 -8.23 -17.73 -0.84
N ILE A 16 -7.17 -17.90 -0.06
CA ILE A 16 -7.24 -17.70 1.38
C ILE A 16 -5.97 -17.01 1.88
N GLY A 17 -6.14 -16.02 2.75
CA GLY A 17 -5.00 -15.30 3.30
C GLY A 17 -4.13 -16.22 4.15
N LYS A 18 -2.81 -16.09 3.99
CA LYS A 18 -1.88 -16.91 4.75
C LYS A 18 -0.44 -16.42 4.54
N PRO A 19 -0.20 -15.15 4.76
CA PRO A 19 1.15 -14.55 4.60
C PRO A 19 2.14 -15.11 5.60
N ILE A 20 3.40 -15.27 5.17
CA ILE A 20 4.45 -15.81 6.02
C ILE A 20 5.10 -14.68 6.83
N GLY A 21 5.18 -14.87 8.14
CA GLY A 21 5.78 -13.86 9.00
C GLY A 21 7.22 -13.58 8.56
N GLU A 22 7.44 -12.40 7.99
CA GLU A 22 8.78 -12.02 7.53
C GLU A 22 8.77 -10.58 7.05
N SER A 23 9.96 -10.02 6.84
CA SER A 23 10.08 -8.64 6.37
C SER A 23 9.16 -8.42 5.18
N TYR A 24 8.89 -9.48 4.42
CA TYR A 24 8.01 -9.36 3.26
C TYR A 24 6.60 -8.99 3.70
N LYS A 25 6.16 -9.57 4.81
CA LYS A 25 4.82 -9.29 5.34
C LYS A 25 4.75 -7.85 5.86
N ARG A 26 5.89 -7.17 5.86
CA ARG A 26 5.94 -5.81 6.34
C ARG A 26 4.99 -4.93 5.54
N ILE A 27 4.99 -5.13 4.23
CA ILE A 27 4.12 -4.33 3.38
C ILE A 27 2.66 -4.60 3.71
N LEU A 28 2.33 -5.87 3.87
CA LEU A 28 0.96 -6.26 4.18
C LEU A 28 0.56 -5.71 5.55
N ALA A 29 1.39 -5.98 6.55
CA ALA A 29 1.12 -5.51 7.90
C ALA A 29 1.13 -4.00 7.95
N LYS A 30 1.95 -3.40 7.10
CA LYS A 30 2.04 -1.96 7.05
C LYS A 30 0.70 -1.35 6.64
N LEU A 31 0.01 -2.02 5.73
CA LEU A 31 -1.27 -1.52 5.25
C LEU A 31 -2.22 -1.34 6.43
N GLN A 32 -2.21 -2.29 7.34
CA GLN A 32 -3.08 -2.20 8.50
C GLN A 32 -2.86 -0.87 9.22
N ARG A 33 -1.60 -0.46 9.35
CA ARG A 33 -1.28 0.80 10.01
C ARG A 33 -1.85 1.98 9.23
N ILE A 34 -1.64 1.96 7.91
CA ILE A 34 -2.14 3.03 7.06
C ILE A 34 -3.67 3.03 7.06
N HIS A 35 -4.25 1.85 6.98
CA HIS A 35 -5.71 1.74 6.97
C HIS A 35 -6.31 2.57 8.09
N ASN A 36 -5.97 2.23 9.33
CA ASN A 36 -6.49 2.97 10.48
C ASN A 36 -5.96 4.40 10.50
N SER A 37 -4.68 4.54 10.17
CA SER A 37 -4.02 5.85 10.16
C SER A 37 -4.19 6.51 8.79
N ASN A 38 -5.19 6.07 8.04
CA ASN A 38 -5.42 6.62 6.71
C ASN A 38 -5.31 8.13 6.72
N ILE A 39 -4.39 8.65 5.92
CA ILE A 39 -4.17 10.08 5.83
C ILE A 39 -4.23 10.73 7.21
N LEU A 40 -3.15 10.59 7.98
CA LEU A 40 -3.09 11.17 9.33
C LEU A 40 -1.92 12.14 9.44
N ASP A 41 -2.19 13.33 9.96
CA ASP A 41 -1.15 14.35 10.11
C ASP A 41 0.17 13.72 10.55
N GLU A 42 0.07 12.63 11.31
CA GLU A 42 1.26 11.94 11.80
C GLU A 42 1.81 10.97 10.75
N ARG A 43 0.96 10.05 10.30
CA ARG A 43 1.37 9.07 9.30
C ARG A 43 1.67 9.75 7.97
N GLN A 44 1.16 10.98 7.81
CA GLN A 44 1.38 11.72 6.57
C GLN A 44 2.87 11.78 6.25
N GLY A 45 3.70 11.93 7.29
CA GLY A 45 5.13 11.99 7.08
C GLY A 45 5.63 10.69 6.45
N LEU A 46 5.10 9.59 6.97
CA LEU A 46 5.49 8.29 6.46
C LEU A 46 5.03 8.12 5.02
N MET A 47 3.85 8.64 4.71
CA MET A 47 3.29 8.52 3.36
C MET A 47 4.36 8.78 2.30
N HIS A 48 5.29 9.67 2.61
CA HIS A 48 6.36 10.01 1.67
C HIS A 48 7.48 8.96 1.72
N GLU A 49 8.12 8.82 2.87
CA GLU A 49 9.20 7.86 3.03
C GLU A 49 8.70 6.44 2.82
N LEU A 50 7.40 6.25 3.01
CA LEU A 50 6.79 4.94 2.85
C LEU A 50 6.94 4.45 1.42
N MET A 51 6.78 5.36 0.47
CA MET A 51 6.89 5.02 -0.94
C MET A 51 8.28 4.48 -1.24
N GLU A 52 9.29 5.05 -0.60
CA GLU A 52 10.66 4.61 -0.81
C GLU A 52 10.81 3.14 -0.45
N LEU A 53 10.33 2.76 0.73
CA LEU A 53 10.42 1.38 1.17
C LEU A 53 9.63 0.46 0.23
N ILE A 54 8.44 0.90 -0.16
CA ILE A 54 7.61 0.10 -1.05
C ILE A 54 8.29 -0.06 -2.41
N ASP A 55 8.83 1.04 -2.92
CA ASP A 55 9.49 1.02 -4.21
C ASP A 55 10.73 0.14 -4.16
N LEU A 56 11.43 0.20 -3.03
CA LEU A 56 12.66 -0.58 -2.88
C LEU A 56 12.37 -2.08 -2.95
N TYR A 57 11.32 -2.51 -2.27
CA TYR A 57 10.95 -3.92 -2.25
C TYR A 57 10.25 -4.29 -3.56
N GLU A 58 9.15 -3.58 -3.85
CA GLU A 58 8.38 -3.82 -5.06
C GLU A 58 9.31 -4.02 -6.25
N GLU A 59 10.55 -3.59 -6.12
CA GLU A 59 11.50 -3.75 -7.20
C GLU A 59 11.90 -5.22 -7.35
N SER A 60 12.42 -5.82 -6.28
CA SER A 60 12.85 -7.22 -6.29
C SER A 60 11.76 -8.19 -5.81
N GLN A 61 10.71 -7.64 -5.19
CA GLN A 61 9.63 -8.46 -4.64
C GLN A 61 8.87 -9.20 -5.76
N PRO A 62 8.64 -8.56 -6.87
CA PRO A 62 7.94 -9.17 -8.02
C PRO A 62 8.89 -9.63 -9.11
N SER A 63 9.26 -10.90 -9.01
CA SER A 63 10.15 -11.53 -9.96
C SER A 63 9.37 -11.99 -11.20
N SER A 64 8.04 -11.87 -11.12
CA SER A 64 7.16 -12.29 -12.23
C SER A 64 6.56 -11.05 -12.91
N GLU A 65 7.16 -9.90 -12.69
CA GLU A 65 6.68 -8.66 -13.28
C GLU A 65 5.22 -8.42 -12.92
N ARG A 66 4.84 -8.91 -11.73
CA ARG A 66 3.47 -8.75 -11.25
C ARG A 66 3.25 -7.37 -10.66
N LEU A 67 4.34 -6.65 -10.41
CA LEU A 67 4.25 -5.31 -9.83
C LEU A 67 3.10 -4.53 -10.44
N ASN A 68 2.66 -4.96 -11.62
CA ASN A 68 1.57 -4.30 -12.30
C ASN A 68 0.40 -4.11 -11.33
N ALA A 69 0.28 -5.03 -10.37
CA ALA A 69 -0.79 -4.96 -9.38
C ALA A 69 -0.41 -4.01 -8.24
N PHE A 70 0.79 -4.20 -7.69
CA PHE A 70 1.26 -3.35 -6.61
C PHE A 70 1.42 -1.91 -7.08
N ARG A 71 1.85 -1.74 -8.33
CA ARG A 71 2.04 -0.41 -8.89
C ARG A 71 0.81 0.45 -8.61
N GLU A 72 -0.33 -0.20 -8.46
CA GLU A 72 -1.57 0.52 -8.17
C GLU A 72 -1.48 1.13 -6.78
N LEU A 73 -0.88 0.39 -5.85
CA LEU A 73 -0.74 0.89 -4.48
C LEU A 73 0.16 2.12 -4.48
N ARG A 74 1.25 2.07 -5.22
CA ARG A 74 2.17 3.19 -5.29
C ARG A 74 1.45 4.43 -5.79
N THR A 75 0.50 4.23 -6.68
CA THR A 75 -0.26 5.34 -7.22
C THR A 75 -1.06 6.03 -6.11
N GLN A 76 -1.69 5.23 -5.26
CA GLN A 76 -2.49 5.76 -4.17
C GLN A 76 -1.63 6.63 -3.27
N LEU A 77 -0.46 6.12 -2.91
CA LEU A 77 0.46 6.87 -2.07
C LEU A 77 0.92 8.13 -2.77
N GLU A 78 1.22 8.01 -4.05
CA GLU A 78 1.67 9.15 -4.82
C GLU A 78 0.55 10.18 -4.93
N LYS A 79 -0.66 9.70 -5.20
CA LYS A 79 -1.81 10.59 -5.31
C LYS A 79 -2.14 11.19 -3.96
N ALA A 80 -2.07 10.36 -2.93
CA ALA A 80 -2.35 10.83 -1.59
C ALA A 80 -1.38 11.94 -1.21
N LEU A 81 -0.23 11.95 -1.86
CA LEU A 81 0.78 12.96 -1.56
C LEU A 81 0.23 14.35 -1.87
N GLY A 82 -0.45 14.48 -3.01
CA GLY A 82 -1.03 15.75 -3.40
C GLY A 82 -2.23 16.08 -2.53
N LEU A 83 -2.52 15.18 -1.59
CA LEU A 83 -3.64 15.38 -0.68
C LEU A 83 -4.91 15.73 -1.46
N GLU A 84 -4.90 15.41 -2.74
CA GLU A 84 -6.06 15.69 -3.59
C GLU A 84 -7.26 14.86 -3.13
N HIS A 85 -8.39 15.52 -2.94
CA HIS A 85 -9.61 14.85 -2.50
C HIS A 85 -10.84 15.59 -2.99
N HIS A 86 -10.66 16.85 -3.36
CA HIS A 86 -11.77 17.67 -3.85
C HIS A 86 -12.10 17.31 -5.30
N HIS A 87 -12.98 16.34 -5.49
CA HIS A 87 -13.37 15.93 -6.84
C HIS A 87 -14.38 16.89 -7.43
N HIS A 88 -15.50 17.10 -6.73
CA HIS A 88 -16.53 18.00 -7.20
C HIS A 88 -17.62 18.17 -6.14
N HIS A 89 -17.26 18.78 -5.02
CA HIS A 89 -18.20 19.00 -3.92
C HIS A 89 -19.30 19.99 -4.30
N HIS A 90 -18.93 21.06 -5.01
CA HIS A 90 -19.93 22.06 -5.40
C HIS A 90 -20.92 21.48 -6.40
N MET A 1 -10.02 4.86 4.99
CA MET A 1 -11.46 4.67 4.61
C MET A 1 -11.63 5.04 3.13
N GLY A 2 -10.83 6.00 2.67
CA GLY A 2 -10.92 6.43 1.28
C GLY A 2 -10.55 5.30 0.33
N VAL A 3 -9.47 4.61 0.64
CA VAL A 3 -9.03 3.48 -0.20
C VAL A 3 -8.21 2.49 0.63
N TRP A 4 -8.62 1.23 0.58
CA TRP A 4 -7.92 0.17 1.32
C TRP A 4 -7.58 -1.00 0.40
N THR A 5 -6.48 -1.68 0.69
CA THR A 5 -6.04 -2.84 -0.10
C THR A 5 -5.21 -3.79 0.77
N PRO A 6 -5.82 -4.32 1.80
CA PRO A 6 -5.17 -5.27 2.74
C PRO A 6 -5.14 -6.68 2.18
N GLU A 7 -4.68 -7.63 3.00
CA GLU A 7 -4.63 -9.03 2.58
C GLU A 7 -5.86 -9.42 1.75
N VAL A 8 -6.90 -8.59 1.83
CA VAL A 8 -8.12 -8.85 1.06
C VAL A 8 -7.78 -8.94 -0.42
N LEU A 9 -6.99 -7.98 -0.91
CA LEU A 9 -6.59 -7.98 -2.31
C LEU A 9 -5.73 -9.22 -2.60
N LYS A 10 -4.80 -9.51 -1.68
CA LYS A 10 -3.93 -10.66 -1.85
C LYS A 10 -4.74 -11.95 -1.81
N ALA A 11 -5.65 -12.03 -0.85
CA ALA A 11 -6.50 -13.21 -0.70
C ALA A 11 -7.37 -13.39 -1.94
N ARG A 12 -7.67 -12.29 -2.62
CA ARG A 12 -8.49 -12.33 -3.81
C ARG A 12 -7.84 -13.21 -4.87
N ALA A 13 -6.55 -12.99 -5.10
CA ALA A 13 -5.79 -13.76 -6.08
C ALA A 13 -5.22 -15.02 -5.44
N SER A 14 -4.75 -14.88 -4.21
CA SER A 14 -4.18 -16.00 -3.47
C SER A 14 -5.28 -16.81 -2.80
N VAL A 15 -6.52 -16.42 -3.06
CA VAL A 15 -7.67 -17.10 -2.48
C VAL A 15 -7.66 -17.00 -0.96
N ILE A 16 -6.71 -17.70 -0.33
CA ILE A 16 -6.58 -17.69 1.13
C ILE A 16 -5.35 -16.90 1.55
N GLY A 17 -5.51 -16.05 2.55
CA GLY A 17 -4.40 -15.24 3.04
C GLY A 17 -3.19 -16.10 3.33
N LYS A 18 -2.01 -15.51 3.17
CA LYS A 18 -0.77 -16.23 3.41
C LYS A 18 0.39 -15.25 3.63
N PRO A 19 0.48 -14.68 4.81
CA PRO A 19 1.57 -13.71 5.14
C PRO A 19 2.95 -14.30 4.95
N ILE A 20 3.89 -13.47 4.51
CA ILE A 20 5.25 -13.92 4.29
C ILE A 20 5.95 -14.24 5.61
N GLY A 21 6.93 -15.13 5.55
CA GLY A 21 7.68 -15.51 6.73
C GLY A 21 8.74 -14.48 7.06
N GLU A 22 9.14 -14.42 8.33
CA GLU A 22 10.16 -13.48 8.81
C GLU A 22 9.57 -12.07 8.95
N SER A 23 10.38 -11.15 9.46
CA SER A 23 9.93 -9.77 9.66
C SER A 23 9.59 -9.12 8.32
N TYR A 24 10.11 -9.71 7.24
CA TYR A 24 9.84 -9.18 5.91
C TYR A 24 8.34 -8.90 5.74
N LYS A 25 7.54 -9.40 6.66
CA LYS A 25 6.10 -9.19 6.63
C LYS A 25 5.75 -7.81 7.15
N ARG A 26 6.78 -7.02 7.45
CA ARG A 26 6.58 -5.68 7.95
C ARG A 26 5.92 -4.81 6.91
N ILE A 27 6.33 -4.96 5.66
CA ILE A 27 5.77 -4.18 4.58
C ILE A 27 4.28 -4.47 4.45
N LEU A 28 3.92 -5.74 4.54
CA LEU A 28 2.52 -6.15 4.45
C LEU A 28 1.76 -5.70 5.71
N ALA A 29 2.44 -5.77 6.86
CA ALA A 29 1.82 -5.39 8.12
C ALA A 29 1.38 -3.92 8.10
N LYS A 30 2.03 -3.12 7.25
CA LYS A 30 1.70 -1.70 7.15
C LYS A 30 0.25 -1.52 6.72
N LEU A 31 -0.22 -2.41 5.87
CA LEU A 31 -1.59 -2.32 5.38
C LEU A 31 -2.55 -2.14 6.56
N GLN A 32 -2.24 -2.81 7.67
CA GLN A 32 -3.08 -2.71 8.86
C GLN A 32 -3.11 -1.26 9.36
N ARG A 33 -1.92 -0.69 9.58
CA ARG A 33 -1.83 0.69 10.05
C ARG A 33 -2.36 1.66 9.00
N ILE A 34 -2.02 1.42 7.75
CA ILE A 34 -2.47 2.28 6.67
C ILE A 34 -3.98 2.23 6.56
N HIS A 35 -4.54 1.02 6.64
CA HIS A 35 -5.99 0.85 6.54
C HIS A 35 -6.71 1.61 7.65
N ASN A 36 -6.32 1.34 8.90
CA ASN A 36 -6.93 2.02 10.04
C ASN A 36 -6.48 3.47 10.13
N SER A 37 -5.18 3.68 9.93
CA SER A 37 -4.60 5.03 9.99
C SER A 37 -4.66 5.70 8.62
N ASN A 38 -5.48 5.16 7.73
CA ASN A 38 -5.61 5.71 6.39
C ASN A 38 -5.83 7.21 6.48
N ILE A 39 -5.36 7.94 5.45
CA ILE A 39 -5.50 9.41 5.41
C ILE A 39 -5.47 10.02 6.81
N LEU A 40 -4.47 9.65 7.60
CA LEU A 40 -4.34 10.17 8.97
C LEU A 40 -3.13 11.08 9.05
N ASP A 41 -3.36 12.30 9.53
CA ASP A 41 -2.27 13.28 9.66
C ASP A 41 -1.03 12.66 10.28
N GLU A 42 -1.25 11.80 11.26
CA GLU A 42 -0.14 11.13 11.91
C GLU A 42 0.53 10.13 10.97
N ARG A 43 -0.28 9.46 10.16
CA ARG A 43 0.25 8.46 9.22
C ARG A 43 0.67 9.11 7.90
N GLN A 44 0.15 10.31 7.62
CA GLN A 44 0.48 11.01 6.38
C GLN A 44 1.97 10.90 6.09
N GLY A 45 2.78 10.96 7.16
CA GLY A 45 4.23 10.87 6.99
C GLY A 45 4.63 9.46 6.57
N LEU A 46 4.07 8.46 7.26
CA LEU A 46 4.39 7.08 6.95
C LEU A 46 3.89 6.72 5.55
N MET A 47 2.68 7.18 5.21
CA MET A 47 2.10 6.90 3.91
C MET A 47 3.04 7.36 2.79
N HIS A 48 3.58 8.57 2.95
CA HIS A 48 4.49 9.11 1.94
C HIS A 48 5.79 8.31 1.92
N GLU A 49 6.34 8.04 3.11
CA GLU A 49 7.58 7.28 3.21
C GLU A 49 7.37 5.84 2.76
N LEU A 50 6.15 5.35 2.96
CA LEU A 50 5.82 3.99 2.56
C LEU A 50 5.96 3.81 1.06
N MET A 51 5.55 4.83 0.32
CA MET A 51 5.63 4.79 -1.14
C MET A 51 7.04 4.44 -1.58
N GLU A 52 8.03 5.10 -1.00
CA GLU A 52 9.41 4.84 -1.35
C GLU A 52 9.82 3.44 -0.88
N LEU A 53 9.36 3.06 0.31
CA LEU A 53 9.69 1.75 0.85
C LEU A 53 9.12 0.64 -0.03
N ILE A 54 7.87 0.81 -0.46
CA ILE A 54 7.23 -0.18 -1.31
C ILE A 54 7.96 -0.29 -2.65
N ASP A 55 8.30 0.85 -3.23
CA ASP A 55 8.98 0.87 -4.51
C ASP A 55 10.37 0.25 -4.40
N LEU A 56 11.02 0.46 -3.25
CA LEU A 56 12.35 -0.07 -3.04
C LEU A 56 12.35 -1.61 -3.10
N TYR A 57 11.35 -2.21 -2.45
CA TYR A 57 11.24 -3.67 -2.45
C TYR A 57 10.60 -4.15 -3.74
N GLU A 58 9.39 -3.69 -4.02
CA GLU A 58 8.67 -4.06 -5.23
C GLU A 58 9.61 -4.05 -6.43
N GLU A 59 10.73 -3.37 -6.30
CA GLU A 59 11.69 -3.32 -7.40
C GLU A 59 12.37 -4.68 -7.58
N SER A 60 13.01 -5.16 -6.51
CA SER A 60 13.72 -6.46 -6.54
C SER A 60 12.84 -7.64 -6.09
N GLN A 61 11.71 -7.34 -5.47
CA GLN A 61 10.81 -8.39 -4.96
C GLN A 61 10.21 -9.23 -6.10
N PRO A 62 9.85 -8.62 -7.20
CA PRO A 62 9.27 -9.31 -8.36
C PRO A 62 10.29 -9.50 -9.50
N SER A 63 10.93 -10.66 -9.47
CA SER A 63 11.93 -11.03 -10.46
C SER A 63 11.25 -11.46 -11.75
N SER A 64 9.91 -11.50 -11.72
CA SER A 64 9.13 -11.90 -12.90
C SER A 64 8.29 -10.74 -13.42
N GLU A 65 8.72 -9.52 -13.09
CA GLU A 65 8.00 -8.33 -13.54
C GLU A 65 6.55 -8.36 -13.07
N ARG A 66 6.33 -8.87 -11.86
CA ARG A 66 4.98 -8.97 -11.30
C ARG A 66 4.54 -7.65 -10.67
N LEU A 67 5.49 -6.77 -10.40
CA LEU A 67 5.17 -5.48 -9.77
C LEU A 67 3.92 -4.88 -10.40
N ASN A 68 3.63 -5.27 -11.64
CA ASN A 68 2.46 -4.76 -12.33
C ASN A 68 1.24 -4.81 -11.42
N ALA A 69 1.23 -5.79 -10.51
CA ALA A 69 0.11 -5.94 -9.57
C ALA A 69 0.31 -5.03 -8.35
N PHE A 70 1.52 -5.05 -7.78
CA PHE A 70 1.84 -4.23 -6.61
C PHE A 70 1.76 -2.75 -6.96
N ARG A 71 2.16 -2.41 -8.17
CA ARG A 71 2.15 -1.02 -8.61
C ARG A 71 0.79 -0.39 -8.29
N GLU A 72 -0.22 -1.24 -8.17
CA GLU A 72 -1.55 -0.75 -7.85
C GLU A 72 -1.53 -0.10 -6.46
N LEU A 73 -0.87 -0.76 -5.51
CA LEU A 73 -0.75 -0.23 -4.16
C LEU A 73 0.09 1.03 -4.17
N ARG A 74 1.09 1.07 -5.05
CA ARG A 74 1.98 2.21 -5.14
C ARG A 74 1.17 3.46 -5.48
N THR A 75 0.25 3.29 -6.42
CA THR A 75 -0.61 4.39 -6.83
C THR A 75 -1.47 4.83 -5.66
N GLN A 76 -1.96 3.86 -4.90
CA GLN A 76 -2.81 4.16 -3.76
C GLN A 76 -2.13 5.15 -2.83
N LEU A 77 -0.85 4.89 -2.52
CA LEU A 77 -0.09 5.77 -1.64
C LEU A 77 0.08 7.13 -2.31
N GLU A 78 0.33 7.11 -3.62
CA GLU A 78 0.50 8.34 -4.37
C GLU A 78 -0.79 9.14 -4.39
N LYS A 79 -1.91 8.43 -4.51
CA LYS A 79 -3.22 9.07 -4.53
C LYS A 79 -3.51 9.71 -3.19
N ALA A 80 -3.15 9.00 -2.13
CA ALA A 80 -3.37 9.50 -0.78
C ALA A 80 -2.61 10.80 -0.57
N LEU A 81 -1.44 10.90 -1.18
CA LEU A 81 -0.62 12.10 -1.05
C LEU A 81 -1.37 13.30 -1.62
N GLY A 82 -2.01 13.10 -2.76
CA GLY A 82 -2.77 14.18 -3.39
C GLY A 82 -3.93 14.61 -2.51
N LEU A 83 -4.37 13.70 -1.64
CA LEU A 83 -5.47 13.99 -0.73
C LEU A 83 -6.70 14.48 -1.50
N GLU A 84 -6.61 14.45 -2.82
CA GLU A 84 -7.72 14.88 -3.67
C GLU A 84 -8.89 13.90 -3.55
N HIS A 85 -10.10 14.44 -3.53
CA HIS A 85 -11.30 13.60 -3.42
C HIS A 85 -12.50 14.31 -4.02
N HIS A 86 -12.30 15.56 -4.43
CA HIS A 86 -13.37 16.35 -5.03
C HIS A 86 -12.80 17.43 -5.93
N HIS A 87 -13.64 18.00 -6.78
CA HIS A 87 -13.21 19.06 -7.71
C HIS A 87 -13.77 20.41 -7.26
N HIS A 88 -12.89 21.26 -6.73
CA HIS A 88 -13.30 22.58 -6.27
C HIS A 88 -12.12 23.54 -6.22
N HIS A 89 -12.41 24.83 -6.09
CA HIS A 89 -11.36 25.85 -6.04
C HIS A 89 -11.82 27.03 -5.17
N HIS A 90 -10.86 27.74 -4.58
CA HIS A 90 -11.17 28.88 -3.72
C HIS A 90 -9.94 29.74 -3.51
N MET A 1 -13.39 0.93 1.46
CA MET A 1 -12.44 1.56 2.40
C MET A 1 -11.84 2.81 1.76
N GLY A 2 -11.10 2.62 0.67
CA GLY A 2 -10.49 3.74 -0.05
C GLY A 2 -9.30 3.26 -0.88
N VAL A 3 -8.30 2.71 -0.21
CA VAL A 3 -7.09 2.21 -0.88
C VAL A 3 -6.86 0.74 -0.57
N TRP A 4 -6.61 -0.05 -1.62
CA TRP A 4 -6.37 -1.48 -1.44
C TRP A 4 -4.88 -1.75 -1.22
N THR A 5 -4.60 -2.66 -0.31
CA THR A 5 -3.22 -3.02 0.04
C THR A 5 -3.21 -4.11 1.11
N PRO A 6 -4.05 -4.00 2.11
CA PRO A 6 -4.12 -4.99 3.22
C PRO A 6 -4.36 -6.40 2.71
N GLU A 7 -4.06 -7.40 3.54
CA GLU A 7 -4.23 -8.79 3.17
C GLU A 7 -5.55 -8.98 2.42
N VAL A 8 -6.45 -8.02 2.57
CA VAL A 8 -7.74 -8.06 1.90
C VAL A 8 -7.52 -8.08 0.39
N LEU A 9 -6.62 -7.22 -0.08
CA LEU A 9 -6.33 -7.16 -1.51
C LEU A 9 -5.78 -8.50 -1.99
N LYS A 10 -4.83 -9.04 -1.23
CA LYS A 10 -4.23 -10.32 -1.60
C LYS A 10 -5.29 -11.42 -1.55
N ALA A 11 -6.09 -11.40 -0.49
CA ALA A 11 -7.15 -12.39 -0.34
C ALA A 11 -8.20 -12.19 -1.42
N ARG A 12 -8.46 -10.93 -1.76
CA ARG A 12 -9.46 -10.62 -2.77
C ARG A 12 -9.07 -11.24 -4.10
N ALA A 13 -7.80 -11.12 -4.46
CA ALA A 13 -7.31 -11.66 -5.72
C ALA A 13 -6.99 -13.15 -5.56
N SER A 14 -6.37 -13.48 -4.43
CA SER A 14 -6.00 -14.86 -4.15
C SER A 14 -7.15 -15.59 -3.47
N VAL A 15 -8.32 -14.96 -3.45
CA VAL A 15 -9.51 -15.54 -2.83
C VAL A 15 -9.35 -15.62 -1.32
N ILE A 16 -8.19 -16.11 -0.88
CA ILE A 16 -7.91 -16.24 0.55
C ILE A 16 -6.47 -15.82 0.84
N GLY A 17 -6.30 -14.93 1.81
CA GLY A 17 -4.97 -14.46 2.19
C GLY A 17 -4.30 -15.44 3.14
N LYS A 18 -3.01 -15.68 2.95
CA LYS A 18 -2.27 -16.59 3.81
C LYS A 18 -0.77 -16.30 3.72
N PRO A 19 -0.39 -15.06 3.94
CA PRO A 19 1.04 -14.64 3.89
C PRO A 19 1.85 -15.23 5.04
N ILE A 20 3.16 -15.31 4.87
CA ILE A 20 4.05 -15.85 5.88
C ILE A 20 4.30 -14.83 6.98
N GLY A 21 4.34 -15.30 8.23
CA GLY A 21 4.57 -14.41 9.36
C GLY A 21 6.05 -14.16 9.56
N GLU A 22 6.47 -12.91 9.35
CA GLU A 22 7.87 -12.55 9.52
C GLU A 22 8.08 -11.07 9.17
N SER A 23 9.33 -10.63 9.22
CA SER A 23 9.67 -9.26 8.90
C SER A 23 9.26 -8.93 7.47
N TYR A 24 9.45 -9.88 6.57
CA TYR A 24 9.10 -9.68 5.17
C TYR A 24 7.62 -9.32 5.05
N LYS A 25 6.84 -9.64 6.07
CA LYS A 25 5.40 -9.34 6.08
C LYS A 25 5.15 -7.99 6.74
N ARG A 26 6.18 -7.44 7.35
CA ARG A 26 6.05 -6.15 8.02
C ARG A 26 5.63 -5.08 7.01
N ILE A 27 5.95 -5.33 5.74
CA ILE A 27 5.62 -4.37 4.70
C ILE A 27 4.10 -4.23 4.56
N LEU A 28 3.44 -5.35 4.31
CA LEU A 28 1.98 -5.35 4.17
C LEU A 28 1.31 -4.92 5.47
N ALA A 29 1.83 -5.41 6.59
CA ALA A 29 1.27 -5.08 7.89
C ALA A 29 1.40 -3.58 8.17
N LYS A 30 2.43 -2.96 7.57
CA LYS A 30 2.66 -1.54 7.77
C LYS A 30 1.48 -0.74 7.25
N LEU A 31 0.87 -1.20 6.16
CA LEU A 31 -0.27 -0.51 5.57
C LEU A 31 -1.43 -0.48 6.56
N GLN A 32 -1.59 -1.57 7.31
CA GLN A 32 -2.68 -1.65 8.29
C GLN A 32 -2.79 -0.34 9.07
N ARG A 33 -1.65 0.17 9.53
CA ARG A 33 -1.64 1.42 10.28
C ARG A 33 -2.01 2.58 9.36
N ILE A 34 -1.49 2.56 8.13
CA ILE A 34 -1.78 3.61 7.17
C ILE A 34 -3.29 3.72 6.94
N HIS A 35 -3.97 2.58 6.96
CA HIS A 35 -5.41 2.57 6.75
C HIS A 35 -6.11 3.44 7.81
N ASN A 36 -5.77 3.21 9.08
CA ASN A 36 -6.35 3.97 10.17
C ASN A 36 -5.93 5.44 10.10
N SER A 37 -4.65 5.66 9.80
CA SER A 37 -4.10 7.02 9.71
C SER A 37 -4.07 7.48 8.26
N ASN A 38 -4.87 6.85 7.42
CA ASN A 38 -4.90 7.20 6.00
C ASN A 38 -4.95 8.71 5.82
N ILE A 39 -3.95 9.24 5.14
CA ILE A 39 -3.88 10.67 4.89
C ILE A 39 -3.90 11.44 6.21
N LEU A 40 -2.87 11.23 7.04
CA LEU A 40 -2.78 11.92 8.34
C LEU A 40 -1.56 12.83 8.36
N ASP A 41 -1.68 13.94 9.08
CA ASP A 41 -0.58 14.90 9.18
C ASP A 41 0.68 14.22 9.70
N GLU A 42 0.53 13.40 10.72
CA GLU A 42 1.68 12.71 11.29
C GLU A 42 2.18 11.61 10.35
N ARG A 43 1.26 10.80 9.84
CA ARG A 43 1.61 9.71 8.93
C ARG A 43 1.96 10.23 7.54
N GLN A 44 1.54 11.46 7.25
CA GLN A 44 1.83 12.05 5.96
C GLN A 44 3.32 11.94 5.64
N GLY A 45 4.15 12.05 6.67
CA GLY A 45 5.59 11.95 6.49
C GLY A 45 5.95 10.56 6.00
N LEU A 46 5.43 9.55 6.69
CA LEU A 46 5.70 8.17 6.31
C LEU A 46 5.09 7.87 4.95
N MET A 47 3.89 8.39 4.72
CA MET A 47 3.19 8.14 3.46
C MET A 47 4.09 8.49 2.29
N HIS A 48 4.78 9.62 2.38
CA HIS A 48 5.68 10.03 1.31
C HIS A 48 6.88 9.08 1.22
N GLU A 49 7.45 8.74 2.37
CA GLU A 49 8.59 7.83 2.41
C GLU A 49 8.16 6.40 2.11
N LEU A 50 6.88 6.13 2.29
CA LEU A 50 6.35 4.79 2.04
C LEU A 50 6.60 4.39 0.59
N MET A 51 6.44 5.35 -0.31
CA MET A 51 6.65 5.09 -1.73
C MET A 51 8.08 4.60 -1.95
N GLU A 52 9.03 5.22 -1.28
CA GLU A 52 10.44 4.84 -1.42
C GLU A 52 10.68 3.45 -0.83
N LEU A 53 10.05 3.19 0.32
CA LEU A 53 10.21 1.91 0.99
C LEU A 53 9.66 0.79 0.12
N ILE A 54 8.52 1.03 -0.51
CA ILE A 54 7.90 0.03 -1.36
C ILE A 54 8.79 -0.25 -2.57
N ASP A 55 9.61 0.72 -2.95
CA ASP A 55 10.51 0.56 -4.07
C ASP A 55 11.59 -0.46 -3.75
N LEU A 56 11.99 -0.49 -2.49
CA LEU A 56 13.03 -1.42 -2.06
C LEU A 56 12.59 -2.87 -2.24
N TYR A 57 11.33 -3.15 -1.94
CA TYR A 57 10.79 -4.50 -2.06
C TYR A 57 10.28 -4.76 -3.48
N GLU A 58 9.52 -3.81 -4.02
CA GLU A 58 8.97 -3.95 -5.37
C GLU A 58 9.99 -4.55 -6.33
N GLU A 59 11.26 -4.47 -5.96
CA GLU A 59 12.30 -5.02 -6.82
C GLU A 59 12.34 -6.56 -6.69
N SER A 60 12.35 -7.06 -5.45
CA SER A 60 12.40 -8.49 -5.18
C SER A 60 11.02 -9.09 -4.94
N GLN A 61 10.03 -8.24 -4.63
CA GLN A 61 8.66 -8.69 -4.35
C GLN A 61 8.02 -9.35 -5.58
N PRO A 62 8.23 -8.81 -6.74
CA PRO A 62 7.66 -9.35 -7.99
C PRO A 62 8.71 -10.11 -8.80
N SER A 63 8.75 -11.42 -8.54
CA SER A 63 9.66 -12.32 -9.22
C SER A 63 9.04 -12.81 -10.51
N SER A 64 7.73 -12.57 -10.67
CA SER A 64 7.00 -12.98 -11.87
C SER A 64 6.50 -11.77 -12.65
N GLU A 65 7.22 -10.66 -12.53
CA GLU A 65 6.85 -9.42 -13.22
C GLU A 65 5.46 -8.96 -12.79
N ARG A 66 5.13 -9.24 -11.54
CA ARG A 66 3.83 -8.86 -11.00
C ARG A 66 3.82 -7.39 -10.60
N LEU A 67 5.00 -6.78 -10.53
CA LEU A 67 5.10 -5.37 -10.15
C LEU A 67 3.99 -4.56 -10.81
N ASN A 68 3.44 -5.09 -11.90
CA ASN A 68 2.37 -4.41 -12.62
C ASN A 68 1.18 -4.22 -11.69
N ALA A 69 0.86 -5.23 -10.90
CA ALA A 69 -0.25 -5.16 -9.97
C ALA A 69 0.08 -4.20 -8.82
N PHE A 70 1.34 -4.28 -8.36
CA PHE A 70 1.80 -3.43 -7.27
C PHE A 70 1.84 -1.97 -7.70
N ARG A 71 2.20 -1.73 -8.96
CA ARG A 71 2.29 -0.38 -9.49
C ARG A 71 1.04 0.40 -9.11
N GLU A 72 -0.03 -0.33 -8.79
CA GLU A 72 -1.28 0.32 -8.39
C GLU A 72 -1.07 1.03 -7.05
N LEU A 73 -0.33 0.38 -6.16
CA LEU A 73 -0.05 0.97 -4.85
C LEU A 73 0.77 2.24 -5.00
N ARG A 74 1.76 2.19 -5.88
CA ARG A 74 2.61 3.35 -6.12
C ARG A 74 1.76 4.54 -6.51
N THR A 75 0.75 4.29 -7.33
CA THR A 75 -0.15 5.34 -7.76
C THR A 75 -0.90 5.93 -6.57
N GLN A 76 -1.38 5.06 -5.69
CA GLN A 76 -2.12 5.51 -4.51
C GLN A 76 -1.26 6.45 -3.68
N LEU A 77 -0.04 6.03 -3.38
CA LEU A 77 0.88 6.86 -2.61
C LEU A 77 1.21 8.12 -3.39
N GLU A 78 1.39 7.98 -4.70
CA GLU A 78 1.71 9.12 -5.54
C GLU A 78 0.56 10.13 -5.51
N LYS A 79 -0.66 9.64 -5.66
CA LYS A 79 -1.83 10.51 -5.63
C LYS A 79 -2.00 11.10 -4.25
N ALA A 80 -1.78 10.29 -3.23
CA ALA A 80 -1.93 10.76 -1.85
C ALA A 80 -0.94 11.88 -1.59
N LEU A 81 0.25 11.78 -2.18
CA LEU A 81 1.27 12.81 -1.98
C LEU A 81 0.77 14.14 -2.53
N GLY A 82 0.14 14.10 -3.69
CA GLY A 82 -0.38 15.32 -4.31
C GLY A 82 -1.64 15.77 -3.60
N LEU A 83 -1.92 15.15 -2.46
CA LEU A 83 -3.11 15.49 -1.68
C LEU A 83 -4.37 15.31 -2.51
N GLU A 84 -4.42 14.22 -3.28
CA GLU A 84 -5.58 13.94 -4.12
C GLU A 84 -6.42 12.82 -3.49
N HIS A 85 -7.66 13.15 -3.15
CA HIS A 85 -8.58 12.17 -2.54
C HIS A 85 -9.96 12.29 -3.16
N HIS A 86 -10.05 13.00 -4.29
CA HIS A 86 -11.32 13.18 -4.97
C HIS A 86 -12.36 13.79 -4.03
N HIS A 87 -12.42 15.11 -4.01
CA HIS A 87 -13.38 15.81 -3.15
C HIS A 87 -14.80 15.66 -3.70
N HIS A 88 -15.75 15.41 -2.79
CA HIS A 88 -17.16 15.23 -3.18
C HIS A 88 -18.04 16.28 -2.51
N HIS A 89 -19.02 16.79 -3.26
CA HIS A 89 -19.93 17.80 -2.74
C HIS A 89 -20.98 17.17 -1.82
N HIS A 90 -21.17 17.76 -0.65
CA HIS A 90 -22.15 17.24 0.31
C HIS A 90 -23.56 17.38 -0.26
N MET A 1 -13.35 7.68 -2.29
CA MET A 1 -14.12 6.49 -1.82
C MET A 1 -13.25 5.67 -0.87
N GLY A 2 -12.12 5.17 -1.39
CA GLY A 2 -11.22 4.37 -0.58
C GLY A 2 -10.12 3.77 -1.45
N VAL A 3 -9.27 2.95 -0.84
CA VAL A 3 -8.16 2.31 -1.57
C VAL A 3 -8.04 0.84 -1.15
N TRP A 4 -7.72 -0.01 -2.13
CA TRP A 4 -7.58 -1.44 -1.87
C TRP A 4 -6.16 -1.74 -1.40
N THR A 5 -6.06 -2.59 -0.40
CA THR A 5 -4.77 -2.98 0.18
C THR A 5 -4.98 -3.88 1.39
N PRO A 6 -5.88 -3.52 2.27
CA PRO A 6 -6.16 -4.31 3.51
C PRO A 6 -6.36 -5.79 3.20
N GLU A 7 -6.66 -6.57 4.24
CA GLU A 7 -6.87 -8.00 4.07
C GLU A 7 -7.69 -8.27 2.81
N VAL A 8 -8.40 -7.25 2.34
CA VAL A 8 -9.21 -7.38 1.15
C VAL A 8 -8.32 -7.78 -0.02
N LEU A 9 -7.15 -7.15 -0.13
CA LEU A 9 -6.24 -7.46 -1.22
C LEU A 9 -5.77 -8.91 -1.10
N LYS A 10 -5.36 -9.29 0.10
CA LYS A 10 -4.89 -10.65 0.34
C LYS A 10 -6.03 -11.64 0.12
N ALA A 11 -7.26 -11.18 0.36
CA ALA A 11 -8.42 -12.04 0.18
C ALA A 11 -8.30 -12.83 -1.11
N ARG A 12 -7.98 -12.13 -2.20
CA ARG A 12 -7.82 -12.77 -3.50
C ARG A 12 -6.62 -13.70 -3.47
N ALA A 13 -5.56 -13.27 -2.78
CA ALA A 13 -4.35 -14.05 -2.65
C ALA A 13 -4.55 -15.14 -1.61
N SER A 14 -5.73 -15.18 -1.02
CA SER A 14 -6.04 -16.17 0.01
C SER A 14 -6.03 -17.57 -0.59
N VAL A 15 -5.98 -17.63 -1.92
CA VAL A 15 -5.96 -18.92 -2.62
C VAL A 15 -4.73 -19.72 -2.20
N ILE A 16 -3.58 -19.05 -2.16
CA ILE A 16 -2.32 -19.70 -1.78
C ILE A 16 -1.67 -18.94 -0.63
N GLY A 17 -1.36 -19.66 0.45
CA GLY A 17 -0.74 -19.04 1.61
C GLY A 17 0.70 -18.66 1.30
N LYS A 18 1.17 -17.61 1.95
CA LYS A 18 2.53 -17.13 1.75
C LYS A 18 2.87 -16.04 2.76
N PRO A 19 2.71 -16.32 4.03
CA PRO A 19 3.00 -15.33 5.11
C PRO A 19 4.48 -15.00 5.20
N ILE A 20 4.80 -13.72 5.08
CA ILE A 20 6.19 -13.26 5.14
C ILE A 20 6.59 -13.01 6.60
N GLY A 21 7.88 -12.79 6.82
CA GLY A 21 8.38 -12.54 8.17
C GLY A 21 7.49 -11.56 8.91
N GLU A 22 7.42 -11.69 10.22
CA GLU A 22 6.58 -10.81 11.03
C GLU A 22 7.01 -9.36 10.88
N SER A 23 8.31 -9.11 10.92
CA SER A 23 8.83 -7.75 10.80
C SER A 23 8.43 -7.16 9.45
N TYR A 24 8.64 -7.92 8.38
CA TYR A 24 8.29 -7.46 7.05
C TYR A 24 6.77 -7.40 6.90
N LYS A 25 6.08 -8.37 7.48
CA LYS A 25 4.63 -8.42 7.40
C LYS A 25 4.02 -7.14 7.96
N ARG A 26 4.86 -6.35 8.61
CA ARG A 26 4.40 -5.09 9.18
C ARG A 26 3.81 -4.21 8.09
N ILE A 27 4.36 -4.32 6.89
CA ILE A 27 3.88 -3.50 5.78
C ILE A 27 2.44 -3.83 5.47
N LEU A 28 2.13 -5.13 5.39
CA LEU A 28 0.78 -5.57 5.11
C LEU A 28 -0.16 -5.18 6.25
N ALA A 29 0.31 -5.39 7.48
CA ALA A 29 -0.49 -5.05 8.65
C ALA A 29 -0.70 -3.55 8.75
N LYS A 30 0.31 -2.80 8.33
CA LYS A 30 0.24 -1.35 8.37
C LYS A 30 -0.95 -0.85 7.54
N LEU A 31 -1.25 -1.55 6.46
CA LEU A 31 -2.36 -1.17 5.61
C LEU A 31 -3.59 -0.86 6.44
N GLN A 32 -3.80 -1.63 7.49
CA GLN A 32 -4.94 -1.42 8.36
C GLN A 32 -4.90 0.00 8.94
N ARG A 33 -3.72 0.43 9.34
CA ARG A 33 -3.55 1.77 9.91
C ARG A 33 -3.82 2.82 8.84
N ILE A 34 -3.33 2.57 7.62
CA ILE A 34 -3.53 3.49 6.52
C ILE A 34 -5.01 3.70 6.26
N HIS A 35 -5.79 2.64 6.41
CA HIS A 35 -7.22 2.74 6.18
C HIS A 35 -7.85 3.79 7.11
N ASN A 36 -7.55 3.69 8.40
CA ASN A 36 -8.08 4.65 9.37
C ASN A 36 -7.49 6.04 9.14
N SER A 37 -6.19 6.08 8.88
CA SER A 37 -5.48 7.34 8.64
C SER A 37 -5.35 7.61 7.16
N ASN A 38 -6.22 6.98 6.37
CA ASN A 38 -6.17 7.16 4.91
C ASN A 38 -6.18 8.63 4.56
N ILE A 39 -5.11 9.08 3.91
CA ILE A 39 -5.00 10.48 3.50
C ILE A 39 -5.08 11.42 4.70
N LEU A 40 -4.16 11.27 5.65
CA LEU A 40 -4.14 12.12 6.85
C LEU A 40 -2.87 12.96 6.87
N ASP A 41 -3.04 14.26 7.02
CA ASP A 41 -1.89 15.17 7.05
C ASP A 41 -0.79 14.60 7.93
N GLU A 42 -1.17 13.68 8.81
CA GLU A 42 -0.19 13.06 9.70
C GLU A 42 0.53 11.89 9.02
N ARG A 43 -0.25 10.91 8.57
CA ARG A 43 0.31 9.74 7.90
C ARG A 43 0.65 10.04 6.45
N GLN A 44 0.06 11.10 5.91
CA GLN A 44 0.32 11.49 4.53
C GLN A 44 1.81 11.45 4.24
N GLY A 45 2.61 11.80 5.23
CA GLY A 45 4.06 11.80 5.06
C GLY A 45 4.56 10.37 4.90
N LEU A 46 3.91 9.45 5.61
CA LEU A 46 4.32 8.05 5.55
C LEU A 46 4.14 7.52 4.12
N MET A 47 3.01 7.87 3.50
CA MET A 47 2.73 7.42 2.15
C MET A 47 3.97 7.55 1.26
N HIS A 48 4.70 8.63 1.44
CA HIS A 48 5.91 8.86 0.65
C HIS A 48 6.90 7.73 0.86
N GLU A 49 7.14 7.39 2.13
CA GLU A 49 8.07 6.32 2.46
C GLU A 49 7.47 4.97 2.08
N LEU A 50 6.15 4.87 2.19
CA LEU A 50 5.45 3.63 1.86
C LEU A 50 5.60 3.32 0.38
N MET A 51 5.54 4.34 -0.45
CA MET A 51 5.64 4.15 -1.89
C MET A 51 6.96 3.47 -2.26
N GLU A 52 8.05 4.02 -1.76
CA GLU A 52 9.37 3.45 -2.05
C GLU A 52 9.55 2.12 -1.33
N LEU A 53 9.02 2.04 -0.11
CA LEU A 53 9.14 0.83 0.68
C LEU A 53 8.41 -0.33 0.00
N ILE A 54 7.23 -0.04 -0.53
CA ILE A 54 6.44 -1.06 -1.20
C ILE A 54 7.18 -1.59 -2.43
N ASP A 55 7.77 -0.70 -3.19
CA ASP A 55 8.48 -1.09 -4.40
C ASP A 55 9.64 -2.00 -4.04
N LEU A 56 10.43 -1.58 -3.06
CA LEU A 56 11.57 -2.37 -2.65
C LEU A 56 11.14 -3.71 -2.07
N TYR A 57 10.11 -3.68 -1.24
CA TYR A 57 9.62 -4.90 -0.60
C TYR A 57 8.99 -5.82 -1.65
N GLU A 58 8.16 -5.24 -2.52
CA GLU A 58 7.50 -6.02 -3.54
C GLU A 58 8.49 -6.43 -4.62
N GLU A 59 9.15 -5.46 -5.24
CA GLU A 59 10.11 -5.73 -6.30
C GLU A 59 11.00 -6.93 -5.96
N SER A 60 11.00 -7.31 -4.69
CA SER A 60 11.79 -8.44 -4.24
C SER A 60 11.21 -9.78 -4.75
N GLN A 61 9.96 -9.79 -5.23
CA GLN A 61 9.31 -11.03 -5.70
C GLN A 61 9.22 -11.09 -7.24
N PRO A 62 8.81 -10.03 -7.88
CA PRO A 62 8.71 -9.97 -9.35
C PRO A 62 9.89 -9.24 -9.99
N SER A 63 10.95 -10.02 -10.22
CA SER A 63 12.17 -9.52 -10.84
C SER A 63 12.04 -9.62 -12.36
N SER A 64 10.98 -10.31 -12.81
CA SER A 64 10.73 -10.48 -14.24
C SER A 64 10.00 -9.28 -14.80
N GLU A 65 10.22 -8.12 -14.20
CA GLU A 65 9.57 -6.88 -14.64
C GLU A 65 8.05 -7.00 -14.47
N ARG A 66 7.62 -7.94 -13.64
CA ARG A 66 6.20 -8.15 -13.40
C ARG A 66 5.68 -7.16 -12.35
N LEU A 67 6.61 -6.54 -11.62
CA LEU A 67 6.26 -5.56 -10.59
C LEU A 67 5.12 -4.66 -11.09
N ASN A 68 4.95 -4.60 -12.41
CA ASN A 68 3.91 -3.79 -13.00
C ASN A 68 2.58 -4.06 -12.30
N ALA A 69 2.49 -5.21 -11.65
CA ALA A 69 1.27 -5.57 -10.92
C ALA A 69 1.12 -4.73 -9.66
N PHE A 70 2.16 -4.70 -8.84
CA PHE A 70 2.15 -3.92 -7.62
C PHE A 70 2.09 -2.43 -7.95
N ARG A 71 2.73 -2.05 -9.05
CA ARG A 71 2.76 -0.66 -9.46
C ARG A 71 1.36 -0.07 -9.39
N GLU A 72 0.36 -0.94 -9.36
CA GLU A 72 -1.02 -0.49 -9.27
C GLU A 72 -1.24 0.17 -7.92
N LEU A 73 -0.70 -0.45 -6.87
CA LEU A 73 -0.83 0.11 -5.53
C LEU A 73 -0.11 1.44 -5.45
N ARG A 74 1.09 1.50 -6.02
CA ARG A 74 1.88 2.72 -6.01
C ARG A 74 1.09 3.84 -6.69
N THR A 75 0.41 3.49 -7.77
CA THR A 75 -0.38 4.48 -8.49
C THR A 75 -1.42 5.09 -7.56
N GLN A 76 -2.07 4.25 -6.76
CA GLN A 76 -3.09 4.74 -5.84
C GLN A 76 -2.48 5.75 -4.87
N LEU A 77 -1.40 5.36 -4.21
CA LEU A 77 -0.72 6.24 -3.28
C LEU A 77 -0.16 7.45 -4.01
N GLU A 78 0.37 7.22 -5.20
CA GLU A 78 0.93 8.31 -5.99
C GLU A 78 -0.14 9.35 -6.28
N LYS A 79 -1.31 8.89 -6.73
CA LYS A 79 -2.40 9.79 -7.03
C LYS A 79 -2.90 10.46 -5.76
N ALA A 80 -3.03 9.65 -4.70
CA ALA A 80 -3.50 10.17 -3.43
C ALA A 80 -2.48 11.13 -2.84
N LEU A 81 -1.20 10.83 -3.05
CA LEU A 81 -0.13 11.66 -2.54
C LEU A 81 -0.22 13.06 -3.16
N GLY A 82 -0.48 13.09 -4.45
CA GLY A 82 -0.59 14.36 -5.16
C GLY A 82 -1.81 15.13 -4.69
N LEU A 83 -2.51 14.57 -3.69
CA LEU A 83 -3.70 15.20 -3.15
C LEU A 83 -4.75 15.39 -4.24
N GLU A 84 -4.90 14.38 -5.09
CA GLU A 84 -5.87 14.44 -6.18
C GLU A 84 -7.28 14.49 -5.61
N HIS A 85 -8.03 15.54 -5.95
CA HIS A 85 -9.39 15.68 -5.48
C HIS A 85 -9.48 15.33 -3.99
N HIS A 86 -9.30 16.34 -3.13
CA HIS A 86 -9.36 16.13 -1.70
C HIS A 86 -9.71 17.44 -0.98
N HIS A 87 -10.10 17.35 0.28
CA HIS A 87 -10.45 18.52 1.07
C HIS A 87 -10.04 18.36 2.53
N HIS A 88 -9.85 19.48 3.21
CA HIS A 88 -9.45 19.44 4.62
C HIS A 88 -10.53 18.75 5.46
N HIS A 89 -11.78 19.08 5.18
CA HIS A 89 -12.92 18.48 5.90
C HIS A 89 -12.59 18.24 7.37
N HIS A 90 -12.93 19.21 8.22
CA HIS A 90 -12.67 19.08 9.66
C HIS A 90 -13.46 17.91 10.22
N MET A 1 -10.85 7.67 0.27
CA MET A 1 -11.41 6.31 0.47
C MET A 1 -11.21 5.47 -0.79
N GLY A 2 -11.26 4.16 -0.65
CA GLY A 2 -11.09 3.27 -1.79
C GLY A 2 -9.61 3.12 -2.15
N VAL A 3 -8.74 3.55 -1.24
CA VAL A 3 -7.29 3.47 -1.46
C VAL A 3 -6.69 2.34 -0.65
N TRP A 4 -7.55 1.58 0.03
CA TRP A 4 -7.11 0.46 0.84
C TRP A 4 -6.89 -0.79 -0.03
N THR A 5 -5.90 -1.59 0.35
CA THR A 5 -5.60 -2.81 -0.38
C THR A 5 -4.85 -3.79 0.52
N PRO A 6 -5.37 -4.03 1.70
CA PRO A 6 -4.76 -4.96 2.69
C PRO A 6 -4.79 -6.41 2.20
N GLU A 7 -4.31 -7.32 3.03
CA GLU A 7 -4.29 -8.73 2.67
C GLU A 7 -5.62 -9.14 2.05
N VAL A 8 -6.64 -8.32 2.25
CA VAL A 8 -7.97 -8.63 1.72
C VAL A 8 -7.86 -8.92 0.22
N LEU A 9 -7.07 -8.11 -0.48
CA LEU A 9 -6.89 -8.32 -1.90
C LEU A 9 -6.26 -9.67 -2.18
N LYS A 10 -5.24 -10.00 -1.39
CA LYS A 10 -4.55 -11.28 -1.54
C LYS A 10 -5.50 -12.43 -1.21
N ALA A 11 -6.41 -12.18 -0.28
CA ALA A 11 -7.37 -13.20 0.13
C ALA A 11 -8.14 -13.70 -1.08
N ARG A 12 -8.57 -12.78 -1.93
CA ARG A 12 -9.32 -13.15 -3.13
C ARG A 12 -8.43 -13.98 -4.06
N ALA A 13 -7.19 -13.54 -4.25
CA ALA A 13 -6.26 -14.25 -5.11
C ALA A 13 -5.94 -15.61 -4.52
N SER A 14 -5.77 -15.65 -3.20
CA SER A 14 -5.45 -16.88 -2.50
C SER A 14 -6.72 -17.58 -2.04
N VAL A 15 -7.87 -16.98 -2.37
CA VAL A 15 -9.17 -17.53 -2.00
C VAL A 15 -9.36 -17.47 -0.48
N ILE A 16 -8.34 -17.85 0.26
CA ILE A 16 -8.39 -17.84 1.73
C ILE A 16 -7.16 -17.15 2.30
N GLY A 17 -7.27 -16.68 3.54
CA GLY A 17 -6.16 -16.00 4.20
C GLY A 17 -5.02 -16.98 4.48
N LYS A 18 -3.81 -16.58 4.12
CA LYS A 18 -2.64 -17.43 4.35
C LYS A 18 -1.36 -16.66 4.00
N PRO A 19 -1.18 -15.50 4.57
CA PRO A 19 0.03 -14.66 4.31
C PRO A 19 1.31 -15.30 4.84
N ILE A 20 2.42 -15.10 4.13
CA ILE A 20 3.70 -15.67 4.55
C ILE A 20 4.40 -14.72 5.51
N GLY A 21 4.79 -15.23 6.67
CA GLY A 21 5.48 -14.41 7.65
C GLY A 21 6.90 -14.10 7.17
N GLU A 22 7.18 -12.80 6.99
CA GLU A 22 8.50 -12.38 6.53
C GLU A 22 8.55 -10.85 6.40
N SER A 23 9.64 -10.35 5.83
CA SER A 23 9.79 -8.91 5.64
C SER A 23 8.67 -8.37 4.76
N TYR A 24 8.24 -9.18 3.80
CA TYR A 24 7.16 -8.78 2.90
C TYR A 24 5.88 -8.54 3.70
N LYS A 25 5.63 -9.39 4.69
CA LYS A 25 4.46 -9.26 5.52
C LYS A 25 4.53 -7.99 6.36
N ARG A 26 5.75 -7.46 6.52
CA ARG A 26 5.96 -6.26 7.32
C ARG A 26 5.23 -5.07 6.69
N ILE A 27 5.40 -4.90 5.39
CA ILE A 27 4.75 -3.81 4.69
C ILE A 27 3.26 -4.06 4.57
N LEU A 28 2.90 -5.32 4.34
CA LEU A 28 1.50 -5.70 4.21
C LEU A 28 0.74 -5.40 5.50
N ALA A 29 1.36 -5.72 6.63
CA ALA A 29 0.72 -5.47 7.92
C ALA A 29 0.52 -3.98 8.14
N LYS A 30 1.53 -3.20 7.78
CA LYS A 30 1.45 -1.75 7.93
C LYS A 30 0.38 -1.17 7.02
N LEU A 31 0.22 -1.79 5.86
CA LEU A 31 -0.77 -1.32 4.90
C LEU A 31 -2.15 -1.33 5.53
N GLN A 32 -2.43 -2.35 6.32
CA GLN A 32 -3.72 -2.46 6.97
C GLN A 32 -4.00 -1.21 7.81
N ARG A 33 -2.95 -0.69 8.46
CA ARG A 33 -3.10 0.50 9.29
C ARG A 33 -3.57 1.69 8.44
N ILE A 34 -2.97 1.82 7.25
CA ILE A 34 -3.31 2.92 6.36
C ILE A 34 -4.83 3.02 6.22
N HIS A 35 -5.52 1.91 6.41
CA HIS A 35 -6.97 1.90 6.30
C HIS A 35 -7.57 2.87 7.31
N ASN A 36 -7.15 2.76 8.56
CA ASN A 36 -7.64 3.66 9.61
C ASN A 36 -6.89 4.99 9.57
N SER A 37 -5.60 4.92 9.24
CA SER A 37 -4.76 6.12 9.16
C SER A 37 -4.83 6.73 7.76
N ASN A 38 -5.85 6.33 6.99
CA ASN A 38 -5.99 6.83 5.63
C ASN A 38 -5.78 8.34 5.60
N ILE A 39 -4.79 8.77 4.82
CA ILE A 39 -4.47 10.19 4.70
C ILE A 39 -4.59 10.88 6.06
N LEU A 40 -3.65 10.59 6.96
CA LEU A 40 -3.66 11.20 8.30
C LEU A 40 -2.43 12.08 8.47
N ASP A 41 -2.66 13.32 8.93
CA ASP A 41 -1.58 14.26 9.13
C ASP A 41 -0.33 13.58 9.68
N GLU A 42 -0.55 12.66 10.62
CA GLU A 42 0.57 11.93 11.20
C GLU A 42 1.11 10.88 10.23
N ARG A 43 0.21 10.17 9.56
CA ARG A 43 0.61 9.13 8.62
C ARG A 43 1.08 9.73 7.30
N GLN A 44 0.71 10.99 7.05
CA GLN A 44 1.13 11.65 5.82
C GLN A 44 2.61 11.42 5.57
N GLY A 45 3.38 11.34 6.65
CA GLY A 45 4.81 11.11 6.52
C GLY A 45 5.08 9.69 6.05
N LEU A 46 4.45 8.73 6.72
CA LEU A 46 4.63 7.33 6.36
C LEU A 46 4.09 7.07 4.96
N MET A 47 2.92 7.62 4.68
CA MET A 47 2.30 7.44 3.38
C MET A 47 3.27 7.82 2.27
N HIS A 48 3.95 8.93 2.44
CA HIS A 48 4.91 9.39 1.45
C HIS A 48 6.10 8.44 1.37
N GLU A 49 6.57 8.00 2.53
CA GLU A 49 7.70 7.08 2.59
C GLU A 49 7.30 5.72 2.05
N LEU A 50 6.05 5.36 2.27
CA LEU A 50 5.54 4.07 1.82
C LEU A 50 5.60 3.97 0.30
N MET A 51 5.29 5.08 -0.38
CA MET A 51 5.28 5.10 -1.83
C MET A 51 6.66 4.75 -2.40
N GLU A 52 7.68 5.46 -1.93
CA GLU A 52 9.03 5.21 -2.39
C GLU A 52 9.56 3.90 -1.83
N LEU A 53 9.24 3.64 -0.57
CA LEU A 53 9.70 2.43 0.08
C LEU A 53 9.16 1.19 -0.64
N ILE A 54 7.92 1.26 -1.07
CA ILE A 54 7.29 0.14 -1.76
C ILE A 54 8.03 -0.15 -3.06
N ASP A 55 8.33 0.89 -3.83
CA ASP A 55 9.01 0.72 -5.10
C ASP A 55 10.47 0.30 -4.88
N LEU A 56 11.10 0.91 -3.89
CA LEU A 56 12.48 0.58 -3.57
C LEU A 56 12.58 -0.79 -2.92
N TYR A 57 11.52 -1.19 -2.22
CA TYR A 57 11.51 -2.47 -1.54
C TYR A 57 11.12 -3.62 -2.49
N GLU A 58 10.12 -3.36 -3.33
CA GLU A 58 9.65 -4.37 -4.28
C GLU A 58 10.74 -4.68 -5.31
N GLU A 59 11.56 -3.70 -5.60
CA GLU A 59 12.65 -3.88 -6.57
C GLU A 59 13.90 -4.41 -5.90
N SER A 60 13.95 -4.34 -4.58
CA SER A 60 15.14 -4.78 -3.85
C SER A 60 15.59 -6.17 -4.29
N GLN A 61 14.73 -7.16 -4.10
CA GLN A 61 15.04 -8.56 -4.48
C GLN A 61 14.16 -9.01 -5.66
N PRO A 62 12.90 -8.67 -5.62
CA PRO A 62 11.95 -9.05 -6.69
C PRO A 62 11.69 -7.91 -7.67
N SER A 63 12.67 -7.70 -8.54
CA SER A 63 12.60 -6.68 -9.58
C SER A 63 11.92 -7.24 -10.84
N SER A 64 11.92 -8.56 -10.97
CA SER A 64 11.30 -9.22 -12.13
C SER A 64 10.14 -10.11 -11.69
N GLU A 65 9.78 -10.02 -10.41
CA GLU A 65 8.69 -10.83 -9.89
C GLU A 65 7.35 -10.26 -10.36
N ARG A 66 6.30 -11.03 -10.15
CA ARG A 66 4.95 -10.63 -10.55
C ARG A 66 4.56 -9.33 -9.86
N LEU A 67 5.31 -8.97 -8.82
CA LEU A 67 5.02 -7.75 -8.08
C LEU A 67 4.75 -6.61 -9.05
N ASN A 68 5.17 -6.77 -10.30
CA ASN A 68 4.95 -5.74 -11.30
C ASN A 68 3.51 -5.24 -11.24
N ALA A 69 2.63 -6.05 -10.66
CA ALA A 69 1.22 -5.68 -10.55
C ALA A 69 1.00 -4.69 -9.40
N PHE A 70 1.95 -4.66 -8.47
CA PHE A 70 1.88 -3.75 -7.34
C PHE A 70 1.53 -2.34 -7.81
N ARG A 71 1.76 -2.09 -9.09
CA ARG A 71 1.49 -0.79 -9.66
C ARG A 71 0.12 -0.30 -9.21
N GLU A 72 -0.76 -1.24 -8.90
CA GLU A 72 -2.09 -0.90 -8.43
C GLU A 72 -2.00 -0.20 -7.10
N LEU A 73 -1.23 -0.78 -6.18
CA LEU A 73 -1.05 -0.20 -4.86
C LEU A 73 -0.30 1.12 -4.98
N ARG A 74 0.70 1.15 -5.86
CA ARG A 74 1.49 2.34 -6.06
C ARG A 74 0.60 3.49 -6.49
N THR A 75 -0.39 3.19 -7.32
CA THR A 75 -1.32 4.19 -7.77
C THR A 75 -2.07 4.80 -6.59
N GLN A 76 -2.51 3.96 -5.67
CA GLN A 76 -3.24 4.44 -4.50
C GLN A 76 -2.36 5.39 -3.71
N LEU A 77 -1.15 4.96 -3.39
CA LEU A 77 -0.22 5.80 -2.65
C LEU A 77 0.13 7.04 -3.46
N GLU A 78 0.34 6.84 -4.75
CA GLU A 78 0.67 7.95 -5.64
C GLU A 78 -0.48 8.92 -5.72
N LYS A 79 -1.70 8.39 -5.71
CA LYS A 79 -2.89 9.22 -5.78
C LYS A 79 -3.01 10.06 -4.52
N ALA A 80 -2.77 9.41 -3.37
CA ALA A 80 -2.85 10.10 -2.10
C ALA A 80 -1.79 11.19 -2.02
N LEU A 81 -0.73 11.02 -2.80
CA LEU A 81 0.36 11.99 -2.81
C LEU A 81 -0.16 13.36 -3.25
N GLY A 82 -1.01 13.36 -4.27
CA GLY A 82 -1.58 14.60 -4.77
C GLY A 82 -2.49 15.22 -3.73
N LEU A 83 -2.54 14.61 -2.54
CA LEU A 83 -3.37 15.11 -1.46
C LEU A 83 -4.83 15.15 -1.89
N GLU A 84 -5.10 14.65 -3.09
CA GLU A 84 -6.47 14.64 -3.60
C GLU A 84 -7.29 13.58 -2.87
N HIS A 85 -8.55 13.90 -2.61
CA HIS A 85 -9.44 12.96 -1.91
C HIS A 85 -10.89 13.16 -2.36
N HIS A 86 -11.51 14.23 -1.86
CA HIS A 86 -12.90 14.51 -2.22
C HIS A 86 -13.24 15.96 -1.91
N HIS A 87 -12.91 16.86 -2.83
CA HIS A 87 -13.19 18.28 -2.64
C HIS A 87 -12.90 18.71 -1.20
N HIS A 88 -13.92 19.23 -0.52
CA HIS A 88 -13.76 19.67 0.86
C HIS A 88 -12.48 20.49 1.01
N HIS A 89 -11.99 21.01 -0.10
CA HIS A 89 -10.76 21.80 -0.11
C HIS A 89 -10.91 23.08 0.71
N HIS A 90 -12.02 23.79 0.54
CA HIS A 90 -12.22 25.04 1.27
C HIS A 90 -11.88 24.86 2.75
N MET A 1 -14.44 4.69 -4.57
CA MET A 1 -13.31 3.74 -4.72
C MET A 1 -12.43 3.80 -3.49
N GLY A 2 -11.73 4.91 -3.31
CA GLY A 2 -10.85 5.08 -2.17
C GLY A 2 -9.56 4.28 -2.35
N VAL A 3 -8.73 4.25 -1.31
CA VAL A 3 -7.47 3.51 -1.37
C VAL A 3 -7.54 2.26 -0.48
N TRP A 4 -8.04 1.17 -1.07
CA TRP A 4 -8.15 -0.09 -0.34
C TRP A 4 -7.46 -1.21 -1.12
N THR A 5 -6.64 -1.97 -0.40
CA THR A 5 -5.92 -3.09 -1.00
C THR A 5 -5.28 -3.94 0.09
N PRO A 6 -6.02 -4.25 1.13
CA PRO A 6 -5.51 -5.08 2.26
C PRO A 6 -5.20 -6.51 1.83
N GLU A 7 -4.73 -7.32 2.77
CA GLU A 7 -4.39 -8.71 2.47
C GLU A 7 -5.53 -9.39 1.73
N VAL A 8 -6.72 -8.78 1.78
CA VAL A 8 -7.87 -9.33 1.11
C VAL A 8 -7.53 -9.67 -0.34
N LEU A 9 -6.83 -8.77 -1.01
CA LEU A 9 -6.45 -9.00 -2.39
C LEU A 9 -5.55 -10.23 -2.48
N LYS A 10 -4.60 -10.34 -1.55
CA LYS A 10 -3.69 -11.47 -1.54
C LYS A 10 -4.46 -12.76 -1.28
N ALA A 11 -5.39 -12.70 -0.32
CA ALA A 11 -6.19 -13.86 0.01
C ALA A 11 -7.03 -14.27 -1.19
N ARG A 12 -7.53 -13.28 -1.92
CA ARG A 12 -8.34 -13.55 -3.11
C ARG A 12 -7.51 -14.28 -4.16
N ALA A 13 -6.30 -13.79 -4.40
CA ALA A 13 -5.43 -14.41 -5.38
C ALA A 13 -4.92 -15.75 -4.86
N SER A 14 -4.64 -15.80 -3.56
CA SER A 14 -4.15 -17.04 -2.93
C SER A 14 -5.32 -17.83 -2.37
N VAL A 15 -6.53 -17.40 -2.70
CA VAL A 15 -7.74 -18.07 -2.22
C VAL A 15 -7.81 -18.02 -0.69
N ILE A 16 -6.94 -18.79 -0.04
CA ILE A 16 -6.89 -18.85 1.42
C ILE A 16 -5.75 -17.99 1.96
N GLY A 17 -6.02 -17.29 3.05
CA GLY A 17 -5.00 -16.44 3.66
C GLY A 17 -4.02 -17.26 4.47
N LYS A 18 -2.74 -16.87 4.42
CA LYS A 18 -1.72 -17.58 5.17
C LYS A 18 -0.39 -16.83 5.11
N PRO A 19 -0.42 -15.57 5.43
CA PRO A 19 0.81 -14.70 5.42
C PRO A 19 1.84 -15.16 6.45
N ILE A 20 3.12 -15.03 6.10
CA ILE A 20 4.20 -15.42 7.00
C ILE A 20 4.58 -14.28 7.92
N GLY A 21 5.00 -14.61 9.13
CA GLY A 21 5.38 -13.59 10.11
C GLY A 21 6.80 -13.12 9.84
N GLU A 22 6.93 -11.87 9.37
CA GLU A 22 8.24 -11.30 9.07
C GLU A 22 8.09 -9.83 8.69
N SER A 23 9.22 -9.12 8.63
CA SER A 23 9.21 -7.71 8.26
C SER A 23 8.51 -7.52 6.92
N TYR A 24 8.41 -8.59 6.14
CA TYR A 24 7.75 -8.53 4.84
C TYR A 24 6.23 -8.44 5.02
N LYS A 25 5.77 -8.79 6.21
CA LYS A 25 4.33 -8.76 6.51
C LYS A 25 3.96 -7.42 7.15
N ARG A 26 4.98 -6.73 7.68
CA ARG A 26 4.76 -5.44 8.32
C ARG A 26 4.29 -4.42 7.30
N ILE A 27 4.88 -4.45 6.11
CA ILE A 27 4.52 -3.51 5.07
C ILE A 27 3.06 -3.70 4.68
N LEU A 28 2.69 -4.96 4.46
CA LEU A 28 1.32 -5.28 4.09
C LEU A 28 0.35 -4.92 5.21
N ALA A 29 0.73 -5.28 6.43
CA ALA A 29 -0.11 -4.98 7.60
C ALA A 29 -0.20 -3.49 7.85
N LYS A 30 0.91 -2.79 7.61
CA LYS A 30 0.95 -1.35 7.79
C LYS A 30 -0.06 -0.67 6.88
N LEU A 31 -0.32 -1.28 5.74
CA LEU A 31 -1.26 -0.71 4.78
C LEU A 31 -2.63 -0.56 5.42
N GLN A 32 -3.04 -1.56 6.20
CA GLN A 32 -4.33 -1.52 6.87
C GLN A 32 -4.48 -0.21 7.64
N ARG A 33 -3.41 0.22 8.29
CA ARG A 33 -3.45 1.46 9.05
C ARG A 33 -3.69 2.65 8.12
N ILE A 34 -3.02 2.63 6.97
CA ILE A 34 -3.16 3.71 6.01
C ILE A 34 -4.60 3.81 5.54
N HIS A 35 -5.22 2.67 5.30
CA HIS A 35 -6.61 2.67 4.85
C HIS A 35 -7.49 3.48 5.80
N ASN A 36 -7.35 3.22 7.10
CA ASN A 36 -8.13 3.95 8.10
C ASN A 36 -7.71 5.40 8.15
N SER A 37 -6.40 5.65 8.09
CA SER A 37 -5.85 7.00 8.13
C SER A 37 -5.66 7.53 6.72
N ASN A 38 -6.35 6.93 5.76
CA ASN A 38 -6.24 7.36 4.37
C ASN A 38 -6.33 8.88 4.29
N ILE A 39 -5.67 9.45 3.28
CA ILE A 39 -5.67 10.90 3.07
C ILE A 39 -5.78 11.66 4.39
N LEU A 40 -4.83 11.41 5.30
CA LEU A 40 -4.82 12.08 6.60
C LEU A 40 -3.58 12.94 6.75
N ASP A 41 -3.78 14.23 6.96
CA ASP A 41 -2.67 15.17 7.11
C ASP A 41 -1.57 14.57 7.99
N GLU A 42 -1.94 13.58 8.79
CA GLU A 42 -0.98 12.92 9.66
C GLU A 42 -0.15 11.90 8.90
N ARG A 43 -0.82 10.94 8.26
CA ARG A 43 -0.13 9.90 7.51
C ARG A 43 0.28 10.40 6.12
N GLN A 44 -0.38 11.45 5.64
CA GLN A 44 -0.05 12.01 4.34
C GLN A 44 1.46 12.11 4.17
N GLY A 45 2.17 12.32 5.27
CA GLY A 45 3.62 12.42 5.22
C GLY A 45 4.24 11.05 5.00
N LEU A 46 3.66 10.04 5.63
CA LEU A 46 4.17 8.68 5.52
C LEU A 46 4.08 8.19 4.08
N MET A 47 2.99 8.56 3.40
CA MET A 47 2.78 8.14 2.02
C MET A 47 4.07 8.27 1.22
N HIS A 48 4.85 9.30 1.52
CA HIS A 48 6.11 9.50 0.82
C HIS A 48 7.03 8.30 1.03
N GLU A 49 7.10 7.83 2.26
CA GLU A 49 7.94 6.68 2.58
C GLU A 49 7.30 5.39 2.11
N LEU A 50 5.97 5.34 2.12
CA LEU A 50 5.27 4.13 1.72
C LEU A 50 5.70 3.73 0.32
N MET A 51 5.75 4.70 -0.59
CA MET A 51 6.16 4.42 -1.95
C MET A 51 7.61 3.95 -1.99
N GLU A 52 8.46 4.54 -1.16
CA GLU A 52 9.87 4.18 -1.12
C GLU A 52 10.05 2.71 -0.74
N LEU A 53 9.39 2.30 0.34
CA LEU A 53 9.50 0.93 0.81
C LEU A 53 8.93 -0.04 -0.23
N ILE A 54 7.80 0.32 -0.81
CA ILE A 54 7.18 -0.53 -1.81
C ILE A 54 8.08 -0.64 -3.04
N ASP A 55 8.65 0.48 -3.45
CA ASP A 55 9.51 0.49 -4.61
C ASP A 55 10.69 -0.44 -4.41
N LEU A 56 11.31 -0.34 -3.24
CA LEU A 56 12.45 -1.19 -2.94
C LEU A 56 12.01 -2.65 -2.78
N TYR A 57 10.89 -2.85 -2.09
CA TYR A 57 10.38 -4.19 -1.87
C TYR A 57 9.97 -4.84 -3.19
N GLU A 58 9.42 -4.03 -4.08
CA GLU A 58 8.99 -4.54 -5.38
C GLU A 58 10.18 -5.07 -6.17
N GLU A 59 11.30 -4.38 -6.08
CA GLU A 59 12.51 -4.81 -6.79
C GLU A 59 13.34 -5.77 -5.92
N SER A 60 13.04 -5.80 -4.62
CA SER A 60 13.81 -6.63 -3.70
C SER A 60 13.80 -8.11 -4.12
N GLN A 61 12.62 -8.71 -4.19
CA GLN A 61 12.49 -10.13 -4.58
C GLN A 61 11.81 -10.27 -5.94
N PRO A 62 10.79 -9.49 -6.20
CA PRO A 62 10.07 -9.54 -7.49
C PRO A 62 10.51 -8.42 -8.44
N SER A 63 11.76 -8.54 -8.87
CA SER A 63 12.35 -7.61 -9.82
C SER A 63 12.04 -8.05 -11.25
N SER A 64 11.35 -9.18 -11.37
CA SER A 64 11.01 -9.72 -12.69
C SER A 64 9.88 -8.91 -13.33
N GLU A 65 9.78 -7.64 -12.94
CA GLU A 65 8.76 -6.75 -13.47
C GLU A 65 7.37 -7.20 -13.01
N ARG A 66 7.33 -8.32 -12.31
CA ARG A 66 6.08 -8.86 -11.80
C ARG A 66 5.42 -7.89 -10.83
N LEU A 67 6.23 -7.02 -10.25
CA LEU A 67 5.72 -6.04 -9.30
C LEU A 67 4.47 -5.36 -9.86
N ASN A 68 4.28 -5.47 -11.17
CA ASN A 68 3.13 -4.85 -11.81
C ASN A 68 1.86 -5.15 -11.01
N ALA A 69 1.81 -6.33 -10.41
CA ALA A 69 0.67 -6.71 -9.59
C ALA A 69 0.58 -5.80 -8.36
N PHE A 70 1.73 -5.45 -7.80
CA PHE A 70 1.79 -4.58 -6.63
C PHE A 70 1.74 -3.12 -7.06
N ARG A 71 2.02 -2.87 -8.34
CA ARG A 71 2.00 -1.51 -8.86
C ARG A 71 0.61 -0.92 -8.69
N GLU A 72 -0.41 -1.74 -8.92
CA GLU A 72 -1.79 -1.27 -8.78
C GLU A 72 -1.92 -0.47 -7.49
N LEU A 73 -1.34 -1.01 -6.43
CA LEU A 73 -1.36 -0.33 -5.14
C LEU A 73 -0.53 0.94 -5.21
N ARG A 74 0.60 0.85 -5.90
CA ARG A 74 1.51 1.99 -6.03
C ARG A 74 0.79 3.14 -6.72
N THR A 75 -0.06 2.80 -7.66
CA THR A 75 -0.82 3.81 -8.38
C THR A 75 -1.68 4.60 -7.40
N GLN A 76 -2.32 3.89 -6.47
CA GLN A 76 -3.17 4.55 -5.48
C GLN A 76 -2.35 5.51 -4.63
N LEU A 77 -1.24 5.01 -4.10
CA LEU A 77 -0.36 5.83 -3.28
C LEU A 77 0.23 6.96 -4.12
N GLU A 78 0.62 6.63 -5.34
CA GLU A 78 1.18 7.63 -6.23
C GLU A 78 0.16 8.72 -6.52
N LYS A 79 -1.08 8.31 -6.79
CA LYS A 79 -2.14 9.25 -7.08
C LYS A 79 -2.51 10.01 -5.82
N ALA A 80 -2.60 9.29 -4.71
CA ALA A 80 -2.94 9.91 -3.44
C ALA A 80 -1.85 10.88 -3.02
N LEU A 81 -0.64 10.68 -3.55
CA LEU A 81 0.48 11.55 -3.22
C LEU A 81 0.19 12.96 -3.67
N GLY A 82 -0.41 13.09 -4.85
CA GLY A 82 -0.74 14.41 -5.39
C GLY A 82 -1.78 15.09 -4.50
N LEU A 83 -2.06 14.50 -3.35
CA LEU A 83 -3.02 15.06 -2.40
C LEU A 83 -4.39 15.17 -3.06
N GLU A 84 -4.81 14.10 -3.73
CA GLU A 84 -6.11 14.09 -4.39
C GLU A 84 -7.23 14.16 -3.36
N HIS A 85 -8.28 14.90 -3.69
CA HIS A 85 -9.41 15.05 -2.77
C HIS A 85 -8.92 15.38 -1.36
N HIS A 86 -8.71 16.67 -1.11
CA HIS A 86 -8.25 17.12 0.20
C HIS A 86 -9.36 16.97 1.24
N HIS A 87 -8.97 16.66 2.47
CA HIS A 87 -9.94 16.50 3.54
C HIS A 87 -10.59 17.84 3.90
N HIS A 88 -11.90 17.81 4.14
CA HIS A 88 -12.63 19.02 4.49
C HIS A 88 -12.16 19.56 5.85
N HIS A 89 -12.79 19.09 6.92
CA HIS A 89 -12.45 19.52 8.27
C HIS A 89 -12.14 21.02 8.32
N HIS A 90 -11.57 21.49 9.42
CA HIS A 90 -11.26 22.90 9.57
C HIS A 90 -10.28 23.35 8.49
N MET A 1 -12.96 9.33 0.87
CA MET A 1 -12.57 8.02 0.29
C MET A 1 -11.24 7.59 0.89
N GLY A 2 -11.28 6.57 1.75
CA GLY A 2 -10.07 6.06 2.38
C GLY A 2 -9.31 5.15 1.43
N VAL A 3 -8.75 4.07 1.98
CA VAL A 3 -7.99 3.11 1.16
C VAL A 3 -8.51 1.69 1.41
N TRP A 4 -8.73 0.96 0.33
CA TRP A 4 -9.23 -0.42 0.43
C TRP A 4 -8.15 -1.41 -0.01
N THR A 5 -7.58 -2.10 0.96
CA THR A 5 -6.56 -3.08 0.67
C THR A 5 -6.28 -3.93 1.91
N PRO A 6 -7.30 -4.43 2.55
CA PRO A 6 -7.15 -5.28 3.77
C PRO A 6 -6.69 -6.70 3.43
N GLU A 7 -6.53 -7.53 4.46
CA GLU A 7 -6.11 -8.91 4.26
C GLU A 7 -6.92 -9.57 3.15
N VAL A 8 -8.04 -8.96 2.79
CA VAL A 8 -8.90 -9.51 1.74
C VAL A 8 -8.11 -9.67 0.45
N LEU A 9 -7.40 -8.61 0.08
CA LEU A 9 -6.59 -8.66 -1.14
C LEU A 9 -5.48 -9.68 -0.96
N LYS A 10 -4.89 -9.70 0.22
CA LYS A 10 -3.81 -10.64 0.51
C LYS A 10 -4.31 -12.09 0.38
N ALA A 11 -5.44 -12.36 1.01
CA ALA A 11 -6.01 -13.70 0.96
C ALA A 11 -6.45 -14.04 -0.45
N ARG A 12 -7.09 -13.07 -1.11
CA ARG A 12 -7.58 -13.28 -2.47
C ARG A 12 -6.40 -13.46 -3.41
N ALA A 13 -5.41 -12.58 -3.29
CA ALA A 13 -4.22 -12.65 -4.14
C ALA A 13 -3.44 -13.91 -3.84
N SER A 14 -3.26 -14.20 -2.56
CA SER A 14 -2.54 -15.38 -2.14
C SER A 14 -3.41 -16.63 -2.28
N VAL A 15 -4.72 -16.41 -2.37
CA VAL A 15 -5.68 -17.50 -2.50
C VAL A 15 -5.71 -18.36 -1.23
N ILE A 16 -4.53 -18.66 -0.69
CA ILE A 16 -4.42 -19.48 0.52
C ILE A 16 -3.44 -18.83 1.49
N GLY A 17 -3.57 -19.20 2.75
CA GLY A 17 -2.69 -18.66 3.79
C GLY A 17 -1.24 -19.05 3.52
N LYS A 18 -0.35 -18.09 3.70
CA LYS A 18 1.07 -18.32 3.48
C LYS A 18 1.89 -17.13 3.96
N PRO A 19 2.14 -17.04 5.24
CA PRO A 19 2.93 -15.92 5.82
C PRO A 19 4.30 -15.78 5.16
N ILE A 20 4.62 -14.56 4.75
CA ILE A 20 5.90 -14.28 4.09
C ILE A 20 6.97 -13.95 5.13
N GLY A 21 8.23 -13.90 4.71
CA GLY A 21 9.33 -13.59 5.61
C GLY A 21 8.98 -12.38 6.46
N GLU A 22 9.39 -12.41 7.72
CA GLU A 22 9.11 -11.32 8.64
C GLU A 22 9.61 -9.99 8.08
N SER A 23 10.85 -9.98 7.59
CA SER A 23 11.42 -8.78 7.03
C SER A 23 10.62 -8.32 5.82
N TYR A 24 10.21 -9.28 4.99
CA TYR A 24 9.44 -8.98 3.80
C TYR A 24 7.97 -8.78 4.15
N LYS A 25 7.59 -9.15 5.37
CA LYS A 25 6.21 -8.99 5.82
C LYS A 25 5.97 -7.58 6.31
N ARG A 26 7.04 -6.80 6.38
CA ARG A 26 6.93 -5.43 6.84
C ARG A 26 5.96 -4.64 5.96
N ILE A 27 6.04 -4.87 4.66
CA ILE A 27 5.16 -4.17 3.74
C ILE A 27 3.69 -4.52 4.05
N LEU A 28 3.42 -5.81 4.17
CA LEU A 28 2.07 -6.28 4.49
C LEU A 28 1.66 -5.82 5.89
N ALA A 29 2.62 -5.85 6.82
CA ALA A 29 2.34 -5.44 8.18
C ALA A 29 1.72 -4.04 8.21
N LYS A 30 2.19 -3.18 7.32
CA LYS A 30 1.67 -1.82 7.25
C LYS A 30 0.28 -1.82 6.64
N LEU A 31 -0.06 -2.91 5.95
CA LEU A 31 -1.36 -3.01 5.31
C LEU A 31 -2.47 -2.87 6.34
N GLN A 32 -2.29 -3.53 7.48
CA GLN A 32 -3.29 -3.48 8.54
C GLN A 32 -3.19 -2.16 9.31
N ARG A 33 -1.96 -1.72 9.56
CA ARG A 33 -1.74 -0.47 10.30
C ARG A 33 -2.30 0.71 9.51
N ILE A 34 -2.09 0.69 8.19
CA ILE A 34 -2.58 1.76 7.34
C ILE A 34 -4.09 1.84 7.43
N HIS A 35 -4.76 0.70 7.40
CA HIS A 35 -6.21 0.67 7.47
C HIS A 35 -6.68 1.37 8.74
N ASN A 36 -6.11 0.98 9.88
CA ASN A 36 -6.48 1.60 11.16
C ASN A 36 -6.01 3.06 11.22
N SER A 37 -4.78 3.30 10.76
CA SER A 37 -4.20 4.64 10.77
C SER A 37 -4.52 5.36 9.47
N ASN A 38 -5.49 4.85 8.73
CA ASN A 38 -5.88 5.45 7.46
C ASN A 38 -6.01 6.96 7.59
N ILE A 39 -5.23 7.68 6.81
CA ILE A 39 -5.25 9.13 6.84
C ILE A 39 -5.14 9.64 8.27
N LEU A 40 -3.99 9.38 8.90
CA LEU A 40 -3.76 9.83 10.28
C LEU A 40 -2.58 10.78 10.32
N ASP A 41 -2.76 11.94 10.96
CA ASP A 41 -1.71 12.94 11.08
C ASP A 41 -0.36 12.28 11.30
N GLU A 42 -0.33 11.27 12.16
CA GLU A 42 0.90 10.57 12.44
C GLU A 42 1.33 9.71 11.26
N ARG A 43 0.34 9.10 10.59
CA ARG A 43 0.62 8.24 9.44
C ARG A 43 0.84 9.06 8.18
N GLN A 44 0.36 10.31 8.19
CA GLN A 44 0.51 11.17 7.02
C GLN A 44 1.96 11.17 6.55
N GLY A 45 2.89 11.28 7.48
CA GLY A 45 4.30 11.28 7.15
C GLY A 45 4.71 9.91 6.60
N LEU A 46 4.10 8.87 7.15
CA LEU A 46 4.42 7.52 6.73
C LEU A 46 4.04 7.32 5.27
N MET A 47 2.91 7.87 4.88
CA MET A 47 2.43 7.74 3.51
C MET A 47 3.53 8.17 2.52
N HIS A 48 4.23 9.25 2.84
CA HIS A 48 5.29 9.73 1.98
C HIS A 48 6.36 8.67 1.78
N GLU A 49 6.74 8.01 2.87
CA GLU A 49 7.76 6.97 2.81
C GLU A 49 7.16 5.64 2.37
N LEU A 50 5.84 5.51 2.56
CA LEU A 50 5.17 4.27 2.18
C LEU A 50 5.31 4.01 0.70
N MET A 51 5.10 5.04 -0.10
CA MET A 51 5.19 4.91 -1.54
C MET A 51 6.60 4.48 -1.94
N GLU A 52 7.57 4.79 -1.08
CA GLU A 52 8.96 4.43 -1.35
C GLU A 52 9.21 2.97 -0.98
N LEU A 53 8.90 2.62 0.26
CA LEU A 53 9.10 1.26 0.73
C LEU A 53 8.27 0.29 -0.10
N ILE A 54 7.05 0.69 -0.45
CA ILE A 54 6.19 -0.18 -1.24
C ILE A 54 6.83 -0.53 -2.58
N ASP A 55 7.40 0.46 -3.24
CA ASP A 55 8.03 0.23 -4.54
C ASP A 55 9.30 -0.60 -4.38
N LEU A 56 10.10 -0.25 -3.39
CA LEU A 56 11.34 -0.96 -3.15
C LEU A 56 11.07 -2.42 -2.76
N TYR A 57 10.10 -2.64 -1.88
CA TYR A 57 9.76 -3.98 -1.45
C TYR A 57 9.10 -4.75 -2.60
N GLU A 58 8.18 -4.09 -3.30
CA GLU A 58 7.49 -4.72 -4.42
C GLU A 58 8.47 -5.10 -5.52
N GLU A 59 9.62 -4.47 -5.52
CA GLU A 59 10.65 -4.77 -6.51
C GLU A 59 11.52 -5.94 -6.07
N SER A 60 11.42 -6.30 -4.78
CA SER A 60 12.24 -7.39 -4.24
C SER A 60 12.04 -8.71 -5.01
N GLN A 61 10.81 -9.24 -4.97
CA GLN A 61 10.48 -10.50 -5.67
C GLN A 61 9.51 -10.28 -6.82
N PRO A 62 8.54 -9.42 -6.65
CA PRO A 62 7.54 -9.11 -7.70
C PRO A 62 7.84 -7.82 -8.46
N SER A 63 8.83 -7.94 -9.35
CA SER A 63 9.24 -6.83 -10.20
C SER A 63 8.31 -6.71 -11.40
N SER A 64 7.87 -7.84 -11.93
CA SER A 64 6.97 -7.86 -13.09
C SER A 64 5.62 -8.49 -12.73
N GLU A 65 5.38 -8.68 -11.44
CA GLU A 65 4.14 -9.29 -10.97
C GLU A 65 3.13 -8.21 -10.58
N ARG A 66 3.10 -7.87 -9.30
CA ARG A 66 2.17 -6.87 -8.81
C ARG A 66 2.64 -5.46 -9.16
N LEU A 67 3.92 -5.35 -9.51
CA LEU A 67 4.49 -4.04 -9.87
C LEU A 67 3.53 -3.29 -10.79
N ASN A 68 2.62 -4.02 -11.40
CA ASN A 68 1.65 -3.41 -12.30
C ASN A 68 0.47 -2.82 -11.52
N ALA A 69 -0.06 -3.62 -10.58
CA ALA A 69 -1.20 -3.19 -9.76
C ALA A 69 -0.75 -2.40 -8.54
N PHE A 70 0.42 -2.75 -8.01
CA PHE A 70 0.96 -2.07 -6.84
C PHE A 70 0.78 -0.57 -6.97
N ARG A 71 0.65 -0.12 -8.21
CA ARG A 71 0.48 1.30 -8.49
C ARG A 71 -0.85 1.78 -7.94
N GLU A 72 -1.89 0.97 -8.11
CA GLU A 72 -3.20 1.32 -7.63
C GLU A 72 -3.12 1.72 -6.16
N LEU A 73 -2.41 0.91 -5.38
CA LEU A 73 -2.25 1.20 -3.96
C LEU A 73 -1.49 2.51 -3.79
N ARG A 74 -0.42 2.67 -4.56
CA ARG A 74 0.39 3.88 -4.47
C ARG A 74 -0.42 5.08 -4.89
N THR A 75 -1.28 4.89 -5.87
CA THR A 75 -2.11 5.97 -6.36
C THR A 75 -3.00 6.51 -5.25
N GLN A 76 -3.63 5.62 -4.52
CA GLN A 76 -4.52 6.03 -3.43
C GLN A 76 -3.74 6.87 -2.43
N LEU A 77 -2.59 6.34 -2.01
CA LEU A 77 -1.74 7.07 -1.07
C LEU A 77 -1.22 8.35 -1.69
N GLU A 78 -0.84 8.27 -2.96
CA GLU A 78 -0.31 9.43 -3.67
C GLU A 78 -1.37 10.53 -3.72
N LYS A 79 -2.59 10.17 -4.09
CA LYS A 79 -3.67 11.13 -4.16
C LYS A 79 -4.01 11.63 -2.76
N ALA A 80 -4.03 10.70 -1.82
CA ALA A 80 -4.34 11.05 -0.44
C ALA A 80 -3.34 12.08 0.07
N LEU A 81 -2.06 11.83 -0.18
CA LEU A 81 -1.01 12.74 0.27
C LEU A 81 -1.19 14.09 -0.42
N GLY A 82 -1.48 14.07 -1.73
CA GLY A 82 -1.67 15.29 -2.49
C GLY A 82 -2.87 16.07 -1.99
N LEU A 83 -3.83 15.34 -1.43
CA LEU A 83 -5.04 15.96 -0.89
C LEU A 83 -5.75 16.78 -1.98
N GLU A 84 -5.23 16.69 -3.19
CA GLU A 84 -5.82 17.41 -4.31
C GLU A 84 -7.20 16.86 -4.62
N HIS A 85 -8.15 17.77 -4.88
CA HIS A 85 -9.51 17.37 -5.19
C HIS A 85 -10.23 18.46 -5.98
N HIS A 86 -9.51 19.55 -6.25
CA HIS A 86 -10.09 20.65 -7.00
C HIS A 86 -10.41 20.23 -8.43
N HIS A 87 -9.49 19.52 -9.05
CA HIS A 87 -9.69 19.05 -10.42
C HIS A 87 -8.66 17.99 -10.80
N HIS A 88 -7.51 18.44 -11.29
CA HIS A 88 -6.44 17.53 -11.69
C HIS A 88 -7.00 16.37 -12.51
N HIS A 89 -6.15 15.36 -12.73
CA HIS A 89 -6.53 14.19 -13.51
C HIS A 89 -7.70 13.44 -12.87
N HIS A 90 -7.65 13.23 -11.56
CA HIS A 90 -8.72 12.51 -10.87
C HIS A 90 -8.64 12.75 -9.36
N MET A 1 -12.71 7.24 1.66
CA MET A 1 -12.94 6.25 2.77
C MET A 1 -12.61 4.84 2.28
N GLY A 2 -13.04 4.53 1.05
CA GLY A 2 -12.77 3.22 0.48
C GLY A 2 -11.42 3.20 -0.22
N VAL A 3 -10.42 2.64 0.46
CA VAL A 3 -9.08 2.55 -0.11
C VAL A 3 -8.58 1.11 -0.07
N TRP A 4 -8.04 0.64 -1.20
CA TRP A 4 -7.53 -0.72 -1.29
C TRP A 4 -6.06 -0.77 -0.91
N THR A 5 -5.70 -1.81 -0.16
CA THR A 5 -4.33 -1.98 0.29
C THR A 5 -4.23 -3.19 1.23
N PRO A 6 -5.11 -3.28 2.19
CA PRO A 6 -5.12 -4.38 3.18
C PRO A 6 -5.03 -5.75 2.51
N GLU A 7 -4.96 -6.80 3.32
CA GLU A 7 -4.88 -8.15 2.79
C GLU A 7 -5.88 -8.35 1.67
N VAL A 8 -6.87 -7.46 1.60
CA VAL A 8 -7.89 -7.55 0.57
C VAL A 8 -7.24 -7.45 -0.82
N LEU A 9 -6.17 -6.66 -0.91
CA LEU A 9 -5.49 -6.50 -2.18
C LEU A 9 -4.94 -7.85 -2.65
N LYS A 10 -4.23 -8.53 -1.76
CA LYS A 10 -3.66 -9.82 -2.09
C LYS A 10 -4.77 -10.84 -2.30
N ALA A 11 -5.78 -10.78 -1.45
CA ALA A 11 -6.91 -11.70 -1.55
C ALA A 11 -7.35 -11.82 -3.01
N ARG A 12 -6.97 -10.85 -3.82
CA ARG A 12 -7.32 -10.87 -5.23
C ARG A 12 -6.61 -12.01 -5.94
N ALA A 13 -5.28 -11.98 -5.89
CA ALA A 13 -4.49 -13.03 -6.53
C ALA A 13 -4.20 -14.14 -5.53
N SER A 14 -3.87 -13.74 -4.30
CA SER A 14 -3.57 -14.70 -3.24
C SER A 14 -4.84 -15.36 -2.73
N VAL A 15 -5.97 -14.98 -3.34
CA VAL A 15 -7.27 -15.53 -2.94
C VAL A 15 -7.59 -15.15 -1.50
N ILE A 16 -6.83 -15.71 -0.56
CA ILE A 16 -7.05 -15.43 0.86
C ILE A 16 -5.76 -14.97 1.52
N GLY A 17 -5.86 -13.91 2.31
CA GLY A 17 -4.69 -13.36 2.99
C GLY A 17 -4.12 -14.38 3.99
N LYS A 18 -2.81 -14.32 4.18
CA LYS A 18 -2.15 -15.24 5.10
C LYS A 18 -0.70 -14.81 5.33
N PRO A 19 -0.48 -13.80 6.12
CA PRO A 19 0.89 -13.29 6.40
C PRO A 19 1.60 -14.14 7.46
N ILE A 20 2.73 -14.73 7.07
CA ILE A 20 3.50 -15.55 8.00
C ILE A 20 4.47 -14.69 8.81
N GLY A 21 4.72 -15.12 10.05
CA GLY A 21 5.62 -14.38 10.93
C GLY A 21 6.98 -14.21 10.26
N GLU A 22 7.29 -12.97 9.87
CA GLU A 22 8.57 -12.68 9.22
C GLU A 22 8.63 -11.21 8.80
N SER A 23 9.63 -10.88 7.99
CA SER A 23 9.79 -9.51 7.50
C SER A 23 8.84 -9.26 6.34
N TYR A 24 8.31 -10.32 5.75
CA TYR A 24 7.40 -10.20 4.63
C TYR A 24 6.14 -9.42 5.04
N LYS A 25 5.60 -9.76 6.19
CA LYS A 25 4.40 -9.09 6.69
C LYS A 25 4.75 -7.73 7.25
N ARG A 26 6.01 -7.33 7.13
CA ARG A 26 6.46 -6.06 7.65
C ARG A 26 5.78 -4.91 6.91
N ILE A 27 5.78 -5.00 5.59
CA ILE A 27 5.16 -3.98 4.76
C ILE A 27 3.65 -3.98 4.97
N LEU A 28 3.08 -5.17 5.07
CA LEU A 28 1.65 -5.32 5.26
C LEU A 28 1.24 -4.76 6.61
N ALA A 29 2.10 -4.93 7.60
CA ALA A 29 1.81 -4.45 8.94
C ALA A 29 1.57 -2.95 8.93
N LYS A 30 2.23 -2.26 8.00
CA LYS A 30 2.09 -0.81 7.89
C LYS A 30 0.65 -0.45 7.51
N LEU A 31 0.06 -1.25 6.65
CA LEU A 31 -1.31 -1.00 6.20
C LEU A 31 -2.25 -1.02 7.39
N GLN A 32 -2.05 -1.98 8.28
CA GLN A 32 -2.89 -2.10 9.46
C GLN A 32 -2.81 -0.82 10.30
N ARG A 33 -1.60 -0.33 10.51
CA ARG A 33 -1.40 0.88 11.29
C ARG A 33 -1.91 2.10 10.51
N ILE A 34 -1.59 2.13 9.22
CA ILE A 34 -2.01 3.24 8.37
C ILE A 34 -3.53 3.22 8.19
N HIS A 35 -4.13 2.05 8.36
CA HIS A 35 -5.57 1.90 8.21
C HIS A 35 -6.30 2.83 9.18
N ASN A 36 -5.89 2.79 10.44
CA ASN A 36 -6.52 3.63 11.46
C ASN A 36 -6.14 5.09 11.24
N SER A 37 -4.89 5.33 10.88
CA SER A 37 -4.40 6.69 10.64
C SER A 37 -4.49 7.04 9.16
N ASN A 38 -5.31 6.29 8.43
CA ASN A 38 -5.48 6.53 7.01
C ASN A 38 -5.65 8.02 6.74
N ILE A 39 -4.75 8.57 5.94
CA ILE A 39 -4.81 10.00 5.60
C ILE A 39 -4.71 10.85 6.86
N LEU A 40 -3.62 10.68 7.59
CA LEU A 40 -3.40 11.45 8.83
C LEU A 40 -2.17 12.33 8.69
N ASP A 41 -2.33 13.62 8.94
CA ASP A 41 -1.23 14.56 8.83
C ASP A 41 0.01 14.04 9.57
N GLU A 42 -0.21 13.32 10.65
CA GLU A 42 0.88 12.77 11.44
C GLU A 42 1.58 11.63 10.70
N ARG A 43 0.80 10.62 10.35
CA ARG A 43 1.34 9.46 9.64
C ARG A 43 1.54 9.77 8.17
N GLN A 44 0.96 10.87 7.71
CA GLN A 44 1.08 11.25 6.30
C GLN A 44 2.51 11.03 5.81
N GLY A 45 3.48 11.29 6.68
CA GLY A 45 4.87 11.11 6.32
C GLY A 45 5.16 9.64 6.09
N LEU A 46 4.46 8.79 6.80
CA LEU A 46 4.66 7.35 6.67
C LEU A 46 4.38 6.92 5.22
N MET A 47 3.33 7.46 4.66
CA MET A 47 2.96 7.11 3.29
C MET A 47 4.08 7.52 2.33
N HIS A 48 4.66 8.69 2.57
CA HIS A 48 5.72 9.18 1.71
C HIS A 48 6.92 8.23 1.73
N GLU A 49 7.38 7.89 2.92
CA GLU A 49 8.52 6.99 3.05
C GLU A 49 8.14 5.58 2.64
N LEU A 50 6.93 5.18 2.99
CA LEU A 50 6.44 3.85 2.67
C LEU A 50 6.40 3.67 1.15
N MET A 51 6.01 4.72 0.45
CA MET A 51 5.90 4.66 -1.00
C MET A 51 7.21 4.14 -1.60
N GLU A 52 8.33 4.72 -1.17
CA GLU A 52 9.62 4.30 -1.68
C GLU A 52 9.93 2.87 -1.27
N LEU A 53 9.63 2.55 -0.03
CA LEU A 53 9.88 1.21 0.49
C LEU A 53 9.04 0.19 -0.26
N ILE A 54 7.80 0.56 -0.57
CA ILE A 54 6.91 -0.34 -1.28
C ILE A 54 7.47 -0.69 -2.65
N ASP A 55 7.91 0.33 -3.38
CA ASP A 55 8.44 0.13 -4.71
C ASP A 55 9.71 -0.70 -4.66
N LEU A 56 10.56 -0.40 -3.69
CA LEU A 56 11.82 -1.11 -3.55
C LEU A 56 11.58 -2.59 -3.27
N TYR A 57 10.61 -2.88 -2.42
CA TYR A 57 10.29 -4.26 -2.06
C TYR A 57 9.49 -4.94 -3.16
N GLU A 58 8.36 -4.33 -3.50
CA GLU A 58 7.49 -4.88 -4.53
C GLU A 58 8.25 -5.07 -5.83
N GLU A 59 9.37 -4.38 -5.97
CA GLU A 59 10.19 -4.48 -7.18
C GLU A 59 11.18 -5.64 -7.08
N SER A 60 11.35 -6.16 -5.86
CA SER A 60 12.29 -7.26 -5.63
C SER A 60 11.63 -8.63 -5.78
N GLN A 61 10.42 -8.74 -5.29
CA GLN A 61 9.69 -10.01 -5.32
C GLN A 61 9.38 -10.45 -6.75
N PRO A 62 8.96 -9.54 -7.59
CA PRO A 62 8.63 -9.86 -8.99
C PRO A 62 9.76 -9.52 -9.95
N SER A 63 10.59 -10.53 -10.22
CA SER A 63 11.70 -10.39 -11.14
C SER A 63 11.26 -10.65 -12.57
N SER A 64 10.01 -11.07 -12.73
CA SER A 64 9.47 -11.38 -14.05
C SER A 64 9.05 -10.10 -14.77
N GLU A 65 9.69 -8.99 -14.42
CA GLU A 65 9.37 -7.71 -15.04
C GLU A 65 7.90 -7.34 -14.83
N ARG A 66 7.19 -8.22 -14.13
CA ARG A 66 5.78 -8.00 -13.86
C ARG A 66 5.59 -6.91 -12.81
N LEU A 67 6.70 -6.52 -12.16
CA LEU A 67 6.64 -5.50 -11.13
C LEU A 67 5.72 -4.36 -11.56
N ASN A 68 5.47 -4.27 -12.86
CA ASN A 68 4.59 -3.22 -13.38
C ASN A 68 3.31 -3.15 -12.55
N ALA A 69 2.97 -4.26 -11.90
CA ALA A 69 1.77 -4.30 -11.06
C ALA A 69 1.93 -3.39 -9.86
N PHE A 70 3.17 -3.28 -9.37
CA PHE A 70 3.45 -2.44 -8.21
C PHE A 70 2.72 -1.09 -8.34
N ARG A 71 2.32 -0.77 -9.57
CA ARG A 71 1.63 0.48 -9.83
C ARG A 71 0.33 0.52 -9.05
N GLU A 72 -0.35 -0.62 -8.98
CA GLU A 72 -1.61 -0.70 -8.27
C GLU A 72 -1.41 -0.29 -6.82
N LEU A 73 -0.47 -0.94 -6.15
CA LEU A 73 -0.20 -0.64 -4.75
C LEU A 73 0.28 0.80 -4.61
N ARG A 74 1.16 1.21 -5.50
CA ARG A 74 1.70 2.56 -5.47
C ARG A 74 0.59 3.57 -5.72
N THR A 75 -0.35 3.20 -6.59
CA THR A 75 -1.45 4.08 -6.90
C THR A 75 -2.27 4.38 -5.65
N GLN A 76 -2.51 3.33 -4.85
CA GLN A 76 -3.28 3.50 -3.62
C GLN A 76 -2.58 4.49 -2.70
N LEU A 77 -1.31 4.23 -2.41
CA LEU A 77 -0.54 5.12 -1.54
C LEU A 77 -0.39 6.49 -2.19
N GLU A 78 -0.16 6.49 -3.49
CA GLU A 78 -0.01 7.74 -4.23
C GLU A 78 -1.32 8.50 -4.25
N LYS A 79 -2.43 7.76 -4.36
CA LYS A 79 -3.74 8.39 -4.39
C LYS A 79 -3.99 9.11 -3.08
N ALA A 80 -3.69 8.45 -1.98
CA ALA A 80 -3.87 9.04 -0.67
C ALA A 80 -2.91 10.20 -0.48
N LEU A 81 -1.75 10.10 -1.12
CA LEU A 81 -0.75 11.14 -1.01
C LEU A 81 -1.28 12.45 -1.56
N GLY A 82 -1.93 12.37 -2.71
CA GLY A 82 -2.49 13.56 -3.33
C GLY A 82 -3.76 13.98 -2.62
N LEU A 83 -4.11 13.24 -1.57
CA LEU A 83 -5.31 13.55 -0.80
C LEU A 83 -6.54 13.58 -1.70
N GLU A 84 -6.33 13.24 -2.97
CA GLU A 84 -7.43 13.23 -3.93
C GLU A 84 -8.26 11.95 -3.78
N HIS A 85 -9.59 12.10 -3.78
CA HIS A 85 -10.48 10.96 -3.64
C HIS A 85 -11.88 11.31 -4.11
N HIS A 86 -12.34 12.50 -3.75
CA HIS A 86 -13.67 12.95 -4.15
C HIS A 86 -13.59 13.86 -5.37
N HIS A 87 -14.68 14.56 -5.68
CA HIS A 87 -14.70 15.45 -6.82
C HIS A 87 -13.55 16.45 -6.77
N HIS A 88 -13.73 17.53 -6.00
CA HIS A 88 -12.70 18.54 -5.87
C HIS A 88 -12.85 19.31 -4.56
N HIS A 89 -11.80 19.25 -3.74
CA HIS A 89 -11.80 19.92 -2.45
C HIS A 89 -11.79 21.44 -2.58
N HIS A 90 -10.98 21.97 -3.52
CA HIS A 90 -10.92 23.42 -3.70
C HIS A 90 -12.28 23.96 -4.14
N MET A 1 -9.28 3.29 -6.50
CA MET A 1 -9.83 4.33 -5.58
C MET A 1 -10.24 3.66 -4.26
N GLY A 2 -10.26 4.45 -3.20
CA GLY A 2 -10.65 3.93 -1.89
C GLY A 2 -9.48 3.19 -1.24
N VAL A 3 -8.33 3.19 -1.91
CA VAL A 3 -7.15 2.52 -1.39
C VAL A 3 -7.52 1.19 -0.75
N TRP A 4 -7.70 0.16 -1.59
CA TRP A 4 -8.06 -1.17 -1.10
C TRP A 4 -7.07 -2.22 -1.59
N THR A 5 -6.35 -2.81 -0.66
CA THR A 5 -5.38 -3.85 -0.97
C THR A 5 -5.02 -4.64 0.28
N PRO A 6 -6.01 -4.99 1.07
CA PRO A 6 -5.81 -5.79 2.32
C PRO A 6 -5.34 -7.21 2.02
N GLU A 7 -5.12 -7.99 3.07
CA GLU A 7 -4.68 -9.37 2.92
C GLU A 7 -5.66 -10.16 2.07
N VAL A 8 -6.87 -9.63 1.89
CA VAL A 8 -7.90 -10.29 1.11
C VAL A 8 -7.30 -10.86 -0.17
N LEU A 9 -6.30 -10.17 -0.72
CA LEU A 9 -5.64 -10.63 -1.94
C LEU A 9 -4.98 -11.98 -1.68
N LYS A 10 -4.35 -12.11 -0.52
CA LYS A 10 -3.69 -13.36 -0.15
C LYS A 10 -4.73 -14.46 0.01
N ALA A 11 -5.92 -14.07 0.45
CA ALA A 11 -7.00 -15.04 0.64
C ALA A 11 -7.23 -15.84 -0.64
N ARG A 12 -7.40 -15.13 -1.75
CA ARG A 12 -7.61 -15.79 -3.04
C ARG A 12 -6.34 -16.53 -3.46
N ALA A 13 -5.21 -15.89 -3.23
CA ALA A 13 -3.92 -16.47 -3.56
C ALA A 13 -3.54 -17.53 -2.54
N SER A 14 -4.40 -17.71 -1.54
CA SER A 14 -4.15 -18.69 -0.48
C SER A 14 -4.19 -20.09 -1.05
N VAL A 15 -4.27 -20.20 -2.38
CA VAL A 15 -4.30 -21.48 -3.03
C VAL A 15 -3.09 -22.31 -2.62
N ILE A 16 -2.00 -21.62 -2.31
CA ILE A 16 -0.76 -22.29 -1.88
C ILE A 16 -0.14 -21.55 -0.70
N GLY A 17 -0.03 -22.25 0.42
CA GLY A 17 0.54 -21.65 1.63
C GLY A 17 2.02 -21.36 1.42
N LYS A 18 2.53 -20.35 2.12
CA LYS A 18 3.93 -19.98 1.99
C LYS A 18 4.43 -19.32 3.29
N PRO A 19 5.72 -19.32 3.51
CA PRO A 19 6.32 -18.71 4.74
C PRO A 19 5.99 -17.22 4.84
N ILE A 20 5.67 -16.77 6.06
CA ILE A 20 5.34 -15.37 6.30
C ILE A 20 6.60 -14.56 6.57
N GLY A 21 6.69 -13.40 5.93
CA GLY A 21 7.84 -12.51 6.11
C GLY A 21 7.64 -11.58 7.30
N GLU A 22 8.73 -11.15 7.92
CA GLU A 22 8.65 -10.25 9.06
C GLU A 22 8.31 -8.83 8.62
N SER A 23 9.33 -8.07 8.25
CA SER A 23 9.13 -6.69 7.80
C SER A 23 8.43 -6.66 6.44
N TYR A 24 8.60 -7.73 5.67
CA TYR A 24 7.98 -7.81 4.35
C TYR A 24 6.46 -7.87 4.50
N LYS A 25 6.00 -8.53 5.57
CA LYS A 25 4.56 -8.66 5.82
C LYS A 25 4.04 -7.42 6.56
N ARG A 26 4.95 -6.61 7.07
CA ARG A 26 4.56 -5.41 7.80
C ARG A 26 3.86 -4.45 6.85
N ILE A 27 4.40 -4.31 5.65
CA ILE A 27 3.80 -3.43 4.66
C ILE A 27 2.43 -3.92 4.26
N LEU A 28 2.30 -5.24 4.14
CA LEU A 28 1.04 -5.83 3.74
C LEU A 28 -0.06 -5.50 4.75
N ALA A 29 0.27 -5.58 6.03
CA ALA A 29 -0.70 -5.29 7.09
C ALA A 29 -0.79 -3.79 7.33
N LYS A 30 0.23 -3.07 6.88
CA LYS A 30 0.27 -1.62 7.04
C LYS A 30 -0.94 -0.98 6.40
N LEU A 31 -1.57 -1.70 5.48
CA LEU A 31 -2.75 -1.19 4.79
C LEU A 31 -3.85 -0.88 5.79
N GLN A 32 -3.96 -1.72 6.82
CA GLN A 32 -4.99 -1.51 7.84
C GLN A 32 -4.94 -0.08 8.34
N ARG A 33 -3.74 0.42 8.60
CA ARG A 33 -3.58 1.79 9.08
C ARG A 33 -4.04 2.78 8.02
N ILE A 34 -3.72 2.50 6.78
CA ILE A 34 -4.10 3.39 5.69
C ILE A 34 -5.62 3.40 5.54
N HIS A 35 -6.24 2.23 5.63
CA HIS A 35 -7.69 2.13 5.50
C HIS A 35 -8.37 3.04 6.52
N ASN A 36 -8.04 2.87 7.79
CA ASN A 36 -8.64 3.69 8.84
C ASN A 36 -8.06 5.10 8.83
N SER A 37 -6.74 5.19 8.70
CA SER A 37 -6.05 6.48 8.68
C SER A 37 -6.01 7.05 7.27
N ASN A 38 -6.86 6.53 6.40
CA ASN A 38 -6.90 6.98 5.02
C ASN A 38 -6.87 8.51 4.97
N ILE A 39 -6.04 9.05 4.08
CA ILE A 39 -5.91 10.49 3.93
C ILE A 39 -6.04 11.21 5.27
N LEU A 40 -5.35 10.69 6.28
CA LEU A 40 -5.39 11.27 7.62
C LEU A 40 -4.20 12.21 7.82
N ASP A 41 -4.48 13.38 8.38
CA ASP A 41 -3.44 14.38 8.61
C ASP A 41 -2.25 13.75 9.35
N GLU A 42 -2.54 12.85 10.27
CA GLU A 42 -1.49 12.19 11.05
C GLU A 42 -0.63 11.28 10.18
N ARG A 43 -1.28 10.31 9.51
CA ARG A 43 -0.58 9.35 8.66
C ARG A 43 -0.21 9.99 7.32
N GLN A 44 -0.84 11.10 6.99
CA GLN A 44 -0.58 11.80 5.74
C GLN A 44 0.92 11.83 5.46
N GLY A 45 1.71 12.00 6.52
CA GLY A 45 3.16 12.04 6.37
C GLY A 45 3.69 10.68 5.98
N LEU A 46 3.15 9.63 6.60
CA LEU A 46 3.58 8.28 6.31
C LEU A 46 3.29 7.92 4.86
N MET A 47 2.11 8.29 4.39
CA MET A 47 1.71 7.99 3.02
C MET A 47 2.75 8.54 2.03
N HIS A 48 3.26 9.73 2.31
CA HIS A 48 4.25 10.34 1.44
C HIS A 48 5.49 9.46 1.32
N GLU A 49 5.95 8.95 2.46
CA GLU A 49 7.13 8.08 2.49
C GLU A 49 6.75 6.66 2.14
N LEU A 50 5.47 6.34 2.28
CA LEU A 50 4.98 5.00 2.00
C LEU A 50 5.25 4.64 0.54
N MET A 51 5.02 5.58 -0.35
CA MET A 51 5.24 5.33 -1.78
C MET A 51 6.64 4.78 -2.00
N GLU A 52 7.62 5.39 -1.33
CA GLU A 52 9.00 4.94 -1.47
C GLU A 52 9.19 3.55 -0.87
N LEU A 53 8.60 3.33 0.30
CA LEU A 53 8.72 2.05 0.98
C LEU A 53 8.07 0.95 0.15
N ILE A 54 6.90 1.24 -0.42
CA ILE A 54 6.20 0.25 -1.23
C ILE A 54 7.03 -0.11 -2.46
N ASP A 55 7.62 0.89 -3.09
CA ASP A 55 8.41 0.66 -4.28
C ASP A 55 9.56 -0.30 -3.97
N LEU A 56 10.17 -0.11 -2.81
CA LEU A 56 11.28 -0.96 -2.42
C LEU A 56 10.83 -2.41 -2.26
N TYR A 57 9.65 -2.61 -1.66
CA TYR A 57 9.13 -3.96 -1.45
C TYR A 57 8.46 -4.48 -2.72
N GLU A 58 7.44 -3.78 -3.19
CA GLU A 58 6.71 -4.20 -4.37
C GLU A 58 7.69 -4.66 -5.45
N GLU A 59 8.93 -4.20 -5.37
CA GLU A 59 9.93 -4.56 -6.37
C GLU A 59 10.55 -5.93 -6.05
N SER A 60 10.83 -6.16 -4.77
CA SER A 60 11.44 -7.42 -4.33
C SER A 60 10.37 -8.46 -3.94
N GLN A 61 9.15 -7.99 -3.68
CA GLN A 61 8.05 -8.89 -3.27
C GLN A 61 7.63 -9.83 -4.40
N PRO A 62 7.51 -9.33 -5.61
CA PRO A 62 7.10 -10.13 -6.78
C PRO A 62 8.28 -10.47 -7.69
N SER A 63 8.84 -11.64 -7.43
CA SER A 63 9.95 -12.15 -8.19
C SER A 63 9.53 -12.42 -9.63
N SER A 64 8.22 -12.55 -9.84
CA SER A 64 7.67 -12.81 -11.17
C SER A 64 7.47 -11.51 -11.93
N GLU A 65 8.17 -10.46 -11.50
CA GLU A 65 8.06 -9.16 -12.15
C GLU A 65 6.60 -8.70 -12.19
N ARG A 66 5.87 -9.05 -11.14
CA ARG A 66 4.46 -8.68 -11.04
C ARG A 66 4.29 -7.24 -10.57
N LEU A 67 5.36 -6.64 -10.07
CA LEU A 67 5.31 -5.27 -9.57
C LEU A 67 4.45 -4.40 -10.48
N ASN A 68 4.27 -4.84 -11.71
CA ASN A 68 3.47 -4.10 -12.67
C ASN A 68 2.05 -3.91 -12.11
N ALA A 69 1.50 -4.97 -11.53
CA ALA A 69 0.16 -4.92 -10.96
C ALA A 69 0.17 -4.03 -9.72
N PHE A 70 1.24 -4.14 -8.93
CA PHE A 70 1.36 -3.35 -7.71
C PHE A 70 1.51 -1.86 -8.05
N ARG A 71 2.04 -1.59 -9.24
CA ARG A 71 2.23 -0.21 -9.67
C ARG A 71 0.96 0.60 -9.42
N GLU A 72 -0.17 -0.09 -9.43
CA GLU A 72 -1.45 0.56 -9.18
C GLU A 72 -1.50 1.08 -7.75
N LEU A 73 -0.86 0.35 -6.84
CA LEU A 73 -0.84 0.74 -5.44
C LEU A 73 -0.16 2.09 -5.30
N ARG A 74 0.98 2.25 -5.98
CA ARG A 74 1.71 3.50 -5.93
C ARG A 74 0.84 4.64 -6.42
N THR A 75 -0.03 4.34 -7.36
CA THR A 75 -0.92 5.34 -7.91
C THR A 75 -1.80 5.93 -6.80
N GLN A 76 -2.33 5.07 -5.95
CA GLN A 76 -3.18 5.53 -4.86
C GLN A 76 -2.39 6.50 -3.96
N LEU A 77 -1.18 6.10 -3.59
CA LEU A 77 -0.34 6.94 -2.75
C LEU A 77 0.00 8.24 -3.47
N GLU A 78 0.30 8.14 -4.76
CA GLU A 78 0.62 9.30 -5.56
C GLU A 78 -0.61 10.20 -5.72
N LYS A 79 -1.77 9.57 -5.93
CA LYS A 79 -3.01 10.30 -6.08
C LYS A 79 -3.35 11.01 -4.78
N ALA A 80 -3.18 10.30 -3.67
CA ALA A 80 -3.47 10.88 -2.38
C ALA A 80 -2.55 12.06 -2.12
N LEU A 81 -1.38 12.04 -2.75
CA LEU A 81 -0.41 13.12 -2.58
C LEU A 81 -0.99 14.43 -3.09
N GLY A 82 -1.72 14.36 -4.19
CA GLY A 82 -2.33 15.56 -4.76
C GLY A 82 -3.36 16.15 -3.80
N LEU A 83 -3.41 15.60 -2.60
CA LEU A 83 -4.34 16.07 -1.58
C LEU A 83 -5.78 15.95 -2.07
N GLU A 84 -6.10 14.79 -2.66
CA GLU A 84 -7.44 14.56 -3.18
C GLU A 84 -8.44 14.52 -2.02
N HIS A 85 -9.56 15.22 -2.19
CA HIS A 85 -10.58 15.26 -1.16
C HIS A 85 -10.01 15.80 0.14
N HIS A 86 -9.75 17.11 0.19
CA HIS A 86 -9.20 17.75 1.38
C HIS A 86 -9.69 19.19 1.48
N HIS A 87 -9.33 19.85 2.57
CA HIS A 87 -9.75 21.24 2.80
C HIS A 87 -9.02 22.17 1.82
N HIS A 88 -9.61 23.34 1.58
CA HIS A 88 -9.02 24.31 0.68
C HIS A 88 -7.79 24.97 1.32
N HIS A 89 -7.64 24.74 2.62
CA HIS A 89 -6.51 25.31 3.36
C HIS A 89 -5.20 24.63 2.97
N HIS A 90 -4.19 25.44 2.66
CA HIS A 90 -2.89 24.91 2.27
C HIS A 90 -3.04 23.88 1.15
N MET A 1 -10.03 -2.98 -4.76
CA MET A 1 -8.75 -3.52 -5.31
C MET A 1 -7.76 -2.37 -5.48
N GLY A 2 -8.26 -1.24 -5.97
CA GLY A 2 -7.40 -0.08 -6.18
C GLY A 2 -6.82 0.42 -4.86
N VAL A 3 -7.59 1.22 -4.13
CA VAL A 3 -7.15 1.75 -2.85
C VAL A 3 -6.97 0.62 -1.85
N TRP A 4 -7.87 -0.36 -1.91
CA TRP A 4 -7.81 -1.50 -0.99
C TRP A 4 -6.99 -2.64 -1.60
N THR A 5 -6.26 -3.34 -0.74
CA THR A 5 -5.44 -4.46 -1.18
C THR A 5 -5.01 -5.31 0.02
N PRO A 6 -5.94 -5.60 0.90
CA PRO A 6 -5.67 -6.42 2.13
C PRO A 6 -5.25 -7.84 1.77
N GLU A 7 -4.99 -8.65 2.78
CA GLU A 7 -4.59 -10.03 2.57
C GLU A 7 -5.46 -10.68 1.51
N VAL A 8 -6.60 -10.06 1.22
CA VAL A 8 -7.51 -10.59 0.21
C VAL A 8 -6.75 -10.84 -1.08
N LEU A 9 -5.87 -9.92 -1.44
CA LEU A 9 -5.09 -10.07 -2.67
C LEU A 9 -4.28 -11.36 -2.60
N LYS A 10 -3.60 -11.56 -1.48
CA LYS A 10 -2.80 -12.77 -1.30
C LYS A 10 -3.69 -13.99 -1.21
N ALA A 11 -4.81 -13.83 -0.52
CA ALA A 11 -5.75 -14.94 -0.35
C ALA A 11 -6.24 -15.40 -1.71
N ARG A 12 -6.37 -14.46 -2.63
CA ARG A 12 -6.83 -14.79 -3.98
C ARG A 12 -5.67 -15.28 -4.85
N ALA A 13 -4.61 -14.48 -4.89
CA ALA A 13 -3.45 -14.84 -5.68
C ALA A 13 -2.79 -16.11 -5.12
N SER A 14 -2.64 -16.14 -3.80
CA SER A 14 -2.03 -17.29 -3.13
C SER A 14 -3.09 -18.30 -2.75
N VAL A 15 -4.34 -18.00 -3.11
CA VAL A 15 -5.46 -18.90 -2.79
C VAL A 15 -5.67 -18.97 -1.29
N ILE A 16 -4.65 -19.43 -0.56
CA ILE A 16 -4.73 -19.54 0.89
C ILE A 16 -3.78 -18.54 1.56
N GLY A 17 -4.35 -17.64 2.35
CA GLY A 17 -3.57 -16.63 3.04
C GLY A 17 -2.63 -17.29 4.05
N LYS A 18 -1.42 -16.74 4.15
CA LYS A 18 -0.42 -17.28 5.08
C LYS A 18 0.82 -16.41 5.08
N PRO A 19 0.64 -15.12 5.24
CA PRO A 19 1.77 -14.15 5.27
C PRO A 19 2.72 -14.42 6.43
N ILE A 20 4.01 -14.29 6.16
CA ILE A 20 5.03 -14.51 7.19
C ILE A 20 5.30 -13.21 7.97
N GLY A 21 5.37 -13.32 9.29
CA GLY A 21 5.62 -12.15 10.11
C GLY A 21 7.05 -11.68 9.96
N GLU A 22 7.24 -10.53 9.31
CA GLU A 22 8.57 -9.99 9.11
C GLU A 22 8.49 -8.61 8.44
N SER A 23 9.47 -8.32 7.58
CA SER A 23 9.50 -7.05 6.87
C SER A 23 8.46 -7.04 5.75
N TYR A 24 8.28 -8.20 5.11
CA TYR A 24 7.32 -8.31 4.02
C TYR A 24 5.90 -8.06 4.53
N LYS A 25 5.67 -8.35 5.80
CA LYS A 25 4.36 -8.15 6.40
C LYS A 25 4.16 -6.67 6.75
N ARG A 26 5.23 -5.90 6.65
CA ARG A 26 5.16 -4.48 6.97
C ARG A 26 4.20 -3.78 6.03
N ILE A 27 4.29 -4.10 4.75
CA ILE A 27 3.43 -3.48 3.77
C ILE A 27 1.97 -3.87 4.04
N LEU A 28 1.76 -5.14 4.34
CA LEU A 28 0.42 -5.64 4.62
C LEU A 28 -0.15 -4.97 5.85
N ALA A 29 0.68 -4.85 6.89
CA ALA A 29 0.25 -4.22 8.12
C ALA A 29 0.01 -2.74 7.92
N LYS A 30 0.86 -2.12 7.10
CA LYS A 30 0.75 -0.70 6.82
C LYS A 30 -0.57 -0.40 6.12
N LEU A 31 -1.03 -1.35 5.33
CA LEU A 31 -2.27 -1.18 4.58
C LEU A 31 -3.42 -0.94 5.55
N GLN A 32 -3.37 -1.60 6.70
CA GLN A 32 -4.43 -1.47 7.70
C GLN A 32 -4.69 0.00 7.99
N ARG A 33 -3.62 0.78 8.14
CA ARG A 33 -3.76 2.21 8.41
C ARG A 33 -4.43 2.91 7.24
N ILE A 34 -4.07 2.51 6.03
CA ILE A 34 -4.64 3.10 4.83
C ILE A 34 -6.15 2.87 4.80
N HIS A 35 -6.57 1.67 5.16
CA HIS A 35 -7.99 1.33 5.16
C HIS A 35 -8.79 2.31 6.01
N ASN A 36 -8.41 2.41 7.29
CA ASN A 36 -9.10 3.33 8.20
C ASN A 36 -8.65 4.77 7.99
N SER A 37 -7.33 4.96 7.90
CA SER A 37 -6.76 6.29 7.70
C SER A 37 -6.82 6.69 6.24
N ASN A 38 -7.68 6.02 5.47
CA ASN A 38 -7.81 6.31 4.05
C ASN A 38 -7.85 7.82 3.82
N ILE A 39 -6.89 8.30 3.04
CA ILE A 39 -6.80 9.73 2.74
C ILE A 39 -6.86 10.55 4.01
N LEU A 40 -5.80 10.47 4.82
CA LEU A 40 -5.74 11.21 6.09
C LEU A 40 -4.56 12.17 6.07
N ASP A 41 -4.72 13.30 6.76
CA ASP A 41 -3.65 14.29 6.81
C ASP A 41 -2.32 13.65 7.18
N GLU A 42 -2.35 12.81 8.19
CA GLU A 42 -1.13 12.13 8.63
C GLU A 42 -0.72 11.05 7.65
N ARG A 43 -1.68 10.20 7.27
CA ARG A 43 -1.40 9.12 6.34
C ARG A 43 -0.95 9.67 4.99
N GLN A 44 -1.63 10.72 4.52
CA GLN A 44 -1.27 11.33 3.24
C GLN A 44 0.23 11.44 3.09
N GLY A 45 0.91 11.79 4.18
CA GLY A 45 2.35 11.91 4.16
C GLY A 45 3.01 10.55 4.06
N LEU A 46 2.37 9.55 4.66
CA LEU A 46 2.90 8.20 4.63
C LEU A 46 2.94 7.65 3.21
N MET A 47 2.00 8.10 2.39
CA MET A 47 1.92 7.62 1.02
C MET A 47 3.23 7.92 0.27
N HIS A 48 3.79 9.09 0.52
CA HIS A 48 5.04 9.46 -0.15
C HIS A 48 6.17 8.51 0.23
N GLU A 49 6.35 8.31 1.53
CA GLU A 49 7.40 7.42 2.01
C GLU A 49 7.07 5.96 1.71
N LEU A 50 5.80 5.63 1.84
CA LEU A 50 5.35 4.27 1.60
C LEU A 50 5.62 3.88 0.15
N MET A 51 5.40 4.83 -0.76
CA MET A 51 5.61 4.57 -2.17
C MET A 51 7.01 4.01 -2.42
N GLU A 52 8.00 4.63 -1.77
CA GLU A 52 9.37 4.17 -1.94
C GLU A 52 9.57 2.82 -1.26
N LEU A 53 9.01 2.67 -0.07
CA LEU A 53 9.14 1.43 0.67
C LEU A 53 8.53 0.27 -0.11
N ILE A 54 7.41 0.54 -0.76
CA ILE A 54 6.75 -0.50 -1.54
C ILE A 54 7.63 -0.99 -2.67
N ASP A 55 8.25 -0.07 -3.39
CA ASP A 55 9.10 -0.42 -4.51
C ASP A 55 10.28 -1.26 -4.04
N LEU A 56 10.95 -0.79 -3.00
CA LEU A 56 12.10 -1.50 -2.46
C LEU A 56 11.69 -2.87 -1.92
N TYR A 57 10.57 -2.91 -1.23
CA TYR A 57 10.09 -4.15 -0.67
C TYR A 57 9.59 -5.07 -1.78
N GLU A 58 8.89 -4.50 -2.74
CA GLU A 58 8.36 -5.26 -3.85
C GLU A 58 9.48 -5.71 -4.79
N GLU A 59 10.59 -5.00 -4.74
CA GLU A 59 11.74 -5.33 -5.59
C GLU A 59 12.65 -6.34 -4.89
N SER A 60 12.45 -6.51 -3.58
CA SER A 60 13.30 -7.41 -2.82
C SER A 60 13.29 -8.83 -3.40
N GLN A 61 12.10 -9.44 -3.45
CA GLN A 61 11.95 -10.80 -3.99
C GLN A 61 11.18 -10.80 -5.30
N PRO A 62 10.12 -10.05 -5.37
CA PRO A 62 9.28 -9.97 -6.59
C PRO A 62 9.62 -8.77 -7.45
N SER A 63 10.75 -8.88 -8.14
CA SER A 63 11.21 -7.82 -9.02
C SER A 63 10.34 -7.75 -10.26
N SER A 64 10.00 -8.91 -10.83
CA SER A 64 9.16 -8.97 -12.04
C SER A 64 7.87 -9.73 -11.76
N GLU A 65 7.66 -10.09 -10.50
CA GLU A 65 6.46 -10.84 -10.12
C GLU A 65 5.31 -9.90 -9.78
N ARG A 66 5.21 -9.56 -8.50
CA ARG A 66 4.15 -8.68 -8.04
C ARG A 66 4.34 -7.27 -8.58
N LEU A 67 5.52 -6.99 -9.10
CA LEU A 67 5.80 -5.67 -9.64
C LEU A 67 4.65 -5.21 -10.53
N ASN A 68 3.98 -6.17 -11.16
CA ASN A 68 2.85 -5.85 -12.04
C ASN A 68 1.69 -5.27 -11.23
N ALA A 69 1.46 -5.85 -10.05
CA ALA A 69 0.37 -5.39 -9.18
C ALA A 69 0.81 -4.19 -8.36
N PHE A 70 2.13 -4.00 -8.25
CA PHE A 70 2.65 -2.88 -7.48
C PHE A 70 2.13 -1.57 -8.05
N ARG A 71 2.17 -1.44 -9.37
CA ARG A 71 1.73 -0.22 -10.01
C ARG A 71 0.28 0.04 -9.67
N GLU A 72 -0.51 -1.03 -9.56
CA GLU A 72 -1.91 -0.89 -9.23
C GLU A 72 -2.05 -0.20 -7.88
N LEU A 73 -1.32 -0.70 -6.89
CA LEU A 73 -1.36 -0.12 -5.56
C LEU A 73 -0.73 1.27 -5.58
N ARG A 74 0.33 1.40 -6.36
CA ARG A 74 1.04 2.68 -6.46
C ARG A 74 0.07 3.78 -6.83
N THR A 75 -0.81 3.52 -7.78
CA THR A 75 -1.78 4.51 -8.21
C THR A 75 -2.39 5.21 -7.00
N GLN A 76 -2.65 4.42 -5.95
CA GLN A 76 -3.24 4.96 -4.74
C GLN A 76 -2.27 5.89 -4.05
N LEU A 77 -1.04 5.42 -3.87
CA LEU A 77 -0.02 6.21 -3.22
C LEU A 77 0.27 7.45 -4.03
N GLU A 78 0.35 7.29 -5.34
CA GLU A 78 0.62 8.41 -6.22
C GLU A 78 -0.57 9.37 -6.27
N LYS A 79 -1.77 8.80 -6.38
CA LYS A 79 -2.98 9.61 -6.41
C LYS A 79 -3.18 10.34 -5.10
N ALA A 80 -3.02 9.61 -4.01
CA ALA A 80 -3.19 10.19 -2.70
C ALA A 80 -2.13 11.26 -2.46
N LEU A 81 -1.03 11.15 -3.18
CA LEU A 81 0.05 12.11 -3.05
C LEU A 81 -0.41 13.50 -3.47
N GLY A 82 -1.58 13.55 -4.09
CA GLY A 82 -2.12 14.82 -4.55
C GLY A 82 -2.40 15.73 -3.37
N LEU A 83 -2.53 15.15 -2.19
CA LEU A 83 -2.78 15.91 -0.98
C LEU A 83 -4.03 16.77 -1.14
N GLU A 84 -5.08 16.16 -1.66
CA GLU A 84 -6.33 16.88 -1.87
C GLU A 84 -6.89 17.33 -0.52
N HIS A 85 -7.09 18.64 -0.38
CA HIS A 85 -7.62 19.19 0.87
C HIS A 85 -9.13 18.96 0.95
N HIS A 86 -9.59 18.52 2.11
CA HIS A 86 -11.01 18.26 2.33
C HIS A 86 -11.54 19.08 3.50
N HIS A 87 -10.68 19.34 4.48
CA HIS A 87 -11.07 20.13 5.65
C HIS A 87 -11.00 21.62 5.35
N HIS A 88 -10.21 22.34 6.15
CA HIS A 88 -10.06 23.78 5.97
C HIS A 88 -8.73 24.28 6.52
N HIS A 89 -8.38 25.51 6.17
CA HIS A 89 -7.13 26.11 6.62
C HIS A 89 -7.25 26.65 8.04
N HIS A 90 -6.23 26.38 8.87
CA HIS A 90 -6.24 26.86 10.25
C HIS A 90 -4.85 26.75 10.87
N MET A 1 -10.25 -3.70 -6.22
CA MET A 1 -9.62 -2.35 -6.38
C MET A 1 -10.26 -1.38 -5.41
N GLY A 2 -9.51 -1.00 -4.39
CA GLY A 2 -10.01 -0.06 -3.39
C GLY A 2 -8.93 0.30 -2.38
N VAL A 3 -9.28 1.12 -1.40
CA VAL A 3 -8.32 1.54 -0.39
C VAL A 3 -7.86 0.34 0.44
N TRP A 4 -8.82 -0.50 0.84
CA TRP A 4 -8.52 -1.68 1.63
C TRP A 4 -7.99 -2.81 0.75
N THR A 5 -6.90 -3.42 1.19
CA THR A 5 -6.29 -4.52 0.45
C THR A 5 -5.21 -5.18 1.28
N PRO A 6 -5.50 -5.44 2.54
CA PRO A 6 -4.55 -6.10 3.48
C PRO A 6 -4.20 -7.51 3.03
N GLU A 7 -3.41 -8.21 3.84
CA GLU A 7 -3.01 -9.58 3.51
C GLU A 7 -4.20 -10.36 2.94
N VAL A 8 -5.40 -9.85 3.20
CA VAL A 8 -6.61 -10.51 2.71
C VAL A 8 -6.55 -10.61 1.18
N LEU A 9 -6.26 -9.50 0.53
CA LEU A 9 -6.17 -9.48 -0.92
C LEU A 9 -5.00 -10.35 -1.37
N LYS A 10 -3.89 -10.24 -0.65
CA LYS A 10 -2.70 -11.02 -0.98
C LYS A 10 -3.03 -12.51 -0.97
N ALA A 11 -3.79 -12.93 0.03
CA ALA A 11 -4.17 -14.32 0.13
C ALA A 11 -4.99 -14.74 -1.09
N ARG A 12 -5.92 -13.87 -1.49
CA ARG A 12 -6.75 -14.15 -2.66
C ARG A 12 -5.90 -14.19 -3.92
N ALA A 13 -4.98 -13.24 -4.03
CA ALA A 13 -4.11 -13.17 -5.19
C ALA A 13 -3.14 -14.35 -5.18
N SER A 14 -2.63 -14.67 -3.99
CA SER A 14 -1.70 -15.77 -3.84
C SER A 14 -2.46 -17.09 -3.69
N VAL A 15 -3.78 -16.99 -3.65
CA VAL A 15 -4.63 -18.17 -3.51
C VAL A 15 -4.33 -18.90 -2.21
N ILE A 16 -3.15 -19.53 -2.14
CA ILE A 16 -2.74 -20.28 -0.95
C ILE A 16 -1.80 -19.43 -0.10
N GLY A 17 -2.15 -19.28 1.18
CA GLY A 17 -1.34 -18.50 2.10
C GLY A 17 0.05 -19.09 2.21
N LYS A 18 1.04 -18.24 2.50
CA LYS A 18 2.42 -18.70 2.63
C LYS A 18 3.04 -18.15 3.92
N PRO A 19 4.12 -18.75 4.37
CA PRO A 19 4.83 -18.30 5.60
C PRO A 19 5.24 -16.83 5.51
N ILE A 20 5.22 -16.15 6.65
CA ILE A 20 5.60 -14.75 6.70
C ILE A 20 7.01 -14.56 6.14
N GLY A 21 7.16 -13.61 5.24
CA GLY A 21 8.46 -13.33 4.63
C GLY A 21 9.25 -12.33 5.47
N GLU A 22 10.32 -12.79 6.11
CA GLU A 22 11.15 -11.92 6.93
C GLU A 22 10.29 -10.99 7.77
N SER A 23 10.92 -10.00 8.38
CA SER A 23 10.20 -9.05 9.21
C SER A 23 9.52 -8.00 8.35
N TYR A 24 9.98 -7.87 7.11
CA TYR A 24 9.40 -6.90 6.19
C TYR A 24 7.88 -7.04 6.14
N LYS A 25 7.39 -8.12 6.74
CA LYS A 25 5.94 -8.36 6.75
C LYS A 25 5.21 -7.18 7.38
N ARG A 26 5.98 -6.24 7.93
CA ARG A 26 5.42 -5.06 8.55
C ARG A 26 4.68 -4.22 7.53
N ILE A 27 5.19 -4.20 6.30
CA ILE A 27 4.57 -3.42 5.25
C ILE A 27 3.15 -3.88 5.02
N LEU A 28 2.95 -5.19 4.93
CA LEU A 28 1.64 -5.74 4.71
C LEU A 28 0.72 -5.41 5.89
N ALA A 29 1.26 -5.53 7.09
CA ALA A 29 0.48 -5.24 8.30
C ALA A 29 0.22 -3.74 8.40
N LYS A 30 1.02 -2.96 7.69
CA LYS A 30 0.87 -1.52 7.70
C LYS A 30 -0.48 -1.11 7.15
N LEU A 31 -1.00 -1.93 6.24
CA LEU A 31 -2.29 -1.65 5.63
C LEU A 31 -3.37 -1.58 6.70
N GLN A 32 -3.30 -2.48 7.67
CA GLN A 32 -4.28 -2.50 8.74
C GLN A 32 -4.30 -1.16 9.47
N ARG A 33 -3.12 -0.63 9.76
CA ARG A 33 -3.01 0.65 10.44
C ARG A 33 -3.48 1.78 9.54
N ILE A 34 -3.07 1.71 8.27
CA ILE A 34 -3.45 2.73 7.30
C ILE A 34 -4.97 2.75 7.11
N HIS A 35 -5.55 1.56 7.01
CA HIS A 35 -6.99 1.46 6.82
C HIS A 35 -7.72 2.14 7.96
N ASN A 36 -7.27 1.88 9.19
CA ASN A 36 -7.90 2.48 10.36
C ASN A 36 -7.68 3.98 10.38
N SER A 37 -6.48 4.42 10.02
CA SER A 37 -6.14 5.83 9.99
C SER A 37 -6.23 6.38 8.56
N ASN A 38 -6.94 5.67 7.71
CA ASN A 38 -7.08 6.08 6.31
C ASN A 38 -7.35 7.58 6.23
N ILE A 39 -6.46 8.29 5.54
CA ILE A 39 -6.59 9.73 5.38
C ILE A 39 -6.53 10.42 6.73
N LEU A 40 -5.39 10.33 7.40
CA LEU A 40 -5.21 10.95 8.71
C LEU A 40 -4.04 11.94 8.68
N ASP A 41 -4.21 13.06 9.36
CA ASP A 41 -3.17 14.09 9.39
C ASP A 41 -1.88 13.54 10.00
N GLU A 42 -2.00 12.71 11.01
CA GLU A 42 -0.85 12.13 11.67
C GLU A 42 -0.13 11.13 10.74
N ARG A 43 -0.88 10.17 10.23
CA ARG A 43 -0.31 9.15 9.34
C ARG A 43 -0.13 9.70 7.94
N GLN A 44 -0.78 10.80 7.64
CA GLN A 44 -0.67 11.41 6.32
C GLN A 44 0.78 11.36 5.83
N GLY A 45 1.72 11.52 6.75
CA GLY A 45 3.12 11.49 6.41
C GLY A 45 3.55 10.09 6.02
N LEU A 46 2.96 9.10 6.69
CA LEU A 46 3.28 7.72 6.40
C LEU A 46 2.92 7.36 4.96
N MET A 47 1.85 7.96 4.47
CA MET A 47 1.41 7.68 3.12
C MET A 47 2.50 8.06 2.11
N HIS A 48 3.18 9.18 2.37
CA HIS A 48 4.24 9.62 1.47
C HIS A 48 5.43 8.67 1.53
N GLU A 49 5.83 8.32 2.75
CA GLU A 49 6.97 7.40 2.93
C GLU A 49 6.57 5.99 2.50
N LEU A 50 5.34 5.63 2.79
CA LEU A 50 4.84 4.31 2.43
C LEU A 50 4.84 4.14 0.92
N MET A 51 4.46 5.20 0.21
CA MET A 51 4.41 5.16 -1.24
C MET A 51 5.74 4.69 -1.81
N GLU A 52 6.82 5.27 -1.32
CA GLU A 52 8.15 4.90 -1.79
C GLU A 52 8.49 3.49 -1.33
N LEU A 53 8.10 3.16 -0.11
CA LEU A 53 8.40 1.84 0.43
C LEU A 53 7.71 0.76 -0.40
N ILE A 54 6.47 1.01 -0.77
CA ILE A 54 5.71 0.05 -1.56
C ILE A 54 6.37 -0.16 -2.92
N ASP A 55 6.81 0.93 -3.52
CA ASP A 55 7.45 0.87 -4.82
C ASP A 55 8.72 0.04 -4.75
N LEU A 56 9.37 0.09 -3.59
CA LEU A 56 10.60 -0.67 -3.40
C LEU A 56 10.30 -2.09 -2.98
N TYR A 57 9.09 -2.31 -2.47
CA TYR A 57 8.67 -3.64 -2.03
C TYR A 57 8.07 -4.43 -3.19
N GLU A 58 7.21 -3.77 -3.97
CA GLU A 58 6.56 -4.43 -5.09
C GLU A 58 7.60 -5.07 -6.01
N GLU A 59 8.81 -4.54 -5.99
CA GLU A 59 9.89 -5.06 -6.81
C GLU A 59 10.67 -6.13 -6.05
N SER A 60 10.44 -6.22 -4.74
CA SER A 60 11.17 -7.18 -3.93
C SER A 60 10.93 -8.61 -4.38
N GLN A 61 9.67 -9.04 -4.36
CA GLN A 61 9.29 -10.40 -4.76
C GLN A 61 8.53 -10.41 -6.08
N PRO A 62 7.60 -9.50 -6.25
CA PRO A 62 6.78 -9.44 -7.48
C PRO A 62 7.30 -8.42 -8.48
N SER A 63 8.54 -8.65 -8.92
CA SER A 63 9.18 -7.79 -9.91
C SER A 63 8.84 -8.28 -11.31
N SER A 64 8.08 -9.37 -11.39
CA SER A 64 7.69 -9.94 -12.68
C SER A 64 6.62 -9.10 -13.35
N GLU A 65 6.61 -7.81 -13.04
CA GLU A 65 5.64 -6.88 -13.62
C GLU A 65 4.30 -7.01 -12.90
N ARG A 66 4.26 -7.88 -11.90
CA ARG A 66 3.05 -8.10 -11.13
C ARG A 66 2.73 -6.88 -10.25
N LEU A 67 3.74 -6.05 -10.02
CA LEU A 67 3.55 -4.87 -9.20
C LEU A 67 2.32 -4.09 -9.67
N ASN A 68 1.90 -4.36 -10.91
CA ASN A 68 0.74 -3.68 -11.46
C ASN A 68 -0.43 -3.76 -10.47
N ALA A 69 -0.59 -4.91 -9.83
CA ALA A 69 -1.65 -5.08 -8.86
C ALA A 69 -1.36 -4.27 -7.60
N PHE A 70 -0.09 -4.24 -7.22
CA PHE A 70 0.33 -3.49 -6.04
C PHE A 70 0.32 -1.99 -6.32
N ARG A 71 0.48 -1.64 -7.59
CA ARG A 71 0.49 -0.24 -7.97
C ARG A 71 -0.84 0.41 -7.61
N GLU A 72 -1.92 -0.35 -7.75
CA GLU A 72 -3.23 0.18 -7.42
C GLU A 72 -3.20 0.77 -6.02
N LEU A 73 -2.63 0.02 -5.08
CA LEU A 73 -2.52 0.49 -3.71
C LEU A 73 -1.61 1.71 -3.65
N ARG A 74 -0.54 1.67 -4.43
CA ARG A 74 0.41 2.77 -4.47
C ARG A 74 -0.28 4.03 -4.95
N THR A 75 -1.19 3.87 -5.90
CA THR A 75 -1.92 5.00 -6.44
C THR A 75 -2.66 5.72 -5.33
N GLN A 76 -3.27 4.95 -4.44
CA GLN A 76 -4.00 5.54 -3.31
C GLN A 76 -3.07 6.41 -2.49
N LEU A 77 -1.87 5.92 -2.22
CA LEU A 77 -0.89 6.67 -1.44
C LEU A 77 -0.50 7.93 -2.19
N GLU A 78 -0.33 7.80 -3.50
CA GLU A 78 0.04 8.94 -4.33
C GLU A 78 -1.10 9.93 -4.41
N LYS A 79 -2.32 9.42 -4.56
CA LYS A 79 -3.49 10.27 -4.63
C LYS A 79 -3.71 10.99 -3.32
N ALA A 80 -3.59 10.24 -2.23
CA ALA A 80 -3.77 10.83 -0.91
C ALA A 80 -2.65 11.82 -0.63
N LEU A 81 -1.45 11.45 -1.01
CA LEU A 81 -0.32 12.33 -0.77
C LEU A 81 -0.48 13.61 -1.57
N GLY A 82 -0.75 13.46 -2.87
CA GLY A 82 -0.90 14.60 -3.74
C GLY A 82 -2.12 15.42 -3.34
N LEU A 83 -3.02 14.77 -2.59
CA LEU A 83 -4.22 15.43 -2.12
C LEU A 83 -5.02 15.98 -3.30
N GLU A 84 -5.13 15.17 -4.34
CA GLU A 84 -5.88 15.58 -5.52
C GLU A 84 -7.36 15.71 -5.20
N HIS A 85 -7.89 16.93 -5.33
CA HIS A 85 -9.30 17.18 -5.04
C HIS A 85 -9.77 18.43 -5.75
N HIS A 86 -10.96 18.91 -5.38
CA HIS A 86 -11.51 20.10 -6.00
C HIS A 86 -10.60 21.30 -5.80
N HIS A 87 -10.03 21.42 -4.60
CA HIS A 87 -9.13 22.52 -4.29
C HIS A 87 -7.77 22.30 -4.95
N HIS A 88 -7.17 23.38 -5.44
CA HIS A 88 -5.87 23.29 -6.09
C HIS A 88 -4.74 23.34 -5.05
N HIS A 89 -4.05 22.21 -4.90
CA HIS A 89 -2.94 22.11 -3.95
C HIS A 89 -3.21 22.90 -2.67
N HIS A 90 -2.16 23.17 -1.90
CA HIS A 90 -2.33 23.90 -0.64
C HIS A 90 -2.78 25.33 -0.92
N MET A 1 -14.53 8.41 -0.63
CA MET A 1 -13.73 7.32 -0.01
C MET A 1 -12.55 6.98 -0.93
N GLY A 2 -11.64 6.14 -0.44
CA GLY A 2 -10.48 5.75 -1.22
C GLY A 2 -9.71 4.64 -0.52
N VAL A 3 -8.62 4.21 -1.15
CA VAL A 3 -7.80 3.15 -0.58
C VAL A 3 -8.62 1.88 -0.39
N TRP A 4 -8.08 0.75 -0.87
CA TRP A 4 -8.77 -0.53 -0.75
C TRP A 4 -8.53 -1.14 0.61
N THR A 5 -9.53 -1.87 1.09
CA THR A 5 -9.44 -2.51 2.40
C THR A 5 -8.03 -3.06 2.63
N PRO A 6 -7.70 -3.36 3.86
CA PRO A 6 -6.37 -3.94 4.23
C PRO A 6 -5.99 -5.09 3.31
N GLU A 7 -4.87 -5.74 3.61
CA GLU A 7 -4.40 -6.87 2.81
C GLU A 7 -5.57 -7.74 2.35
N VAL A 8 -6.71 -7.59 3.01
CA VAL A 8 -7.90 -8.36 2.65
C VAL A 8 -8.06 -8.39 1.14
N LEU A 9 -7.55 -7.35 0.48
CA LEU A 9 -7.63 -7.29 -0.97
C LEU A 9 -6.84 -8.44 -1.58
N LYS A 10 -5.66 -8.69 -1.03
CA LYS A 10 -4.82 -9.78 -1.52
C LYS A 10 -5.51 -11.12 -1.28
N ALA A 11 -6.13 -11.26 -0.13
CA ALA A 11 -6.84 -12.49 0.21
C ALA A 11 -8.00 -12.70 -0.74
N ARG A 12 -8.62 -11.60 -1.16
CA ARG A 12 -9.75 -11.68 -2.07
C ARG A 12 -9.33 -12.33 -3.39
N ALA A 13 -8.19 -11.90 -3.92
CA ALA A 13 -7.69 -12.45 -5.18
C ALA A 13 -6.93 -13.75 -4.90
N SER A 14 -6.09 -13.71 -3.88
CA SER A 14 -5.30 -14.87 -3.50
C SER A 14 -6.20 -15.94 -2.89
N VAL A 15 -7.41 -15.54 -2.54
CA VAL A 15 -8.37 -16.46 -1.92
C VAL A 15 -7.85 -16.98 -0.59
N ILE A 16 -6.81 -17.81 -0.65
CA ILE A 16 -6.23 -18.39 0.56
C ILE A 16 -4.99 -17.61 0.96
N GLY A 17 -4.92 -17.27 2.26
CA GLY A 17 -3.78 -16.52 2.77
C GLY A 17 -2.46 -17.10 2.26
N LYS A 18 -1.47 -16.24 2.12
CA LYS A 18 -0.16 -16.69 1.64
C LYS A 18 0.95 -15.79 2.19
N PRO A 19 1.02 -15.67 3.49
CA PRO A 19 2.05 -14.83 4.17
C PRO A 19 3.47 -15.34 3.91
N ILE A 20 4.41 -14.42 3.77
CA ILE A 20 5.80 -14.79 3.52
C ILE A 20 6.53 -15.03 4.84
N GLY A 21 7.44 -16.00 4.82
CA GLY A 21 8.22 -16.34 6.00
C GLY A 21 9.09 -15.17 6.40
N GLU A 22 9.48 -15.13 7.68
CA GLU A 22 10.32 -14.05 8.21
C GLU A 22 9.50 -12.78 8.45
N SER A 23 10.11 -11.83 9.14
CA SER A 23 9.43 -10.57 9.44
C SER A 23 9.17 -9.79 8.16
N TYR A 24 9.85 -10.17 7.08
CA TYR A 24 9.68 -9.47 5.80
C TYR A 24 8.21 -9.23 5.53
N LYS A 25 7.35 -9.98 6.19
CA LYS A 25 5.92 -9.82 6.03
C LYS A 25 5.47 -8.46 6.55
N ARG A 26 6.42 -7.72 7.10
CA ARG A 26 6.13 -6.40 7.64
C ARG A 26 5.57 -5.49 6.55
N ILE A 27 5.84 -5.84 5.30
CA ILE A 27 5.36 -5.05 4.19
C ILE A 27 3.84 -4.95 4.22
N LEU A 28 3.18 -6.06 4.52
CA LEU A 28 1.72 -6.08 4.59
C LEU A 28 1.26 -5.68 5.99
N ALA A 29 2.10 -5.91 6.98
CA ALA A 29 1.75 -5.57 8.35
C ALA A 29 1.68 -4.06 8.54
N LYS A 30 2.66 -3.35 7.98
CA LYS A 30 2.70 -1.90 8.09
C LYS A 30 1.58 -1.27 7.28
N LEU A 31 1.13 -2.00 6.27
CA LEU A 31 0.05 -1.51 5.42
C LEU A 31 -1.22 -1.33 6.23
N GLN A 32 -1.48 -2.29 7.11
CA GLN A 32 -2.68 -2.24 7.95
C GLN A 32 -2.72 -0.95 8.75
N ARG A 33 -1.55 -0.52 9.24
CA ARG A 33 -1.46 0.70 10.03
C ARG A 33 -1.96 1.89 9.21
N ILE A 34 -1.68 1.86 7.92
CA ILE A 34 -2.08 2.94 7.02
C ILE A 34 -3.60 3.04 7.00
N HIS A 35 -4.27 1.90 6.95
CA HIS A 35 -5.73 1.90 6.91
C HIS A 35 -6.29 2.70 8.07
N ASN A 36 -5.84 2.41 9.29
CA ASN A 36 -6.31 3.13 10.46
C ASN A 36 -5.83 4.58 10.44
N SER A 37 -4.57 4.77 10.05
CA SER A 37 -3.97 6.10 9.98
C SER A 37 -4.15 6.69 8.59
N ASN A 38 -5.11 6.16 7.85
CA ASN A 38 -5.35 6.63 6.49
C ASN A 38 -5.36 8.16 6.44
N ILE A 39 -4.46 8.71 5.64
CA ILE A 39 -4.35 10.16 5.51
C ILE A 39 -4.21 10.82 6.88
N LEU A 40 -3.17 10.40 7.62
CA LEU A 40 -2.93 10.95 8.95
C LEU A 40 -1.68 11.82 8.94
N ASP A 41 -1.82 13.06 9.40
CA ASP A 41 -0.70 13.99 9.44
C ASP A 41 0.55 13.32 9.98
N GLU A 42 0.37 12.49 11.01
CA GLU A 42 1.49 11.79 11.60
C GLU A 42 2.04 10.74 10.63
N ARG A 43 1.15 10.12 9.87
CA ARG A 43 1.56 9.09 8.92
C ARG A 43 1.90 9.70 7.56
N GLN A 44 1.43 10.91 7.33
CA GLN A 44 1.71 11.58 6.06
C GLN A 44 3.19 11.48 5.72
N GLY A 45 4.05 11.58 6.73
CA GLY A 45 5.47 11.48 6.51
C GLY A 45 5.86 10.08 6.08
N LEU A 46 5.36 9.09 6.82
CA LEU A 46 5.66 7.70 6.52
C LEU A 46 5.07 7.33 5.15
N MET A 47 3.86 7.79 4.90
CA MET A 47 3.18 7.49 3.65
C MET A 47 4.12 7.66 2.47
N HIS A 48 4.88 8.74 2.47
CA HIS A 48 5.83 9.00 1.40
C HIS A 48 6.93 7.94 1.38
N GLU A 49 7.48 7.65 2.55
CA GLU A 49 8.54 6.65 2.66
C GLU A 49 7.98 5.25 2.43
N LEU A 50 6.67 5.12 2.65
CA LEU A 50 6.02 3.82 2.47
C LEU A 50 6.19 3.33 1.04
N MET A 51 6.07 4.25 0.09
CA MET A 51 6.22 3.90 -1.32
C MET A 51 7.63 3.37 -1.59
N GLU A 52 8.62 3.97 -0.93
CA GLU A 52 10.00 3.55 -1.11
C GLU A 52 10.20 2.11 -0.65
N LEU A 53 9.73 1.80 0.56
CA LEU A 53 9.86 0.47 1.10
C LEU A 53 9.09 -0.53 0.25
N ILE A 54 7.90 -0.13 -0.20
CA ILE A 54 7.09 -1.01 -1.02
C ILE A 54 7.80 -1.33 -2.33
N ASP A 55 8.39 -0.31 -2.95
CA ASP A 55 9.09 -0.50 -4.19
C ASP A 55 10.35 -1.31 -3.99
N LEU A 56 11.09 -0.98 -2.94
CA LEU A 56 12.33 -1.68 -2.64
C LEU A 56 12.06 -3.16 -2.34
N TYR A 57 11.04 -3.42 -1.55
CA TYR A 57 10.68 -4.79 -1.20
C TYR A 57 10.21 -5.55 -2.44
N GLU A 58 9.35 -4.91 -3.22
CA GLU A 58 8.83 -5.52 -4.43
C GLU A 58 9.89 -5.57 -5.51
N GLU A 59 10.88 -4.69 -5.40
CA GLU A 59 11.96 -4.64 -6.38
C GLU A 59 13.08 -5.60 -5.97
N SER A 60 13.05 -6.06 -4.73
CA SER A 60 14.11 -6.95 -4.24
C SER A 60 14.37 -8.11 -5.20
N GLN A 61 13.34 -8.95 -5.41
CA GLN A 61 13.45 -10.10 -6.31
C GLN A 61 12.57 -9.95 -7.53
N PRO A 62 11.38 -9.45 -7.34
CA PRO A 62 10.41 -9.25 -8.45
C PRO A 62 10.40 -7.82 -8.95
N SER A 63 11.39 -7.51 -9.80
CA SER A 63 11.50 -6.18 -10.37
C SER A 63 10.42 -5.94 -11.42
N SER A 64 10.22 -6.92 -12.29
CA SER A 64 9.20 -6.82 -13.35
C SER A 64 8.16 -7.93 -13.22
N GLU A 65 8.37 -8.81 -12.25
CA GLU A 65 7.44 -9.93 -12.05
C GLU A 65 6.08 -9.42 -11.60
N ARG A 66 5.78 -9.60 -10.32
CA ARG A 66 4.49 -9.17 -9.77
C ARG A 66 4.49 -7.66 -9.55
N LEU A 67 5.66 -7.05 -9.57
CA LEU A 67 5.75 -5.61 -9.35
C LEU A 67 4.69 -4.89 -10.16
N ASN A 68 4.35 -5.43 -11.31
CA ASN A 68 3.34 -4.82 -12.16
C ASN A 68 1.99 -4.82 -11.45
N ALA A 69 1.67 -5.92 -10.77
CA ALA A 69 0.41 -6.04 -10.05
C ALA A 69 0.42 -5.13 -8.82
N PHE A 70 1.57 -5.04 -8.17
CA PHE A 70 1.72 -4.22 -6.97
C PHE A 70 1.46 -2.76 -7.31
N ARG A 71 1.53 -2.43 -8.59
CA ARG A 71 1.30 -1.05 -9.02
C ARG A 71 0.03 -0.52 -8.38
N GLU A 72 -0.90 -1.41 -8.10
CA GLU A 72 -2.15 -1.00 -7.47
C GLU A 72 -1.84 -0.35 -6.13
N LEU A 73 -1.00 -1.01 -5.35
CA LEU A 73 -0.64 -0.49 -4.04
C LEU A 73 0.09 0.85 -4.21
N ARG A 74 0.98 0.90 -5.19
CA ARG A 74 1.72 2.12 -5.46
C ARG A 74 0.77 3.23 -5.86
N THR A 75 -0.21 2.89 -6.68
CA THR A 75 -1.19 3.87 -7.14
C THR A 75 -1.94 4.45 -5.95
N GLN A 76 -2.38 3.59 -5.05
CA GLN A 76 -3.13 4.04 -3.88
C GLN A 76 -2.31 5.07 -3.11
N LEU A 77 -1.07 4.72 -2.80
CA LEU A 77 -0.19 5.62 -2.07
C LEU A 77 0.12 6.86 -2.91
N GLU A 78 0.37 6.64 -4.19
CA GLU A 78 0.67 7.73 -5.07
C GLU A 78 -0.54 8.65 -5.19
N LYS A 79 -1.73 8.06 -5.15
CA LYS A 79 -2.96 8.83 -5.24
C LYS A 79 -3.10 9.73 -4.02
N ALA A 80 -2.82 9.17 -2.86
CA ALA A 80 -2.92 9.93 -1.63
C ALA A 80 -1.92 11.08 -1.63
N LEU A 81 -0.85 10.91 -2.40
CA LEU A 81 0.18 11.93 -2.49
C LEU A 81 -0.41 13.22 -3.04
N GLY A 82 -1.25 13.09 -4.07
CA GLY A 82 -1.88 14.24 -4.68
C GLY A 82 -2.79 14.94 -3.68
N LEU A 83 -3.17 14.22 -2.63
CA LEU A 83 -4.04 14.77 -1.61
C LEU A 83 -5.26 15.42 -2.24
N GLU A 84 -5.62 14.95 -3.43
CA GLU A 84 -6.79 15.48 -4.13
C GLU A 84 -8.06 14.88 -3.56
N HIS A 85 -8.84 15.71 -2.87
CA HIS A 85 -10.09 15.24 -2.28
C HIS A 85 -11.05 16.41 -2.04
N HIS A 86 -10.74 17.54 -2.66
CA HIS A 86 -11.57 18.74 -2.51
C HIS A 86 -12.81 18.64 -3.40
N HIS A 87 -13.87 19.34 -3.01
CA HIS A 87 -15.10 19.33 -3.79
C HIS A 87 -14.96 20.15 -5.05
N HIS A 88 -15.62 19.73 -6.12
CA HIS A 88 -15.56 20.44 -7.39
C HIS A 88 -16.01 21.88 -7.21
N HIS A 89 -17.13 22.07 -6.49
CA HIS A 89 -17.66 23.41 -6.26
C HIS A 89 -18.49 23.47 -4.98
N HIS A 90 -18.68 22.31 -4.33
CA HIS A 90 -19.49 22.26 -3.11
C HIS A 90 -20.77 23.09 -3.27
N MET A 1 -12.40 5.26 0.22
CA MET A 1 -12.14 5.88 1.55
C MET A 1 -10.92 5.23 2.19
N GLY A 2 -9.83 6.00 2.29
CA GLY A 2 -8.61 5.50 2.87
C GLY A 2 -7.98 4.44 1.98
N VAL A 3 -7.25 3.50 2.58
CA VAL A 3 -6.60 2.42 1.84
C VAL A 3 -7.02 1.07 2.38
N TRP A 4 -7.40 0.16 1.47
CA TRP A 4 -7.84 -1.18 1.85
C TRP A 4 -7.03 -2.24 1.11
N THR A 5 -6.31 -3.04 1.88
CA THR A 5 -5.51 -4.12 1.33
C THR A 5 -5.06 -5.08 2.42
N PRO A 6 -5.97 -5.45 3.30
CA PRO A 6 -5.66 -6.39 4.42
C PRO A 6 -5.39 -7.81 3.91
N GLU A 7 -5.12 -8.72 4.84
CA GLU A 7 -4.85 -10.11 4.49
C GLU A 7 -5.94 -10.63 3.55
N VAL A 8 -7.06 -9.91 3.46
CA VAL A 8 -8.15 -10.34 2.61
C VAL A 8 -7.65 -10.49 1.18
N LEU A 9 -6.93 -9.49 0.70
CA LEU A 9 -6.38 -9.55 -0.65
C LEU A 9 -5.30 -10.60 -0.71
N LYS A 10 -4.57 -10.76 0.39
CA LYS A 10 -3.49 -11.73 0.45
C LYS A 10 -4.03 -13.13 0.21
N ALA A 11 -5.12 -13.46 0.88
CA ALA A 11 -5.72 -14.77 0.73
C ALA A 11 -6.27 -14.94 -0.68
N ARG A 12 -6.90 -13.88 -1.18
CA ARG A 12 -7.46 -13.92 -2.53
C ARG A 12 -6.36 -14.01 -3.57
N ALA A 13 -5.31 -13.21 -3.39
CA ALA A 13 -4.19 -13.22 -4.31
C ALA A 13 -3.40 -14.52 -4.18
N SER A 14 -3.17 -14.92 -2.93
CA SER A 14 -2.44 -16.14 -2.67
C SER A 14 -3.36 -17.34 -2.78
N VAL A 15 -4.66 -17.08 -2.88
CA VAL A 15 -5.65 -18.15 -2.99
C VAL A 15 -5.72 -18.97 -1.71
N ILE A 16 -4.57 -19.17 -1.08
CA ILE A 16 -4.50 -19.95 0.15
C ILE A 16 -3.52 -19.31 1.14
N GLY A 17 -3.78 -19.48 2.42
CA GLY A 17 -2.91 -18.91 3.45
C GLY A 17 -1.45 -19.25 3.17
N LYS A 18 -0.61 -18.22 3.17
CA LYS A 18 0.81 -18.40 2.91
C LYS A 18 1.57 -17.10 3.16
N PRO A 19 1.51 -16.59 4.37
CA PRO A 19 2.20 -15.32 4.74
C PRO A 19 3.71 -15.46 4.68
N ILE A 20 4.38 -14.40 4.23
CA ILE A 20 5.84 -14.40 4.11
C ILE A 20 6.46 -13.95 5.43
N GLY A 21 7.77 -14.09 5.54
CA GLY A 21 8.48 -13.70 6.76
C GLY A 21 7.99 -12.35 7.26
N GLU A 22 8.10 -12.14 8.56
CA GLU A 22 7.66 -10.89 9.17
C GLU A 22 8.30 -9.70 8.50
N SER A 23 9.55 -9.88 8.05
CA SER A 23 10.26 -8.79 7.41
C SER A 23 9.51 -8.30 6.17
N TYR A 24 8.97 -9.24 5.41
CA TYR A 24 8.21 -8.90 4.21
C TYR A 24 6.77 -8.57 4.55
N LYS A 25 6.18 -9.39 5.41
CA LYS A 25 4.79 -9.17 5.82
C LYS A 25 4.68 -7.86 6.58
N ARG A 26 5.82 -7.23 6.83
CA ARG A 26 5.81 -5.97 7.55
C ARG A 26 4.98 -4.94 6.82
N ILE A 27 5.13 -4.88 5.51
CA ILE A 27 4.38 -3.92 4.73
C ILE A 27 2.90 -4.30 4.71
N LEU A 28 2.64 -5.58 4.52
CA LEU A 28 1.27 -6.07 4.48
C LEU A 28 0.59 -5.87 5.82
N ALA A 29 1.30 -6.19 6.89
CA ALA A 29 0.76 -6.03 8.24
C ALA A 29 0.59 -4.57 8.58
N LYS A 30 1.32 -3.72 7.86
CA LYS A 30 1.24 -2.28 8.09
C LYS A 30 -0.16 -1.76 7.80
N LEU A 31 -0.86 -2.46 6.93
CA LEU A 31 -2.21 -2.06 6.56
C LEU A 31 -3.11 -2.05 7.78
N GLN A 32 -2.93 -3.04 8.65
CA GLN A 32 -3.74 -3.12 9.85
C GLN A 32 -3.55 -1.86 10.69
N ARG A 33 -2.31 -1.45 10.88
CA ARG A 33 -2.02 -0.25 11.66
C ARG A 33 -2.56 0.98 10.95
N ILE A 34 -2.33 1.05 9.65
CA ILE A 34 -2.77 2.17 8.85
C ILE A 34 -4.30 2.25 8.86
N HIS A 35 -4.94 1.09 8.71
CA HIS A 35 -6.39 1.04 8.69
C HIS A 35 -6.98 1.94 9.76
N ASN A 36 -6.57 1.72 11.01
CA ASN A 36 -7.06 2.53 12.11
C ASN A 36 -6.61 3.98 11.96
N SER A 37 -5.37 4.16 11.54
CA SER A 37 -4.81 5.51 11.35
C SER A 37 -5.07 5.99 9.93
N ASN A 38 -6.05 5.37 9.27
CA ASN A 38 -6.38 5.75 7.89
C ASN A 38 -6.45 7.27 7.76
N ILE A 39 -5.62 7.81 6.87
CA ILE A 39 -5.59 9.24 6.63
C ILE A 39 -5.45 9.99 7.94
N LEU A 40 -4.39 9.68 8.68
CA LEU A 40 -4.15 10.33 9.98
C LEU A 40 -2.92 11.24 9.89
N ASP A 41 -3.08 12.47 10.34
CA ASP A 41 -1.99 13.44 10.31
C ASP A 41 -0.67 12.78 10.72
N GLU A 42 -0.73 11.91 11.72
CA GLU A 42 0.46 11.22 12.18
C GLU A 42 0.92 10.22 11.12
N ARG A 43 -0.03 9.52 10.51
CA ARG A 43 0.30 8.52 9.51
C ARG A 43 0.57 9.17 8.15
N GLN A 44 0.10 10.39 7.99
CA GLN A 44 0.29 11.11 6.74
C GLN A 44 1.78 11.19 6.41
N GLY A 45 2.61 11.36 7.44
CA GLY A 45 4.05 11.45 7.24
C GLY A 45 4.61 10.11 6.79
N LEU A 46 4.05 9.05 7.34
CA LEU A 46 4.51 7.71 7.01
C LEU A 46 4.25 7.39 5.54
N MET A 47 3.10 7.87 5.04
CA MET A 47 2.73 7.62 3.65
C MET A 47 3.92 7.84 2.73
N HIS A 48 4.71 8.87 3.03
CA HIS A 48 5.88 9.17 2.21
C HIS A 48 6.86 8.00 2.22
N GLU A 49 7.15 7.50 3.41
CA GLU A 49 8.07 6.37 3.55
C GLU A 49 7.42 5.09 3.07
N LEU A 50 6.11 5.01 3.21
CA LEU A 50 5.38 3.82 2.80
C LEU A 50 5.61 3.57 1.31
N MET A 51 5.49 4.61 0.52
CA MET A 51 5.67 4.51 -0.92
C MET A 51 7.10 4.07 -1.24
N GLU A 52 8.06 4.61 -0.49
CA GLU A 52 9.46 4.27 -0.71
C GLU A 52 9.69 2.77 -0.57
N LEU A 53 9.19 2.20 0.51
CA LEU A 53 9.34 0.76 0.74
C LEU A 53 8.63 -0.03 -0.34
N ILE A 54 7.42 0.41 -0.69
CA ILE A 54 6.66 -0.29 -1.71
C ILE A 54 7.35 -0.21 -3.06
N ASP A 55 7.86 0.97 -3.37
CA ASP A 55 8.54 1.19 -4.64
C ASP A 55 9.80 0.34 -4.71
N LEU A 56 10.42 0.12 -3.56
CA LEU A 56 11.64 -0.67 -3.50
C LEU A 56 11.32 -2.15 -3.42
N TYR A 57 10.17 -2.47 -2.84
CA TYR A 57 9.75 -3.86 -2.70
C TYR A 57 9.08 -4.37 -3.98
N GLU A 58 8.32 -3.49 -4.62
CA GLU A 58 7.61 -3.85 -5.85
C GLU A 58 8.61 -4.19 -6.96
N GLU A 59 9.73 -3.47 -6.96
CA GLU A 59 10.76 -3.66 -7.96
C GLU A 59 11.72 -4.78 -7.56
N SER A 60 11.66 -5.17 -6.29
CA SER A 60 12.57 -6.20 -5.80
C SER A 60 12.47 -7.48 -6.63
N GLN A 61 11.28 -8.10 -6.63
CA GLN A 61 11.05 -9.34 -7.39
C GLN A 61 10.09 -9.11 -8.55
N PRO A 62 9.03 -8.38 -8.32
CA PRO A 62 8.01 -8.11 -9.37
C PRO A 62 8.21 -6.76 -10.03
N SER A 63 9.24 -6.71 -10.88
CA SER A 63 9.54 -5.50 -11.62
C SER A 63 8.43 -5.17 -12.59
N SER A 64 7.96 -6.19 -13.33
CA SER A 64 6.87 -6.01 -14.29
C SER A 64 5.71 -6.95 -13.98
N GLU A 65 5.81 -7.65 -12.86
CA GLU A 65 4.76 -8.60 -12.47
C GLU A 65 3.68 -7.93 -11.62
N ARG A 66 3.77 -8.11 -10.30
CA ARG A 66 2.81 -7.53 -9.39
C ARG A 66 2.88 -6.01 -9.41
N LEU A 67 3.97 -5.48 -9.97
CA LEU A 67 4.14 -4.03 -10.02
C LEU A 67 2.83 -3.36 -10.44
N ASN A 68 2.17 -3.92 -11.44
CA ASN A 68 0.91 -3.38 -11.90
C ASN A 68 -0.13 -3.45 -10.79
N ALA A 69 -0.13 -4.55 -10.05
CA ALA A 69 -1.07 -4.73 -8.95
C ALA A 69 -0.78 -3.73 -7.84
N PHE A 70 0.51 -3.48 -7.60
CA PHE A 70 0.91 -2.55 -6.57
C PHE A 70 0.71 -1.11 -7.03
N ARG A 71 0.61 -0.94 -8.35
CA ARG A 71 0.41 0.40 -8.91
C ARG A 71 -0.86 1.01 -8.34
N GLU A 72 -1.91 0.22 -8.25
CA GLU A 72 -3.17 0.71 -7.71
C GLU A 72 -2.98 1.15 -6.28
N LEU A 73 -2.21 0.36 -5.53
CA LEU A 73 -1.94 0.69 -4.14
C LEU A 73 -1.15 1.99 -4.05
N ARG A 74 -0.18 2.14 -4.93
CA ARG A 74 0.66 3.33 -4.96
C ARG A 74 -0.18 4.53 -5.34
N THR A 75 -1.14 4.31 -6.23
CA THR A 75 -2.02 5.37 -6.67
C THR A 75 -2.79 5.95 -5.49
N GLN A 76 -3.29 5.08 -4.63
CA GLN A 76 -4.04 5.52 -3.47
C GLN A 76 -3.18 6.42 -2.59
N LEU A 77 -2.00 5.92 -2.23
CA LEU A 77 -1.07 6.69 -1.41
C LEU A 77 -0.62 7.94 -2.15
N GLU A 78 -0.34 7.77 -3.43
CA GLU A 78 0.10 8.89 -4.24
C GLU A 78 -0.99 9.95 -4.32
N LYS A 79 -2.23 9.50 -4.49
CA LYS A 79 -3.36 10.41 -4.57
C LYS A 79 -3.55 11.11 -3.23
N ALA A 80 -3.50 10.33 -2.15
CA ALA A 80 -3.67 10.89 -0.83
C ALA A 80 -2.56 11.88 -0.52
N LEU A 81 -1.34 11.51 -0.87
CA LEU A 81 -0.20 12.38 -0.64
C LEU A 81 -0.30 13.63 -1.51
N GLY A 82 -0.72 13.45 -2.75
CA GLY A 82 -0.86 14.56 -3.68
C GLY A 82 -1.93 15.53 -3.20
N LEU A 83 -2.86 15.02 -2.42
CA LEU A 83 -3.94 15.85 -1.89
C LEU A 83 -4.62 16.62 -3.00
N GLU A 84 -4.69 16.01 -4.18
CA GLU A 84 -5.32 16.64 -5.32
C GLU A 84 -6.82 16.79 -5.07
N HIS A 85 -7.33 18.01 -5.29
CA HIS A 85 -8.75 18.28 -5.08
C HIS A 85 -9.56 17.90 -6.32
N HIS A 86 -10.80 17.49 -6.11
CA HIS A 86 -11.66 17.09 -7.22
C HIS A 86 -12.21 18.33 -7.93
N HIS A 87 -11.72 19.50 -7.55
CA HIS A 87 -12.17 20.76 -8.17
C HIS A 87 -11.78 20.80 -9.64
N HIS A 88 -10.55 20.41 -9.94
CA HIS A 88 -10.08 20.42 -11.32
C HIS A 88 -8.80 19.57 -11.46
N HIS A 89 -7.66 20.22 -11.22
CA HIS A 89 -6.36 19.55 -11.30
C HIS A 89 -6.33 18.48 -12.39
N HIS A 90 -6.71 17.25 -12.04
CA HIS A 90 -6.71 16.16 -13.01
C HIS A 90 -7.83 16.35 -14.04
N MET A 1 -8.58 8.30 -4.72
CA MET A 1 -8.96 6.98 -4.13
C MET A 1 -8.26 6.81 -2.78
N GLY A 2 -7.64 7.87 -2.30
CA GLY A 2 -6.93 7.83 -1.03
C GLY A 2 -5.85 6.76 -1.05
N VAL A 3 -5.84 5.91 -0.04
CA VAL A 3 -4.85 4.84 0.04
C VAL A 3 -5.41 3.65 0.81
N TRP A 4 -6.11 2.77 0.10
CA TRP A 4 -6.70 1.59 0.73
C TRP A 4 -6.18 0.31 0.07
N THR A 5 -5.76 -0.63 0.90
CA THR A 5 -5.26 -1.91 0.42
C THR A 5 -5.11 -2.89 1.57
N PRO A 6 -6.10 -2.98 2.40
CA PRO A 6 -6.11 -3.91 3.58
C PRO A 6 -6.08 -5.37 3.15
N GLU A 7 -6.00 -6.26 4.13
CA GLU A 7 -5.97 -7.68 3.84
C GLU A 7 -7.03 -8.05 2.82
N VAL A 8 -8.02 -7.16 2.67
CA VAL A 8 -9.10 -7.41 1.72
C VAL A 8 -8.53 -7.79 0.37
N LEU A 9 -7.66 -6.95 -0.17
CA LEU A 9 -7.04 -7.22 -1.45
C LEU A 9 -6.17 -8.47 -1.36
N LYS A 10 -5.48 -8.62 -0.23
CA LYS A 10 -4.60 -9.76 -0.03
C LYS A 10 -5.40 -11.05 -0.15
N ALA A 11 -6.57 -11.08 0.50
CA ALA A 11 -7.43 -12.26 0.44
C ALA A 11 -7.98 -12.43 -0.97
N ARG A 12 -8.28 -11.32 -1.61
CA ARG A 12 -8.83 -11.36 -2.96
C ARG A 12 -7.81 -11.97 -3.92
N ALA A 13 -6.56 -11.56 -3.78
CA ALA A 13 -5.50 -12.07 -4.64
C ALA A 13 -5.01 -13.41 -4.12
N SER A 14 -4.93 -13.53 -2.79
CA SER A 14 -4.49 -14.77 -2.17
C SER A 14 -5.64 -15.76 -2.08
N VAL A 15 -6.82 -15.31 -2.47
CA VAL A 15 -8.01 -16.16 -2.45
C VAL A 15 -8.24 -16.71 -1.04
N ILE A 16 -7.46 -17.71 -0.66
CA ILE A 16 -7.59 -18.33 0.66
C ILE A 16 -6.71 -17.60 1.67
N GLY A 17 -7.30 -17.28 2.83
CA GLY A 17 -6.57 -16.58 3.88
C GLY A 17 -5.42 -17.44 4.40
N LYS A 18 -4.24 -16.83 4.51
CA LYS A 18 -3.06 -17.53 4.99
C LYS A 18 -1.89 -16.58 5.17
N PRO A 19 -1.96 -15.75 6.17
CA PRO A 19 -0.89 -14.75 6.46
C PRO A 19 0.47 -15.41 6.66
N ILE A 20 1.43 -15.07 5.80
CA ILE A 20 2.76 -15.64 5.89
C ILE A 20 3.64 -14.81 6.82
N GLY A 21 4.31 -15.47 7.75
CA GLY A 21 5.18 -14.78 8.70
C GLY A 21 6.57 -14.60 8.11
N GLU A 22 6.91 -13.36 7.76
CA GLU A 22 8.22 -13.06 7.18
C GLU A 22 8.34 -11.57 6.87
N SER A 23 9.37 -11.21 6.13
CA SER A 23 9.60 -9.82 5.76
C SER A 23 8.51 -9.34 4.81
N TYR A 24 8.04 -10.24 3.95
CA TYR A 24 7.01 -9.90 2.98
C TYR A 24 5.76 -9.42 3.70
N LYS A 25 5.64 -9.78 4.97
CA LYS A 25 4.48 -9.38 5.77
C LYS A 25 4.71 -8.00 6.37
N ARG A 26 5.95 -7.52 6.28
CA ARG A 26 6.29 -6.22 6.82
C ARG A 26 5.52 -5.13 6.09
N ILE A 27 5.43 -5.25 4.77
CA ILE A 27 4.72 -4.28 3.97
C ILE A 27 3.22 -4.33 4.28
N LEU A 28 2.73 -5.53 4.52
CA LEU A 28 1.32 -5.72 4.83
C LEU A 28 1.06 -5.44 6.31
N ALA A 29 2.10 -5.56 7.11
CA ALA A 29 1.97 -5.31 8.54
C ALA A 29 1.68 -3.84 8.82
N LYS A 30 2.35 -2.97 8.09
CA LYS A 30 2.16 -1.53 8.26
C LYS A 30 0.79 -1.12 7.75
N LEU A 31 0.19 -1.97 6.93
CA LEU A 31 -1.12 -1.67 6.37
C LEU A 31 -2.08 -1.26 7.47
N GLN A 32 -2.00 -1.95 8.59
CA GLN A 32 -2.87 -1.65 9.72
C GLN A 32 -2.67 -0.20 10.15
N ARG A 33 -1.42 0.25 10.13
CA ARG A 33 -1.11 1.63 10.52
C ARG A 33 -1.76 2.61 9.54
N ILE A 34 -1.74 2.25 8.26
CA ILE A 34 -2.30 3.11 7.23
C ILE A 34 -3.80 3.30 7.47
N HIS A 35 -4.48 2.22 7.81
CA HIS A 35 -5.91 2.29 8.05
C HIS A 35 -6.23 3.36 9.08
N ASN A 36 -5.49 3.38 10.18
CA ASN A 36 -5.72 4.37 11.23
C ASN A 36 -4.98 5.66 10.92
N SER A 37 -3.82 5.55 10.29
CA SER A 37 -3.02 6.71 9.95
C SER A 37 -3.33 7.18 8.54
N ASN A 38 -4.43 6.69 7.98
CA ASN A 38 -4.83 7.06 6.62
C ASN A 38 -4.72 8.57 6.43
N ILE A 39 -3.89 8.97 5.47
CA ILE A 39 -3.70 10.40 5.19
C ILE A 39 -3.63 11.18 6.48
N LEU A 40 -2.68 10.82 7.35
CA LEU A 40 -2.52 11.49 8.64
C LEU A 40 -1.29 12.40 8.60
N ASP A 41 -1.40 13.54 9.28
CA ASP A 41 -0.29 14.50 9.32
C ASP A 41 1.02 13.77 9.64
N GLU A 42 0.94 12.75 10.47
CA GLU A 42 2.11 11.98 10.85
C GLU A 42 2.55 11.07 9.71
N ARG A 43 1.57 10.50 9.01
CA ARG A 43 1.86 9.61 7.91
C ARG A 43 2.45 10.37 6.74
N GLN A 44 2.13 11.66 6.65
CA GLN A 44 2.63 12.49 5.56
C GLN A 44 4.11 12.18 5.28
N GLY A 45 4.86 11.95 6.35
CA GLY A 45 6.27 11.64 6.22
C GLY A 45 6.46 10.21 5.72
N LEU A 46 5.68 9.29 6.27
CA LEU A 46 5.76 7.91 5.88
C LEU A 46 5.37 7.73 4.42
N MET A 47 4.34 8.44 4.02
CA MET A 47 3.84 8.35 2.65
C MET A 47 5.01 8.34 1.66
N HIS A 48 5.94 9.27 1.85
CA HIS A 48 7.09 9.37 0.96
C HIS A 48 7.97 8.13 1.09
N GLU A 49 8.20 7.70 2.32
CA GLU A 49 9.02 6.52 2.56
C GLU A 49 8.25 5.26 2.20
N LEU A 50 6.93 5.37 2.17
CA LEU A 50 6.10 4.22 1.87
C LEU A 50 6.43 3.69 0.48
N MET A 51 6.55 4.59 -0.48
CA MET A 51 6.86 4.20 -1.84
C MET A 51 8.25 3.58 -1.92
N GLU A 52 9.17 4.11 -1.12
CA GLU A 52 10.54 3.60 -1.13
C GLU A 52 10.56 2.12 -0.81
N LEU A 53 9.93 1.74 0.29
CA LEU A 53 9.89 0.34 0.69
C LEU A 53 9.15 -0.50 -0.35
N ILE A 54 8.02 0.01 -0.82
CA ILE A 54 7.24 -0.71 -1.80
C ILE A 54 8.02 -0.87 -3.10
N ASP A 55 8.67 0.20 -3.52
CA ASP A 55 9.43 0.17 -4.75
C ASP A 55 10.70 -0.64 -4.59
N LEU A 56 11.43 -0.36 -3.52
CA LEU A 56 12.68 -1.07 -3.27
C LEU A 56 12.43 -2.55 -3.02
N TYR A 57 11.42 -2.84 -2.21
CA TYR A 57 11.08 -4.22 -1.88
C TYR A 57 10.61 -4.97 -3.12
N GLU A 58 9.70 -4.33 -3.87
CA GLU A 58 9.16 -4.95 -5.07
C GLU A 58 10.25 -5.15 -6.12
N GLU A 59 11.25 -4.29 -6.10
CA GLU A 59 12.36 -4.39 -7.04
C GLU A 59 13.36 -5.44 -6.59
N SER A 60 13.23 -5.89 -5.35
CA SER A 60 14.17 -6.87 -4.82
C SER A 60 14.15 -8.15 -5.63
N GLN A 61 13.02 -8.85 -5.59
CA GLN A 61 12.85 -10.10 -6.35
C GLN A 61 11.80 -9.95 -7.43
N PRO A 62 10.67 -9.40 -7.09
CA PRO A 62 9.55 -9.24 -8.04
C PRO A 62 9.51 -7.86 -8.67
N SER A 63 10.49 -7.63 -9.55
CA SER A 63 10.58 -6.35 -10.25
C SER A 63 9.50 -6.25 -11.32
N SER A 64 9.31 -7.35 -12.06
CA SER A 64 8.30 -7.37 -13.13
C SER A 64 7.26 -8.44 -12.85
N GLU A 65 7.11 -8.80 -11.59
CA GLU A 65 6.14 -9.84 -11.21
C GLU A 65 4.77 -9.20 -10.95
N ARG A 66 4.16 -9.58 -9.83
CA ARG A 66 2.86 -9.07 -9.45
C ARG A 66 2.91 -7.56 -9.29
N LEU A 67 4.11 -7.00 -9.22
CA LEU A 67 4.26 -5.56 -9.05
C LEU A 67 3.24 -4.83 -9.91
N ASN A 68 2.85 -5.43 -11.01
CA ASN A 68 1.88 -4.82 -11.90
C ASN A 68 0.55 -4.63 -11.18
N ALA A 69 0.16 -5.63 -10.41
CA ALA A 69 -1.09 -5.56 -9.66
C ALA A 69 -0.93 -4.60 -8.48
N PHE A 70 0.20 -4.68 -7.81
CA PHE A 70 0.47 -3.82 -6.67
C PHE A 70 0.78 -2.41 -7.14
N ARG A 71 1.11 -2.27 -8.41
CA ARG A 71 1.42 -0.97 -8.97
C ARG A 71 0.34 0.04 -8.58
N GLU A 72 -0.85 -0.48 -8.29
CA GLU A 72 -1.96 0.39 -7.89
C GLU A 72 -1.65 1.03 -6.54
N LEU A 73 -1.06 0.25 -5.66
CA LEU A 73 -0.70 0.75 -4.33
C LEU A 73 0.30 1.89 -4.47
N ARG A 74 1.27 1.71 -5.36
CA ARG A 74 2.30 2.73 -5.58
C ARG A 74 1.65 4.00 -6.09
N THR A 75 0.62 3.85 -6.93
CA THR A 75 -0.08 5.00 -7.48
C THR A 75 -0.70 5.81 -6.35
N GLN A 76 -1.32 5.12 -5.41
CA GLN A 76 -1.94 5.80 -4.27
C GLN A 76 -0.94 6.71 -3.58
N LEU A 77 0.28 6.20 -3.42
CA LEU A 77 1.33 6.98 -2.76
C LEU A 77 1.63 8.22 -3.58
N GLU A 78 1.72 8.06 -4.89
CA GLU A 78 1.98 9.17 -5.77
C GLU A 78 0.81 10.14 -5.78
N LYS A 79 -0.40 9.59 -5.76
CA LYS A 79 -1.60 10.42 -5.75
C LYS A 79 -1.70 11.18 -4.44
N ALA A 80 -1.43 10.49 -3.34
CA ALA A 80 -1.48 11.11 -2.03
C ALA A 80 -0.44 12.22 -1.94
N LEU A 81 0.62 12.09 -2.73
CA LEU A 81 1.67 13.08 -2.72
C LEU A 81 1.11 14.45 -3.13
N GLY A 82 0.27 14.44 -4.15
CA GLY A 82 -0.32 15.69 -4.63
C GLY A 82 -1.33 16.21 -3.62
N LEU A 83 -1.41 15.53 -2.48
CA LEU A 83 -2.33 15.93 -1.43
C LEU A 83 -3.76 16.00 -1.95
N GLU A 84 -3.94 15.59 -3.20
CA GLU A 84 -5.26 15.61 -3.81
C GLU A 84 -6.15 14.55 -3.18
N HIS A 85 -7.37 14.94 -2.81
CA HIS A 85 -8.31 14.01 -2.20
C HIS A 85 -9.72 14.59 -2.20
N HIS A 86 -10.61 13.98 -2.98
CA HIS A 86 -11.98 14.44 -3.06
C HIS A 86 -12.90 13.30 -3.50
N HIS A 87 -14.20 13.44 -3.21
CA HIS A 87 -15.16 12.40 -3.58
C HIS A 87 -16.53 13.00 -3.85
N HIS A 88 -17.35 12.30 -4.63
CA HIS A 88 -18.69 12.79 -4.94
C HIS A 88 -19.69 12.37 -3.88
N HIS A 89 -20.08 13.33 -3.04
CA HIS A 89 -21.02 13.08 -1.94
C HIS A 89 -22.40 12.68 -2.47
N HIS A 90 -22.88 13.35 -3.51
CA HIS A 90 -24.20 13.02 -4.05
C HIS A 90 -24.12 11.80 -4.96
#